data_5AEY
#
_entry.id   5AEY
#
_cell.length_a   1.000
_cell.length_b   1.000
_cell.length_c   1.000
_cell.angle_alpha   90.00
_cell.angle_beta   90.00
_cell.angle_gamma   90.00
#
_symmetry.space_group_name_H-M   'P 1'
#
loop_
_entity.id
_entity.type
_entity.pdbx_description
1 polymer 'PLASMID SEGREGATION PROTEIN PARM'
2 non-polymer 'PHOSPHOAMINOPHOSPHONIC ACID-ADENYLATE ESTER'
#
_entity_poly.entity_id   1
_entity_poly.type   'polypeptide(L)'
_entity_poly.pdbx_seq_one_letter_code
;MLVFIDDGSTNIKLQWQESDGTIKQHISPNSFKREWAVSFGDKKVFNYTLNGEQYSFDPISPDAVVTTNIAWQYSDVNVV
AVHHALLTSGLPVSEVDIVCTLPLTEYYDRNNQPNTENIERKKANFRKKITLNGGDTFTIKDVKVMPESIPAGYEVLQEL
DELDSLLIIDLGGTTLDISQVMGKLSGISKIYGDSSLGVSLVTSAVKDALSLARTKGSSYLADDIIIHRKDNNYLKQRIN
DENKISIVTEAMNEALRKLEQRVLNTLNEFSGYTHVMVIGGGAELICDAVKKHTQIRDERFFKTNNSQYDLVNGMYLI
;
_entity_poly.pdbx_strand_id   A,B,C,D,E
#
# COMPACT_ATOMS: atom_id res chain seq x y z
N MET A 1 17.20 55.15 -22.30
CA MET A 1 17.71 53.98 -21.53
C MET A 1 16.63 53.29 -20.69
N LEU A 2 16.75 51.97 -20.60
CA LEU A 2 16.13 51.22 -19.49
C LEU A 2 17.16 51.20 -18.34
N VAL A 3 16.78 51.78 -17.21
CA VAL A 3 17.69 51.87 -16.06
C VAL A 3 17.08 51.17 -14.87
N PHE A 4 17.95 50.55 -14.10
CA PHE A 4 17.47 49.73 -13.01
C PHE A 4 17.56 50.42 -11.68
N ILE A 5 16.38 50.57 -11.07
CA ILE A 5 16.28 51.05 -9.71
C ILE A 5 15.65 50.01 -8.78
N ASP A 6 16.52 49.42 -7.97
CA ASP A 6 16.08 48.74 -6.75
C ASP A 6 15.76 49.83 -5.76
N ASP A 7 14.49 50.16 -5.64
CA ASP A 7 14.05 51.14 -4.64
C ASP A 7 13.75 50.49 -3.28
N GLY A 8 14.79 50.39 -2.47
CA GLY A 8 14.64 49.91 -1.09
C GLY A 8 14.19 51.03 -0.19
N SER A 9 13.55 50.69 0.92
CA SER A 9 13.11 51.64 1.93
C SER A 9 14.17 52.66 2.37
N THR A 10 15.38 52.19 2.49
CA THR A 10 16.43 53.01 3.07
C THR A 10 17.42 53.50 2.07
N ASN A 11 17.73 52.67 1.07
CA ASN A 11 18.73 53.00 0.06
C ASN A 11 18.24 52.73 -1.35
N ILE A 12 18.31 53.74 -2.22
CA ILE A 12 18.01 53.50 -3.62
C ILE A 12 19.27 52.96 -4.26
N LYS A 13 19.14 51.83 -4.95
CA LYS A 13 20.26 51.26 -5.68
C LYS A 13 19.98 51.34 -7.18
N LEU A 14 20.97 51.79 -7.93
CA LEU A 14 20.87 52.00 -9.36
C LEU A 14 21.84 51.10 -10.07
N GLN A 15 21.37 50.47 -11.15
CA GLN A 15 22.26 49.88 -12.15
C GLN A 15 21.85 50.40 -13.54
N TRP A 16 22.87 50.73 -14.32
CA TRP A 16 22.66 51.46 -15.57
C TRP A 16 23.91 51.50 -16.49
N GLN A 17 23.72 51.03 -17.73
CA GLN A 17 24.79 50.83 -18.68
C GLN A 17 24.86 51.93 -19.74
N GLU A 18 25.78 52.86 -19.54
CA GLU A 18 26.08 53.88 -20.54
C GLU A 18 26.47 53.10 -21.79
N SER A 19 25.87 53.41 -22.92
CA SER A 19 26.00 52.61 -24.14
C SER A 19 27.40 52.13 -24.51
N ASP A 20 28.43 52.61 -23.80
CA ASP A 20 29.81 52.21 -24.02
C ASP A 20 30.12 50.87 -23.33
N GLY A 21 29.11 50.01 -23.16
CA GLY A 21 29.18 48.87 -22.27
C GLY A 21 29.47 49.19 -20.79
N THR A 22 29.14 50.40 -20.36
CA THR A 22 29.62 50.90 -19.09
C THR A 22 28.50 50.60 -18.15
N ILE A 23 28.55 49.56 -17.34
CA ILE A 23 27.46 49.35 -16.37
C ILE A 23 27.90 49.93 -15.03
N LYS A 24 27.07 50.82 -14.47
CA LYS A 24 27.42 51.58 -13.25
C LYS A 24 26.50 51.20 -12.10
N GLN A 25 27.05 51.14 -10.89
CA GLN A 25 26.28 50.87 -9.67
C GLN A 25 26.35 52.11 -8.83
N HIS A 26 25.19 52.68 -8.47
CA HIS A 26 25.17 53.92 -7.68
C HIS A 26 24.10 53.80 -6.59
N ILE A 27 24.49 54.12 -5.35
CA ILE A 27 23.58 53.96 -4.22
C ILE A 27 23.30 55.30 -3.60
N SER A 28 22.08 55.48 -3.07
CA SER A 28 21.69 56.74 -2.46
C SER A 28 20.82 56.52 -1.22
N PRO A 29 21.35 56.90 -0.03
CA PRO A 29 20.56 56.85 1.21
C PRO A 29 19.38 57.81 1.16
N ASN A 30 18.22 57.37 1.65
CA ASN A 30 17.02 58.22 1.70
C ASN A 30 16.91 58.86 3.04
N SER A 31 16.86 60.19 3.09
CA SER A 31 16.68 60.92 4.35
C SER A 31 16.22 62.33 4.00
N PHE A 32 14.92 62.56 4.19
CA PHE A 32 14.23 63.74 3.63
C PHE A 32 13.46 64.50 4.71
N LYS A 33 13.59 65.83 4.70
CA LYS A 33 12.88 66.68 5.63
C LYS A 33 11.80 67.46 4.87
N ARG A 34 10.64 67.65 5.49
CA ARG A 34 9.46 68.18 4.79
C ARG A 34 9.52 69.71 4.75
N GLU A 35 10.64 70.23 4.25
CA GLU A 35 10.83 71.66 4.08
C GLU A 35 12.08 71.88 3.23
N TRP A 36 12.21 73.10 2.76
CA TRP A 36 13.28 73.39 1.86
C TRP A 36 14.55 73.67 2.61
N ALA A 37 15.65 73.55 1.86
CA ALA A 37 17.02 73.79 2.35
C ALA A 37 17.36 75.27 2.23
N VAL A 38 18.29 75.71 3.05
CA VAL A 38 18.66 77.11 3.12
C VAL A 38 20.04 77.31 2.51
N SER A 39 20.14 78.26 1.59
CA SER A 39 21.29 78.35 0.68
C SER A 39 22.45 79.22 1.16
N PHE A 40 23.67 78.80 0.89
CA PHE A 40 24.76 79.73 0.66
C PHE A 40 25.48 79.23 -0.60
N GLY A 41 25.60 80.09 -1.61
CA GLY A 41 25.68 79.67 -3.01
C GLY A 41 26.98 79.03 -3.42
N ASP A 42 26.90 77.74 -3.75
CA ASP A 42 28.04 76.86 -4.06
C ASP A 42 27.47 75.43 -4.28
N LYS A 43 26.49 75.38 -5.18
CA LYS A 43 25.62 74.19 -5.40
C LYS A 43 24.92 73.61 -4.15
N LYS A 44 24.55 74.50 -3.23
CA LYS A 44 23.70 74.12 -2.10
C LYS A 44 22.24 74.22 -2.59
N VAL A 45 21.53 73.11 -2.60
CA VAL A 45 20.47 72.93 -3.57
C VAL A 45 19.84 71.55 -3.41
N PHE A 46 18.66 71.38 -3.99
CA PHE A 46 17.91 70.13 -4.14
C PHE A 46 16.66 70.16 -3.28
N ASN A 47 15.81 71.12 -3.62
CA ASN A 47 14.52 71.32 -2.96
C ASN A 47 13.39 70.90 -3.90
N TYR A 48 12.57 69.92 -3.50
CA TYR A 48 11.57 69.37 -4.43
C TYR A 48 10.15 69.61 -3.97
N THR A 49 9.27 69.81 -4.96
CA THR A 49 7.89 70.20 -4.73
C THR A 49 6.97 69.21 -5.43
N LEU A 50 6.04 68.64 -4.67
CA LEU A 50 5.13 67.66 -5.22
C LEU A 50 3.87 67.67 -4.41
N ASN A 51 2.75 67.97 -5.07
CA ASN A 51 1.42 67.82 -4.50
C ASN A 51 1.28 68.46 -3.13
N GLY A 52 1.58 69.75 -3.09
CA GLY A 52 1.38 70.58 -1.90
C GLY A 52 2.68 70.73 -1.15
N GLU A 53 2.95 69.79 -0.25
CA GLU A 53 4.17 69.78 0.57
C GLU A 53 5.43 69.88 -0.27
N GLN A 54 6.51 70.34 0.36
CA GLN A 54 7.84 70.23 -0.26
C GLN A 54 8.88 69.49 0.57
N TYR A 55 10.00 69.15 -0.06
CA TYR A 55 11.00 68.31 0.57
C TYR A 55 12.38 68.77 0.20
N SER A 56 13.32 68.44 1.08
CA SER A 56 14.72 68.53 0.74
C SER A 56 15.49 67.51 1.56
N PHE A 57 16.70 67.25 1.11
CA PHE A 57 17.53 66.24 1.69
C PHE A 57 18.03 66.70 3.07
N ASP A 58 18.01 65.83 4.06
CA ASP A 58 18.84 66.03 5.27
C ASP A 58 19.34 64.71 5.83
N PRO A 59 20.67 64.50 5.80
CA PRO A 59 21.22 63.25 6.34
C PRO A 59 21.24 63.15 7.88
N ILE A 60 21.20 64.26 8.58
CA ILE A 60 21.79 64.28 9.95
C ILE A 60 20.75 64.42 11.08
N SER A 61 19.61 65.04 10.81
CA SER A 61 18.75 65.51 11.90
C SER A 61 17.40 64.80 11.97
N PRO A 62 16.79 64.77 13.18
CA PRO A 62 15.42 64.28 13.27
C PRO A 62 14.40 65.07 12.43
N ASP A 63 13.18 64.58 12.39
CA ASP A 63 12.17 65.07 11.45
C ASP A 63 12.62 64.98 9.96
N ALA A 64 13.62 64.13 9.69
CA ALA A 64 13.66 63.46 8.40
C ALA A 64 12.70 62.27 8.53
N VAL A 65 11.79 62.11 7.59
CA VAL A 65 10.68 61.20 7.81
C VAL A 65 11.19 59.74 7.82
N VAL A 66 10.71 58.99 8.80
CA VAL A 66 11.10 57.57 8.93
C VAL A 66 10.26 56.71 8.00
N THR A 67 11.00 55.94 7.20
CA THR A 67 10.49 55.21 6.04
C THR A 67 10.45 53.69 6.25
N THR A 68 10.54 53.24 7.50
CA THR A 68 10.45 51.82 7.82
C THR A 68 9.03 51.23 7.75
N ASN A 69 8.00 52.09 7.65
CA ASN A 69 6.63 51.61 7.49
C ASN A 69 6.25 51.08 6.10
N ILE A 70 6.22 49.75 5.96
CA ILE A 70 5.37 49.04 4.96
C ILE A 70 4.92 49.77 3.67
N ALA A 71 4.13 50.83 3.83
CA ALA A 71 3.55 51.56 2.71
C ALA A 71 4.52 52.54 2.00
N TRP A 72 5.80 52.42 2.31
CA TRP A 72 6.82 53.14 1.57
C TRP A 72 6.77 52.91 0.03
N GLN A 73 6.36 51.73 -0.39
CA GLN A 73 6.26 51.45 -1.82
C GLN A 73 4.97 51.99 -2.42
N TYR A 74 4.25 52.89 -1.75
CA TYR A 74 3.30 53.76 -2.45
C TYR A 74 3.37 55.18 -1.94
N SER A 75 4.46 55.52 -1.25
CA SER A 75 4.61 56.86 -0.67
C SER A 75 4.91 57.89 -1.76
N ASP A 76 4.53 59.14 -1.52
CA ASP A 76 4.97 60.23 -2.39
C ASP A 76 6.47 60.49 -2.19
N VAL A 77 6.89 60.36 -0.93
CA VAL A 77 8.30 60.38 -0.56
C VAL A 77 9.14 59.49 -1.48
N ASN A 78 8.65 58.28 -1.75
CA ASN A 78 9.35 57.35 -2.64
C ASN A 78 9.70 58.01 -3.95
N VAL A 79 8.72 58.67 -4.57
CA VAL A 79 8.97 59.35 -5.85
C VAL A 79 10.07 60.39 -5.73
N VAL A 80 10.03 61.14 -4.64
CA VAL A 80 11.03 62.13 -4.35
C VAL A 80 12.42 61.47 -4.29
N ALA A 81 12.45 60.41 -3.50
CA ALA A 81 13.68 59.69 -3.22
C ALA A 81 14.35 59.19 -4.48
N VAL A 82 13.52 58.56 -5.32
CA VAL A 82 14.05 57.98 -6.56
C VAL A 82 14.53 59.06 -7.51
N HIS A 83 13.76 60.13 -7.67
CA HIS A 83 14.21 61.24 -8.50
C HIS A 83 15.51 61.80 -8.02
N HIS A 84 15.63 61.92 -6.69
CA HIS A 84 16.81 62.56 -6.12
C HIS A 84 18.05 61.71 -6.39
N ALA A 85 17.87 60.40 -6.23
CA ALA A 85 18.94 59.45 -6.44
C ALA A 85 19.44 59.51 -7.88
N LEU A 86 18.49 59.56 -8.82
CA LEU A 86 18.89 59.60 -10.23
C LEU A 86 19.44 60.96 -10.60
N LEU A 87 19.06 62.03 -9.89
CA LEU A 87 19.66 63.34 -10.16
C LEU A 87 21.11 63.46 -9.77
N THR A 88 21.61 62.52 -8.96
CA THR A 88 23.02 62.50 -8.57
C THR A 88 23.81 61.39 -9.27
N SER A 89 23.27 60.87 -10.37
CA SER A 89 23.88 59.78 -11.11
C SER A 89 25.09 60.19 -11.96
N GLY A 90 25.04 61.43 -12.46
CA GLY A 90 25.96 61.82 -13.53
C GLY A 90 25.43 61.33 -14.87
N LEU A 91 24.11 61.37 -15.00
CA LEU A 91 23.48 61.04 -16.25
C LEU A 91 23.00 62.29 -16.99
N PRO A 92 22.93 62.20 -18.33
CA PRO A 92 22.26 63.27 -19.08
C PRO A 92 20.76 63.33 -18.78
N VAL A 93 20.31 64.41 -18.16
CA VAL A 93 18.91 64.58 -17.85
C VAL A 93 18.08 64.32 -19.11
N SER A 94 16.98 63.58 -18.98
CA SER A 94 16.15 63.19 -20.13
C SER A 94 14.91 62.42 -19.72
N GLU A 95 14.16 62.01 -20.75
CA GLU A 95 13.20 60.95 -20.60
C GLU A 95 13.99 59.64 -20.56
N VAL A 96 13.51 58.68 -19.78
CA VAL A 96 14.13 57.37 -19.69
C VAL A 96 13.09 56.38 -19.20
N ASP A 97 13.44 55.11 -19.12
CA ASP A 97 12.49 54.07 -18.73
C ASP A 97 13.14 53.29 -17.61
N ILE A 98 12.34 52.72 -16.74
CA ILE A 98 12.92 52.07 -15.57
C ILE A 98 12.24 50.78 -15.20
N VAL A 99 12.99 49.96 -14.49
CA VAL A 99 12.42 48.85 -13.78
C VAL A 99 12.72 49.11 -12.32
N CYS A 100 11.77 48.69 -11.51
CA CYS A 100 11.84 48.87 -10.06
C CYS A 100 11.41 47.60 -9.35
N THR A 101 11.36 47.66 -8.01
CA THR A 101 11.06 46.51 -7.17
C THR A 101 9.54 46.52 -6.70
N LEU A 102 9.13 45.37 -6.21
CA LEU A 102 8.16 45.25 -5.13
C LEU A 102 8.67 44.19 -4.16
N PRO A 103 8.32 44.32 -2.87
CA PRO A 103 8.54 43.28 -1.88
C PRO A 103 7.84 42.01 -2.28
N LEU A 104 8.35 40.88 -1.79
CA LEU A 104 7.80 39.56 -2.12
C LEU A 104 6.30 39.45 -1.87
N THR A 105 5.80 39.99 -0.76
CA THR A 105 4.41 39.86 -0.36
C THR A 105 3.45 40.69 -1.19
N GLU A 106 3.99 41.66 -1.94
CA GLU A 106 3.21 42.63 -2.67
C GLU A 106 2.70 42.15 -4.01
N TYR A 107 3.54 41.38 -4.69
CA TYR A 107 3.23 40.77 -6.00
C TYR A 107 2.18 39.67 -5.93
N TYR A 108 2.10 39.00 -4.79
CA TYR A 108 1.48 37.69 -4.71
C TYR A 108 0.38 37.69 -3.65
N ASP A 109 -0.26 36.54 -3.46
CA ASP A 109 -1.56 36.48 -2.79
C ASP A 109 -1.82 35.04 -2.32
N ARG A 110 -3.08 34.58 -2.26
CA ARG A 110 -3.39 33.24 -1.76
C ARG A 110 -3.13 32.15 -2.82
N ASN A 111 -3.50 32.46 -4.05
CA ASN A 111 -3.15 31.62 -5.17
C ASN A 111 -2.05 32.27 -5.99
N ASN A 112 -0.91 32.45 -5.32
CA ASN A 112 0.43 32.67 -5.88
C ASN A 112 0.54 33.10 -7.33
N GLN A 113 -0.23 34.14 -7.65
CA GLN A 113 -0.20 34.77 -8.94
C GLN A 113 0.11 36.26 -8.74
N PRO A 114 0.67 36.90 -9.76
CA PRO A 114 0.85 38.35 -9.78
C PRO A 114 -0.37 39.17 -9.26
N ASN A 115 -0.12 40.14 -8.40
CA ASN A 115 -1.19 40.96 -7.85
C ASN A 115 -1.26 42.26 -8.67
N THR A 116 -1.75 42.08 -9.89
CA THR A 116 -1.84 43.17 -10.88
C THR A 116 -2.29 44.50 -10.30
N GLU A 117 -3.22 44.44 -9.36
CA GLU A 117 -3.66 45.66 -8.70
C GLU A 117 -2.50 46.38 -8.03
N ASN A 118 -1.79 45.68 -7.14
CA ASN A 118 -0.65 46.28 -6.46
C ASN A 118 0.49 46.61 -7.41
N ILE A 119 0.72 45.78 -8.42
CA ILE A 119 1.74 46.06 -9.43
C ILE A 119 1.44 47.39 -10.17
N GLU A 120 0.16 47.67 -10.41
CA GLU A 120 -0.20 48.83 -11.20
C GLU A 120 -0.29 50.07 -10.34
N ARG A 121 -0.73 49.93 -9.11
CA ARG A 121 -0.63 51.06 -8.17
C ARG A 121 0.81 51.57 -8.12
N LYS A 122 1.75 50.63 -8.17
CA LYS A 122 3.19 50.92 -8.14
C LYS A 122 3.61 51.78 -9.34
N LYS A 123 3.24 51.31 -10.54
CA LYS A 123 3.52 52.01 -11.80
C LYS A 123 2.97 53.41 -11.83
N ALA A 124 1.78 53.57 -11.26
CA ALA A 124 1.07 54.84 -11.28
C ALA A 124 1.76 55.90 -10.39
N ASN A 125 2.36 55.42 -9.29
CA ASN A 125 3.05 56.33 -8.38
C ASN A 125 4.12 57.13 -9.11
N PHE A 126 4.87 56.50 -10.01
CA PHE A 126 5.93 57.22 -10.74
C PHE A 126 5.42 58.07 -11.88
N ARG A 127 4.10 58.31 -11.95
CA ARG A 127 3.56 59.30 -12.88
C ARG A 127 3.44 60.66 -12.21
N LYS A 128 3.42 60.65 -10.87
CA LYS A 128 3.25 61.87 -10.09
C LYS A 128 4.20 62.95 -10.62
N LYS A 129 3.71 64.17 -10.67
CA LYS A 129 4.49 65.29 -11.16
C LYS A 129 5.28 65.95 -10.03
N ILE A 130 6.50 66.31 -10.32
CA ILE A 130 7.44 66.82 -9.31
C ILE A 130 8.28 67.93 -9.90
N THR A 131 8.53 68.98 -9.12
CA THR A 131 9.43 70.05 -9.58
C THR A 131 10.63 70.22 -8.65
N LEU A 132 11.83 70.20 -9.24
CA LEU A 132 13.01 70.82 -8.63
C LEU A 132 13.16 72.22 -9.21
N ASN A 133 13.37 73.20 -8.33
CA ASN A 133 13.52 74.65 -8.62
C ASN A 133 14.40 75.05 -9.82
N GLY A 134 15.64 75.47 -9.56
CA GLY A 134 16.53 75.93 -10.60
C GLY A 134 17.14 74.70 -11.23
N GLY A 135 16.41 74.08 -12.16
CA GLY A 135 16.88 72.89 -12.86
C GLY A 135 15.76 71.99 -13.34
N ASP A 136 16.04 71.21 -14.38
CA ASP A 136 15.08 70.22 -14.88
C ASP A 136 15.36 68.85 -14.30
N THR A 137 14.27 68.15 -14.00
CA THR A 137 14.31 66.75 -13.54
C THR A 137 14.27 65.82 -14.74
N PHE A 138 14.86 64.62 -14.59
CA PHE A 138 14.69 63.58 -15.62
C PHE A 138 13.20 63.28 -15.67
N THR A 139 12.72 62.82 -16.82
CA THR A 139 11.33 62.42 -16.95
C THR A 139 11.31 60.89 -16.97
N ILE A 140 10.44 60.29 -16.15
CA ILE A 140 10.36 58.85 -16.13
C ILE A 140 9.18 58.39 -16.99
N LYS A 141 9.52 57.75 -18.12
CA LYS A 141 8.52 57.32 -19.09
C LYS A 141 7.94 55.94 -18.72
N ASP A 142 8.51 54.85 -19.23
CA ASP A 142 7.94 53.53 -19.11
C ASP A 142 8.41 52.85 -17.83
N VAL A 143 7.47 52.24 -17.12
CA VAL A 143 7.78 51.57 -15.85
C VAL A 143 7.38 50.09 -15.84
N LYS A 144 8.30 49.22 -15.40
CA LYS A 144 7.92 47.85 -15.02
C LYS A 144 8.49 47.42 -13.69
N VAL A 145 7.91 46.35 -13.15
CA VAL A 145 8.24 45.86 -11.82
C VAL A 145 8.85 44.46 -11.86
N MET A 146 9.71 44.18 -10.89
CA MET A 146 10.20 42.83 -10.62
C MET A 146 10.04 42.54 -9.13
N PRO A 147 9.97 41.28 -8.73
CA PRO A 147 9.92 41.01 -7.27
C PRO A 147 11.30 41.13 -6.61
N GLU A 148 11.28 41.29 -5.30
CA GLU A 148 12.54 41.36 -4.49
C GLU A 148 12.99 40.03 -3.82
N SER A 149 13.40 39.08 -4.65
CA SER A 149 13.96 37.80 -4.19
C SER A 149 14.83 37.15 -5.25
N ILE A 150 14.21 36.79 -6.37
CA ILE A 150 14.80 35.94 -7.40
C ILE A 150 16.20 36.40 -7.88
N PRO A 151 16.25 37.61 -8.46
CA PRO A 151 17.34 37.88 -9.38
C PRO A 151 18.72 37.88 -8.74
N ALA A 152 18.80 38.04 -7.43
CA ALA A 152 20.10 38.01 -6.75
C ALA A 152 20.77 36.63 -6.79
N GLY A 153 19.98 35.57 -6.95
CA GLY A 153 20.56 34.25 -7.13
C GLY A 153 21.01 33.96 -8.56
N TYR A 154 20.88 34.94 -9.46
CA TYR A 154 20.87 34.62 -10.90
C TYR A 154 22.09 33.84 -11.38
N GLU A 155 23.27 34.43 -11.25
CA GLU A 155 24.48 33.75 -11.73
C GLU A 155 24.63 32.38 -11.07
N VAL A 156 24.54 32.34 -9.74
CA VAL A 156 24.76 31.08 -9.01
C VAL A 156 23.75 30.02 -9.45
N LEU A 157 22.49 30.41 -9.65
CA LEU A 157 21.45 29.46 -10.06
C LEU A 157 21.76 28.83 -11.40
N GLN A 158 22.50 29.57 -12.25
CA GLN A 158 22.81 29.09 -13.60
C GLN A 158 23.65 27.80 -13.57
N GLU A 159 24.68 27.77 -12.74
CA GLU A 159 25.62 26.68 -12.69
C GLU A 159 25.25 25.92 -11.42
N LEU A 160 24.00 25.48 -11.35
CA LEU A 160 23.55 24.67 -10.20
C LEU A 160 23.21 23.23 -10.56
N ASP A 161 22.21 23.07 -11.42
CA ASP A 161 21.75 21.80 -12.06
C ASP A 161 20.21 21.91 -12.27
N GLU A 162 19.48 20.80 -12.17
CA GLU A 162 18.02 20.82 -12.28
C GLU A 162 17.25 20.11 -11.17
N LEU A 163 17.94 19.47 -10.21
CA LEU A 163 17.26 18.69 -9.19
C LEU A 163 17.51 19.22 -7.78
N ASP A 164 18.13 20.39 -7.67
CA ASP A 164 18.55 20.92 -6.38
C ASP A 164 18.03 22.35 -6.18
N SER A 165 18.10 22.87 -4.96
CA SER A 165 17.44 24.14 -4.65
C SER A 165 18.25 25.14 -3.84
N LEU A 166 18.17 26.39 -4.25
CA LEU A 166 18.94 27.47 -3.65
C LEU A 166 18.02 28.36 -2.80
N LEU A 167 18.33 28.47 -1.53
CA LEU A 167 17.60 29.34 -0.63
C LEU A 167 18.22 30.74 -0.65
N ILE A 168 17.46 31.70 -1.16
CA ILE A 168 17.91 33.09 -1.17
C ILE A 168 17.25 33.82 0.00
N ILE A 169 18.08 34.22 0.96
CA ILE A 169 17.64 35.03 2.11
C ILE A 169 17.93 36.52 1.87
N ASP A 170 16.88 37.29 1.59
CA ASP A 170 16.98 38.75 1.46
C ASP A 170 16.57 39.47 2.73
N LEU A 171 17.53 39.99 3.50
CA LEU A 171 17.11 40.80 4.66
C LEU A 171 17.39 42.27 4.39
N GLY A 172 16.29 43.01 4.30
CA GLY A 172 16.34 44.47 4.13
C GLY A 172 15.99 45.23 5.39
N GLY A 173 15.82 46.54 5.25
CA GLY A 173 15.46 47.40 6.39
C GLY A 173 14.08 47.12 6.95
N THR A 174 13.13 46.88 6.05
CA THR A 174 11.75 46.60 6.45
C THR A 174 11.41 45.12 6.39
N THR A 175 11.89 44.40 5.36
CA THR A 175 11.31 43.11 4.99
C THR A 175 12.33 41.97 4.98
N LEU A 176 11.96 40.83 5.52
CA LEU A 176 12.68 39.57 5.33
C LEU A 176 12.00 38.80 4.20
N ASP A 177 12.69 38.68 3.08
CA ASP A 177 12.16 37.96 1.92
C ASP A 177 12.96 36.68 1.72
N ILE A 178 12.28 35.54 1.79
CA ILE A 178 12.96 34.26 1.55
C ILE A 178 12.33 33.52 0.37
N SER A 179 13.18 32.96 -0.47
CA SER A 179 12.72 32.16 -1.59
C SER A 179 13.61 30.94 -1.73
N GLN A 180 13.02 29.85 -2.17
CA GLN A 180 13.73 28.63 -2.50
C GLN A 180 13.44 28.39 -3.98
N VAL A 181 14.51 28.28 -4.75
CA VAL A 181 14.44 28.15 -6.21
C VAL A 181 15.14 26.85 -6.60
N MET A 182 14.45 25.91 -7.24
CA MET A 182 15.09 24.64 -7.61
C MET A 182 15.92 24.77 -8.88
N GLY A 183 17.24 24.58 -8.74
CA GLY A 183 18.14 24.29 -9.87
C GLY A 183 18.01 25.14 -11.13
N LYS A 184 18.68 26.27 -11.15
CA LYS A 184 18.37 27.36 -12.08
C LYS A 184 16.96 27.89 -11.81
N LEU A 185 16.57 28.94 -12.54
CA LEU A 185 15.22 29.46 -12.47
C LEU A 185 14.30 28.57 -13.32
N SER A 186 14.59 27.29 -13.31
CA SER A 186 13.76 26.26 -13.88
C SER A 186 12.49 26.03 -13.06
N GLY A 187 12.57 26.34 -11.79
CA GLY A 187 11.43 26.22 -10.87
C GLY A 187 11.62 27.02 -9.59
N ILE A 188 10.52 27.47 -8.99
CA ILE A 188 10.59 28.20 -7.73
C ILE A 188 9.62 27.54 -6.74
N SER A 189 10.17 26.83 -5.76
CA SER A 189 9.35 25.97 -4.93
C SER A 189 8.47 26.80 -4.04
N LYS A 190 9.09 27.69 -3.29
CA LYS A 190 8.37 28.37 -2.20
C LYS A 190 8.94 29.74 -1.90
N ILE A 191 8.05 30.69 -1.64
CA ILE A 191 8.43 32.06 -1.30
C ILE A 191 7.92 32.36 0.09
N TYR A 192 8.41 33.42 0.70
CA TYR A 192 7.85 33.93 1.94
C TYR A 192 8.33 35.34 2.22
N GLY A 193 7.38 36.20 2.62
CA GLY A 193 7.70 37.59 2.90
C GLY A 193 7.16 38.04 4.23
N ASP A 194 8.03 38.57 5.08
CA ASP A 194 7.67 39.00 6.41
C ASP A 194 8.05 40.48 6.56
N SER A 195 7.06 41.35 6.38
CA SER A 195 7.29 42.78 6.26
C SER A 195 7.46 43.47 7.63
N SER A 196 7.34 42.70 8.70
CA SER A 196 7.50 43.19 10.05
C SER A 196 8.88 42.80 10.60
N LEU A 197 9.62 41.98 9.85
CA LEU A 197 10.95 41.60 10.25
C LEU A 197 12.01 42.16 9.33
N GLY A 198 12.56 43.29 9.75
CA GLY A 198 13.63 43.95 9.03
C GLY A 198 14.72 44.34 10.00
N VAL A 199 15.78 44.90 9.46
CA VAL A 199 16.88 45.49 10.23
C VAL A 199 16.37 46.59 11.14
N SER A 200 15.22 47.18 10.78
CA SER A 200 14.57 48.22 11.59
C SER A 200 14.49 47.89 13.07
N LEU A 201 14.35 46.60 13.37
CA LEU A 201 14.21 46.17 14.73
C LEU A 201 15.26 46.76 15.66
N VAL A 202 16.52 46.70 15.24
CA VAL A 202 17.60 47.19 16.08
C VAL A 202 17.74 48.69 15.91
N THR A 203 17.76 49.18 14.67
CA THR A 203 17.78 50.62 14.41
C THR A 203 16.77 51.36 15.28
N SER A 204 15.50 50.92 15.26
CA SER A 204 14.46 51.53 16.07
C SER A 204 14.53 51.28 17.59
N ALA A 205 15.44 50.46 18.10
CA ALA A 205 15.83 50.58 19.51
C ALA A 205 16.97 51.61 19.65
N VAL A 206 17.99 51.46 18.82
CA VAL A 206 19.20 52.26 18.97
C VAL A 206 18.99 53.76 18.78
N LYS A 207 17.97 54.12 17.99
CA LYS A 207 17.48 55.50 17.93
C LYS A 207 17.10 56.01 19.31
N ASP A 208 16.32 55.21 20.01
CA ASP A 208 15.91 55.62 21.34
C ASP A 208 17.09 55.65 22.31
N ALA A 209 18.09 54.80 22.12
CA ALA A 209 19.26 54.76 22.99
C ALA A 209 20.11 56.00 22.79
N LEU A 210 20.24 56.38 21.52
CA LEU A 210 20.98 57.58 21.20
C LEU A 210 20.29 58.81 21.81
N SER A 211 18.96 58.85 21.83
CA SER A 211 18.27 59.96 22.49
C SER A 211 18.57 59.98 23.99
N LEU A 212 18.62 58.80 24.63
CA LEU A 212 19.04 58.71 26.04
C LEU A 212 20.45 59.27 26.19
N ALA A 213 21.30 58.98 25.20
CA ALA A 213 22.66 59.49 25.19
C ALA A 213 22.75 60.91 24.62
N ARG A 214 21.64 61.63 24.66
CA ARG A 214 21.61 63.03 24.27
C ARG A 214 22.12 63.23 22.84
N THR A 215 21.80 62.29 21.96
CA THR A 215 22.23 62.37 20.59
C THR A 215 20.99 62.07 19.78
N LYS A 216 19.97 62.92 19.91
CA LYS A 216 18.71 62.71 19.14
C LYS A 216 18.99 63.04 17.69
N GLY A 217 18.87 62.04 16.81
CA GLY A 217 19.43 62.14 15.47
C GLY A 217 18.63 61.47 14.38
N SER A 218 19.20 61.50 13.18
CA SER A 218 18.58 60.86 12.01
C SER A 218 18.72 59.35 12.08
N SER A 219 17.83 58.67 11.36
CA SER A 219 17.92 57.24 11.19
C SER A 219 19.27 56.89 10.59
N TYR A 220 19.69 57.71 9.63
CA TYR A 220 20.96 57.50 8.95
C TYR A 220 22.16 57.46 9.89
N LEU A 221 22.23 58.42 10.83
CA LEU A 221 23.30 58.43 11.83
C LEU A 221 23.27 57.17 12.69
N ALA A 222 22.07 56.71 12.99
CA ALA A 222 21.90 55.53 13.80
C ALA A 222 22.42 54.31 13.05
N ASP A 223 22.17 54.26 11.74
CA ASP A 223 22.65 53.17 10.94
C ASP A 223 24.13 53.26 10.85
N ASP A 224 24.65 54.48 10.88
CA ASP A 224 26.10 54.66 10.81
C ASP A 224 26.78 54.11 12.04
N ILE A 225 26.09 54.16 13.17
CA ILE A 225 26.53 53.54 14.42
C ILE A 225 26.52 52.00 14.32
N ILE A 226 25.46 51.50 13.71
CA ILE A 226 25.33 50.07 13.55
C ILE A 226 26.43 49.55 12.59
N ILE A 227 26.71 50.32 11.54
CA ILE A 227 27.72 49.88 10.58
C ILE A 227 29.08 49.83 11.23
N HIS A 228 29.37 50.80 12.09
CA HIS A 228 30.69 50.83 12.75
C HIS A 228 30.62 50.34 14.18
N ARG A 229 29.76 49.36 14.43
CA ARG A 229 29.60 48.78 15.74
C ARG A 229 30.93 48.29 16.36
N LYS A 230 31.89 47.91 15.53
CA LYS A 230 33.13 47.31 16.03
C LYS A 230 34.19 48.27 16.57
N ASP A 231 34.21 49.53 16.14
CA ASP A 231 35.22 50.45 16.66
C ASP A 231 34.67 51.46 17.68
N ASN A 232 34.95 51.19 18.95
CA ASN A 232 34.65 52.14 20.04
C ASN A 232 35.20 53.56 19.84
N ASN A 233 36.34 53.67 19.17
CA ASN A 233 36.91 54.98 18.85
C ASN A 233 36.08 55.72 17.82
N TYR A 234 35.61 55.00 16.81
CA TYR A 234 34.72 55.59 15.82
C TYR A 234 33.48 56.10 16.49
N LEU A 235 32.87 55.25 17.31
CA LEU A 235 31.69 55.61 18.07
C LEU A 235 31.90 56.74 19.06
N LYS A 236 33.12 56.98 19.51
CA LYS A 236 33.43 58.20 20.27
C LYS A 236 33.22 59.50 19.43
N GLN A 237 33.53 59.40 18.14
CA GLN A 237 33.41 60.54 17.23
C GLN A 237 31.97 60.79 16.79
N ARG A 238 31.00 60.00 17.23
CA ARG A 238 29.61 60.16 16.85
C ARG A 238 28.67 60.29 18.02
N ILE A 239 28.94 59.60 19.14
CA ILE A 239 28.11 59.71 20.37
C ILE A 239 28.45 61.00 21.15
N ASN A 240 27.49 61.91 21.25
CA ASN A 240 27.80 63.27 21.66
C ASN A 240 28.02 63.29 23.17
N ASP A 241 29.32 63.27 23.51
CA ASP A 241 29.86 63.67 24.81
C ASP A 241 29.40 62.74 25.92
N GLU A 242 30.13 61.64 26.15
CA GLU A 242 29.76 60.69 27.19
C GLU A 242 30.73 59.53 27.44
N ASN A 243 30.86 59.18 28.72
CA ASN A 243 31.25 57.81 29.12
C ASN A 243 30.14 56.77 28.83
N LYS A 244 28.90 57.24 28.73
CA LYS A 244 27.77 56.42 28.32
C LYS A 244 27.73 56.02 26.82
N ILE A 245 28.88 55.83 26.17
CA ILE A 245 28.92 54.80 25.12
C ILE A 245 28.32 53.49 25.71
N SER A 246 28.65 53.21 26.96
CA SER A 246 28.19 52.05 27.67
C SER A 246 26.67 51.79 27.67
N ILE A 247 25.87 52.84 27.78
CA ILE A 247 24.43 52.61 27.76
C ILE A 247 23.96 52.15 26.36
N VAL A 248 24.59 52.73 25.35
CA VAL A 248 24.15 52.56 23.98
C VAL A 248 24.59 51.20 23.46
N THR A 249 25.85 50.86 23.66
CA THR A 249 26.40 49.62 23.10
C THR A 249 25.68 48.40 23.58
N GLU A 250 25.40 48.33 24.88
CA GLU A 250 24.67 47.19 25.45
C GLU A 250 23.23 47.11 24.95
N ALA A 251 22.54 48.23 24.93
CA ALA A 251 21.17 48.24 24.41
C ALA A 251 21.20 47.79 22.95
N MET A 252 22.20 48.25 22.20
CA MET A 252 22.33 47.84 20.82
C MET A 252 22.62 46.33 20.75
N ASN A 253 23.53 45.86 21.59
CA ASN A 253 23.93 44.44 21.54
C ASN A 253 22.80 43.49 21.90
N GLU A 254 22.01 43.85 22.90
CA GLU A 254 20.87 43.06 23.32
C GLU A 254 19.86 42.93 22.20
N ALA A 255 19.51 44.06 21.61
CA ALA A 255 18.51 44.05 20.55
C ALA A 255 19.01 43.32 19.28
N LEU A 256 20.31 43.43 19.00
CA LEU A 256 20.97 42.62 17.97
C LEU A 256 20.80 41.13 18.18
N ARG A 257 21.03 40.67 19.41
CA ARG A 257 20.90 39.23 19.69
C ARG A 257 19.47 38.81 19.51
N LYS A 258 18.54 39.69 19.88
CA LYS A 258 17.15 39.36 19.77
C LYS A 258 16.63 39.47 18.38
N LEU A 259 17.37 40.07 17.43
CA LEU A 259 16.96 39.90 16.02
C LEU A 259 17.12 38.45 15.59
N GLU A 260 18.30 37.91 15.80
CA GLU A 260 18.67 36.61 15.24
C GLU A 260 17.58 35.55 15.45
N GLN A 261 17.17 35.37 16.70
CA GLN A 261 16.17 34.41 17.12
C GLN A 261 14.95 34.42 16.20
N ARG A 262 14.40 35.60 16.01
CA ARG A 262 13.13 35.65 15.26
C ARG A 262 13.39 35.39 13.79
N VAL A 263 14.54 35.82 13.25
CA VAL A 263 14.85 35.52 11.86
C VAL A 263 15.07 34.02 11.66
N LEU A 264 15.80 33.37 12.56
CA LEU A 264 16.06 31.93 12.39
C LEU A 264 14.79 31.11 12.51
N ASN A 265 13.93 31.46 13.45
CA ASN A 265 12.64 30.80 13.60
C ASN A 265 11.85 30.83 12.28
N THR A 266 11.96 31.95 11.58
CA THR A 266 11.27 32.13 10.30
C THR A 266 11.80 31.18 9.23
N LEU A 267 13.09 30.88 9.30
CA LEU A 267 13.74 30.03 8.30
C LEU A 267 13.22 28.60 8.42
N ASN A 268 12.97 28.16 9.66
CA ASN A 268 12.49 26.79 9.85
C ASN A 268 11.09 26.56 9.28
N GLU A 269 10.57 27.54 8.52
CA GLU A 269 9.39 27.30 7.68
C GLU A 269 9.74 26.59 6.35
N PHE A 270 11.01 26.65 5.95
CA PHE A 270 11.46 26.03 4.72
C PHE A 270 12.29 24.80 4.99
N SER A 271 12.37 23.91 4.02
CA SER A 271 13.29 22.77 4.10
C SER A 271 13.66 22.22 2.75
N GLY A 272 14.74 21.45 2.75
CA GLY A 272 15.21 20.75 1.55
C GLY A 272 16.07 21.59 0.63
N TYR A 273 16.57 22.68 1.17
CA TYR A 273 17.43 23.60 0.44
C TYR A 273 18.81 22.97 0.32
N THR A 274 19.39 22.95 -0.88
CA THR A 274 20.72 22.36 -1.06
C THR A 274 21.81 23.42 -0.92
N HIS A 275 21.45 24.60 -1.38
CA HIS A 275 22.35 25.76 -1.39
C HIS A 275 21.69 26.97 -0.73
N VAL A 276 22.49 27.76 0.00
CA VAL A 276 21.95 28.86 0.76
C VAL A 276 22.73 30.14 0.48
N MET A 277 22.01 31.19 0.08
CA MET A 277 22.62 32.49 -0.11
C MET A 277 21.91 33.58 0.70
N VAL A 278 22.70 34.55 1.14
CA VAL A 278 22.23 35.66 1.99
C VAL A 278 22.60 36.98 1.32
N ILE A 279 21.59 37.78 0.90
CA ILE A 279 21.82 39.05 0.19
C ILE A 279 21.12 40.21 0.89
N GLY A 280 21.51 41.43 0.50
CA GLY A 280 21.10 42.64 1.25
C GLY A 280 22.21 43.12 2.19
N GLY A 281 22.15 44.38 2.58
CA GLY A 281 23.15 44.95 3.49
C GLY A 281 23.09 44.25 4.83
N GLY A 282 21.87 43.87 5.24
CA GLY A 282 21.68 43.09 6.45
C GLY A 282 22.28 41.71 6.47
N ALA A 283 22.61 41.14 5.29
CA ALA A 283 23.31 39.85 5.24
C ALA A 283 24.54 39.85 6.15
N GLU A 284 25.27 40.96 6.12
CA GLU A 284 26.50 41.08 6.88
C GLU A 284 26.26 40.75 8.35
N LEU A 285 25.09 41.20 8.84
CA LEU A 285 24.73 41.17 10.25
C LEU A 285 24.33 39.79 10.76
N ILE A 286 23.73 38.97 9.89
CA ILE A 286 23.24 37.66 10.35
C ILE A 286 23.94 36.44 9.77
N CYS A 287 24.88 36.66 8.85
CA CYS A 287 25.49 35.61 8.03
C CYS A 287 25.96 34.36 8.81
N ASP A 288 26.79 34.61 9.82
CA ASP A 288 27.38 33.49 10.56
C ASP A 288 26.31 32.67 11.27
N ALA A 289 25.31 33.28 11.89
CA ALA A 289 24.28 32.52 12.61
C ALA A 289 23.48 31.60 11.66
N VAL A 290 23.22 32.12 10.47
CA VAL A 290 22.51 31.33 9.47
C VAL A 290 23.36 30.15 9.00
N LYS A 291 24.57 30.46 8.52
CA LYS A 291 25.49 29.44 8.02
C LYS A 291 25.60 28.30 9.03
N LYS A 292 25.85 28.66 10.28
CA LYS A 292 25.98 27.67 11.34
C LYS A 292 24.67 26.93 11.61
N HIS A 293 23.55 27.64 11.68
CA HIS A 293 22.28 26.98 11.94
C HIS A 293 21.87 25.97 10.87
N THR A 294 22.26 26.20 9.62
CA THR A 294 21.80 25.32 8.53
C THR A 294 22.80 24.22 8.13
N GLN A 295 23.91 24.14 8.83
CA GLN A 295 24.83 23.02 8.66
C GLN A 295 25.20 22.78 7.20
N ILE A 296 25.20 23.84 6.39
CA ILE A 296 25.62 23.70 5.00
C ILE A 296 27.17 23.63 4.95
N ARG A 297 27.73 22.76 4.11
CA ARG A 297 29.17 22.74 3.93
C ARG A 297 29.62 23.88 3.01
N ASP A 298 30.84 24.32 3.29
CA ASP A 298 31.36 25.58 2.75
C ASP A 298 31.02 25.82 1.29
N GLU A 299 31.18 24.80 0.45
CA GLU A 299 31.03 24.92 -0.99
C GLU A 299 29.60 25.23 -1.42
N ARG A 300 28.63 25.05 -0.51
CA ARG A 300 27.23 25.26 -0.85
C ARG A 300 26.72 26.60 -0.30
N PHE A 301 27.60 27.39 0.30
CA PHE A 301 27.19 28.67 0.89
C PHE A 301 27.82 29.84 0.15
N PHE A 302 27.02 30.75 -0.41
CA PHE A 302 27.58 31.88 -1.17
C PHE A 302 27.10 33.22 -0.63
N LYS A 303 28.06 33.99 -0.09
CA LYS A 303 27.78 35.30 0.50
C LYS A 303 28.83 36.28 -0.05
N THR A 304 28.34 37.30 -0.73
CA THR A 304 29.15 38.08 -1.65
C THR A 304 29.78 39.28 -0.95
N ASN A 305 30.65 39.95 -1.67
CA ASN A 305 31.44 41.06 -1.15
C ASN A 305 30.71 42.39 -1.31
N ASN A 306 29.63 42.43 -2.10
CA ASN A 306 28.78 43.65 -2.19
C ASN A 306 27.31 43.26 -2.06
N SER A 307 27.01 42.63 -0.93
CA SER A 307 25.68 42.04 -0.64
C SER A 307 24.51 43.01 -0.87
N GLN A 308 24.79 44.27 -0.55
CA GLN A 308 23.86 45.37 -0.71
C GLN A 308 23.37 45.54 -2.13
N TYR A 309 24.18 45.14 -3.10
CA TYR A 309 23.89 45.38 -4.51
C TYR A 309 23.43 44.13 -5.29
N ASP A 310 23.41 42.99 -4.62
CA ASP A 310 23.15 41.76 -5.36
C ASP A 310 21.87 41.84 -6.17
N LEU A 311 20.82 42.42 -5.58
CA LEU A 311 19.50 42.40 -6.21
C LEU A 311 19.44 43.25 -7.47
N VAL A 312 19.91 44.50 -7.40
CA VAL A 312 19.82 45.38 -8.58
C VAL A 312 20.71 44.87 -9.70
N ASN A 313 21.84 44.27 -9.36
CA ASN A 313 22.69 43.62 -10.37
C ASN A 313 21.93 42.49 -11.08
N GLY A 314 21.25 41.65 -10.30
CA GLY A 314 20.42 40.60 -10.84
C GLY A 314 19.30 41.08 -11.74
N MET A 315 18.65 42.16 -11.31
CA MET A 315 17.63 42.80 -12.12
C MET A 315 18.22 43.21 -13.46
N TYR A 316 19.43 43.76 -13.41
CA TYR A 316 20.10 44.17 -14.64
C TYR A 316 20.47 42.98 -15.52
N LEU A 317 21.15 41.99 -14.96
CA LEU A 317 21.62 40.87 -15.77
C LEU A 317 20.52 39.80 -15.97
N ILE A 318 19.26 40.17 -15.77
CA ILE A 318 18.16 39.68 -16.59
C ILE A 318 17.94 40.77 -17.67
N MET B 1 0.45 19.26 43.50
CA MET B 1 -0.54 18.61 42.59
C MET B 1 0.10 18.11 41.30
N LEU B 2 -0.42 16.99 40.81
CA LEU B 2 -0.29 16.65 39.39
C LEU B 2 -1.48 17.28 38.65
N VAL B 3 -1.19 18.18 37.71
CA VAL B 3 -2.24 18.87 36.99
C VAL B 3 -2.10 18.63 35.49
N PHE B 4 -3.26 18.51 34.86
CA PHE B 4 -3.26 18.09 33.48
C PHE B 4 -3.41 19.25 32.54
N ILE B 5 -2.21 19.40 31.74
CA ILE B 5 -2.38 20.34 30.64
C ILE B 5 -2.29 19.67 29.26
N ASP B 6 -3.44 19.63 28.60
CA ASP B 6 -3.47 19.41 27.16
C ASP B 6 -3.07 20.71 26.51
N ASP B 7 -1.80 20.81 26.15
CA ASP B 7 -1.32 22.00 25.43
C ASP B 7 -1.52 21.86 23.91
N GLY B 8 -2.69 22.30 23.46
CA GLY B 8 -2.97 22.38 22.01
C GLY B 8 -2.40 23.65 21.44
N SER B 9 -2.12 23.66 20.14
CA SER B 9 -1.64 24.83 19.41
C SER B 9 -2.43 26.14 19.68
N THR B 10 -3.73 26.00 19.77
CA THR B 10 -4.59 27.18 19.82
C THR B 10 -5.15 27.42 21.20
N ASN B 11 -5.48 26.34 21.93
CA ASN B 11 -6.11 26.44 23.23
C ASN B 11 -5.43 25.52 24.26
N ILE B 12 -5.03 26.10 25.38
CA ILE B 12 -4.53 25.29 26.49
C ILE B 12 -5.75 24.78 27.25
N LYS B 13 -5.82 23.47 27.45
CA LYS B 13 -6.88 22.88 28.24
C LYS B 13 -6.29 22.31 29.54
N LEU B 14 -6.96 22.61 30.63
CA LEU B 14 -6.52 22.22 31.97
C LEU B 14 -7.55 21.33 32.60
N GLN B 15 -7.09 20.26 33.25
CA GLN B 15 -7.91 19.52 34.20
C GLN B 15 -7.10 19.37 35.49
N TRP B 16 -7.79 19.56 36.62
CA TRP B 16 -7.11 19.65 37.91
C TRP B 16 -8.06 19.54 39.10
N GLN B 17 -7.73 18.64 40.02
CA GLN B 17 -8.60 18.28 41.12
C GLN B 17 -8.12 18.86 42.46
N GLU B 18 -8.76 19.95 42.86
CA GLU B 18 -8.56 20.52 44.18
C GLU B 18 -8.90 19.39 45.14
N SER B 19 -8.01 19.11 46.08
CA SER B 19 -8.11 17.94 46.96
C SER B 19 -9.51 17.65 47.54
N ASP B 20 -10.45 18.57 47.37
CA ASP B 20 -11.82 18.40 47.85
C ASP B 20 -12.65 17.55 46.86
N GLY B 21 -11.99 16.65 46.14
CA GLY B 21 -12.58 15.97 45.00
C GLY B 21 -13.04 16.89 43.85
N THR B 22 -12.47 18.08 43.76
CA THR B 22 -13.02 19.13 42.94
C THR B 22 -12.25 19.03 41.67
N ILE B 23 -12.78 18.40 40.62
CA ILE B 23 -12.04 18.39 39.35
C ILE B 23 -12.55 19.52 38.48
N LYS B 24 -11.63 20.36 38.01
CA LYS B 24 -11.98 21.58 37.28
C LYS B 24 -11.47 21.52 35.84
N GLN B 25 -12.25 22.05 34.89
CA GLN B 25 -11.84 22.15 33.49
C GLN B 25 -11.71 23.61 33.15
N HIS B 26 -10.54 24.03 32.67
CA HIS B 26 -10.30 25.44 32.37
C HIS B 26 -9.57 25.55 31.03
N ILE B 27 -10.07 26.41 30.15
CA ILE B 27 -9.49 26.54 28.81
C ILE B 27 -8.95 27.94 28.63
N SER B 28 -7.86 28.07 27.86
CA SER B 28 -7.25 29.37 27.62
C SER B 28 -6.76 29.50 26.17
N PRO B 29 -7.40 30.41 25.38
CA PRO B 29 -6.92 30.69 24.02
C PRO B 29 -5.53 31.31 24.02
N ASN B 30 -4.69 30.89 23.09
CA ASN B 30 -3.33 31.45 22.97
C ASN B 30 -3.32 32.55 21.93
N SER B 31 -2.92 33.75 22.33
CA SER B 31 -2.78 34.87 21.39
C SER B 31 -1.87 35.91 22.04
N PHE B 32 -0.63 35.96 21.57
CA PHE B 32 0.46 36.66 22.24
C PHE B 32 1.19 37.61 21.30
N LYS B 33 1.46 38.83 21.77
CA LYS B 33 2.19 39.81 21.00
C LYS B 33 3.58 40.00 21.62
N ARG B 34 4.58 40.20 20.77
CA ARG B 34 5.98 40.17 21.24
C ARG B 34 6.38 41.53 21.78
N GLU B 35 5.58 42.02 22.73
CA GLU B 35 5.86 43.27 23.43
C GLU B 35 4.93 43.37 24.63
N TRP B 36 5.25 44.30 25.49
CA TRP B 36 4.52 44.40 26.71
C TRP B 36 3.26 45.19 26.49
N ALA B 37 2.34 45.02 27.45
CA ALA B 37 1.03 45.70 27.49
C ALA B 37 1.17 47.03 28.19
N VAL B 38 0.26 47.94 27.87
CA VAL B 38 0.31 49.29 28.39
C VAL B 38 -0.80 49.50 29.41
N SER B 39 -0.43 50.00 30.58
CA SER B 39 -1.30 49.95 31.76
C SER B 39 -2.24 51.15 31.97
N PHE B 40 -3.44 50.89 32.42
CA PHE B 40 -4.15 51.86 33.27
C PHE B 40 -4.70 51.04 34.45
N GLY B 41 -4.36 51.44 35.68
CA GLY B 41 -4.25 50.53 36.82
C GLY B 41 -5.56 50.04 37.37
N ASP B 42 -5.80 48.75 37.21
CA ASP B 42 -7.08 48.05 37.54
C ASP B 42 -6.92 46.57 37.08
N LYS B 43 -5.82 45.98 37.58
CA LYS B 43 -5.31 44.66 37.14
C LYS B 43 -5.08 44.49 35.62
N LYS B 44 -4.67 45.58 34.98
CA LYS B 44 -4.22 45.53 33.59
C LYS B 44 -2.74 45.15 33.62
N VAL B 45 -2.38 43.99 33.06
CA VAL B 45 -1.26 43.26 33.56
C VAL B 45 -1.10 41.95 32.78
N PHE B 46 0.09 41.38 32.89
CA PHE B 46 0.47 40.04 32.37
C PHE B 46 1.48 40.17 31.26
N ASN B 47 2.62 40.72 31.63
CA ASN B 47 3.76 40.91 30.73
C ASN B 47 4.86 39.95 31.11
N TYR B 48 5.28 39.07 30.19
CA TYR B 48 6.26 38.03 30.54
C TYR B 48 7.54 38.14 29.76
N THR B 49 8.62 37.76 30.44
CA THR B 49 9.97 37.94 29.96
C THR B 49 10.71 36.61 29.97
N LEU B 50 11.25 36.22 28.83
CA LEU B 50 11.93 34.95 28.74
C LEU B 50 12.94 35.02 27.64
N ASN B 51 14.20 34.81 27.99
CA ASN B 51 15.28 34.63 27.04
C ASN B 51 15.32 35.71 25.98
N GLY B 52 15.41 36.94 26.47
CA GLY B 52 15.61 38.11 25.63
C GLY B 52 14.29 38.80 25.40
N GLU B 53 13.57 38.39 24.37
CA GLU B 53 12.27 38.95 23.98
C GLU B 53 11.29 38.97 25.12
N GLN B 54 10.29 39.83 25.02
CA GLN B 54 9.13 39.72 25.94
C GLN B 54 7.75 39.59 25.26
N TYR B 55 6.75 39.26 26.06
CA TYR B 55 5.45 38.95 25.51
C TYR B 55 4.36 39.45 26.40
N SER B 56 3.21 39.66 25.80
CA SER B 56 2.00 39.87 26.54
C SER B 56 0.82 39.44 25.69
N PHE B 57 -0.30 39.29 26.38
CA PHE B 57 -1.50 38.79 25.77
C PHE B 57 -2.10 39.84 24.83
N ASP B 58 -2.52 39.42 23.65
CA ASP B 58 -3.51 40.23 22.89
C ASP B 58 -4.47 39.36 22.10
N PRO B 59 -5.77 39.43 22.44
CA PRO B 59 -6.75 38.64 21.71
C PRO B 59 -7.10 39.15 20.31
N ILE B 60 -6.89 40.42 20.03
CA ILE B 60 -7.70 41.08 18.98
C ILE B 60 -6.93 41.44 17.70
N SER B 61 -5.63 41.68 17.80
CA SER B 61 -4.94 42.37 16.72
C SER B 61 -3.89 41.51 16.05
N PRO B 62 -3.56 41.84 14.78
CA PRO B 62 -2.42 41.16 14.14
C PRO B 62 -1.07 41.35 14.86
N ASP B 63 -0.08 40.65 14.36
CA ASP B 63 1.21 40.52 15.06
C ASP B 63 1.05 39.96 16.50
N ALA B 64 -0.05 39.28 16.76
CA ALA B 64 -0.02 38.17 17.71
C ALA B 64 0.51 36.96 16.91
N VAL B 65 1.51 36.27 17.43
CA VAL B 65 2.22 35.32 16.61
C VAL B 65 1.30 34.11 16.29
N VAL B 66 1.32 33.73 15.01
CA VAL B 66 0.54 32.59 14.54
C VAL B 66 1.26 31.28 14.87
N THR B 67 0.49 30.42 15.53
CA THR B 67 1.00 29.20 16.17
C THR B 67 0.57 27.91 15.46
N THR B 68 0.10 28.03 14.21
CA THR B 68 -0.29 26.85 13.43
C THR B 68 0.89 26.01 12.88
N ASN B 69 2.11 26.53 12.95
CA ASN B 69 3.29 25.78 12.53
C ASN B 69 3.76 24.65 13.48
N ILE B 70 3.42 23.42 13.15
CA ILE B 70 4.21 22.22 13.57
C ILE B 70 5.11 22.26 14.82
N ALA B 71 6.13 23.10 14.80
CA ALA B 71 7.11 23.18 15.88
C ALA B 71 6.61 23.92 17.13
N TRP B 72 5.33 24.23 17.20
CA TRP B 72 4.75 24.80 18.39
C TRP B 72 5.05 23.99 19.68
N GLN B 73 5.20 22.68 19.55
CA GLN B 73 5.50 21.85 20.71
C GLN B 73 6.98 21.86 21.07
N TYR B 74 7.76 22.80 20.57
CA TYR B 74 9.04 23.14 21.19
C TYR B 74 9.28 24.64 21.20
N SER B 75 8.22 25.42 21.00
CA SER B 75 8.35 26.88 20.97
C SER B 75 8.58 27.44 22.38
N ASP B 76 9.27 28.58 22.46
CA ASP B 76 9.34 29.32 23.73
C ASP B 76 7.97 29.94 24.08
N VAL B 77 7.29 30.43 23.06
CA VAL B 77 5.89 30.85 23.14
C VAL B 77 5.03 29.83 23.90
N ASN B 78 5.20 28.55 23.60
CA ASN B 78 4.47 27.49 24.29
C ASN B 78 4.58 27.63 25.79
N VAL B 79 5.82 27.79 26.28
CA VAL B 79 6.05 27.94 27.72
C VAL B 79 5.29 29.14 28.28
N VAL B 80 5.34 30.24 27.55
CA VAL B 80 4.64 31.45 27.92
C VAL B 80 3.14 31.15 28.06
N ALA B 81 2.63 30.51 27.00
CA ALA B 81 1.21 30.22 26.88
C ALA B 81 0.70 29.40 28.05
N VAL B 82 1.46 28.34 28.35
CA VAL B 82 1.06 27.43 29.43
C VAL B 82 1.12 28.13 30.79
N HIS B 83 2.19 28.88 31.05
CA HIS B 83 2.26 29.67 32.29
C HIS B 83 1.11 30.61 32.42
N HIS B 84 0.75 31.25 31.31
CA HIS B 84 -0.28 32.26 31.36
C HIS B 84 -1.63 31.64 31.68
N ALA B 85 -1.88 30.49 31.06
CA ALA B 85 -3.11 29.76 31.25
C ALA B 85 -3.27 29.34 32.71
N LEU B 86 -2.18 28.82 33.29
CA LEU B 86 -2.25 28.40 34.68
C LEU B 86 -2.29 29.59 35.61
N LEU B 87 -1.77 30.76 35.22
CA LEU B 87 -1.90 31.93 36.06
C LEU B 87 -3.30 32.50 36.16
N THR B 88 -4.21 32.05 35.30
CA THR B 88 -5.62 32.45 35.39
C THR B 88 -6.53 31.34 35.90
N SER B 89 -5.96 30.33 36.52
CA SER B 89 -6.70 29.17 37.02
C SER B 89 -7.51 29.44 38.28
N GLY B 90 -7.01 30.33 39.12
CA GLY B 90 -7.54 30.46 40.48
C GLY B 90 -6.91 29.42 41.39
N LEU B 91 -5.64 29.12 41.12
CA LEU B 91 -4.90 28.20 41.94
C LEU B 91 -3.93 28.93 42.87
N PRO B 92 -3.60 28.31 44.02
CA PRO B 92 -2.54 28.86 44.85
C PRO B 92 -1.18 28.73 44.17
N VAL B 93 -0.57 29.87 43.83
CA VAL B 93 0.73 29.85 43.16
C VAL B 93 1.69 28.97 43.95
N SER B 94 2.46 28.13 43.25
CA SER B 94 3.34 27.15 43.92
C SER B 94 4.21 26.39 42.93
N GLU B 95 5.00 25.47 43.49
CA GLU B 95 5.57 24.38 42.72
C GLU B 95 4.44 23.38 42.48
N VAL B 96 4.45 22.75 41.31
CA VAL B 96 3.47 21.72 40.98
C VAL B 96 4.06 20.81 39.92
N ASP B 97 3.34 19.75 39.56
CA ASP B 97 3.85 18.78 38.60
C ASP B 97 2.78 18.59 37.55
N ILE B 98 3.18 18.33 36.32
CA ILE B 98 2.21 18.32 35.24
C ILE B 98 2.42 17.18 34.27
N VAL B 99 1.35 16.87 33.56
CA VAL B 99 1.42 16.03 32.39
C VAL B 99 0.96 16.92 31.24
N CYS B 100 1.54 16.67 30.09
CA CYS B 100 1.22 17.42 28.88
C CYS B 100 1.07 16.46 27.70
N THR B 101 0.87 17.02 26.51
CA THR B 101 0.63 16.26 25.30
C THR B 101 1.95 16.15 24.42
N LEU B 102 1.90 15.22 23.50
CA LEU B 102 2.58 15.35 22.20
C LEU B 102 1.60 14.86 21.13
N PRO B 103 1.70 15.44 19.91
CA PRO B 103 0.99 14.94 18.75
C PRO B 103 1.36 13.49 18.47
N LEU B 104 0.45 12.77 17.82
CA LEU B 104 0.66 11.36 17.52
C LEU B 104 1.99 11.06 16.81
N THR B 105 2.37 11.89 15.84
CA THR B 105 3.55 11.67 15.03
C THR B 105 4.87 11.89 15.77
N GLU B 106 4.80 12.57 16.92
CA GLU B 106 5.96 13.01 17.66
C GLU B 106 6.55 11.95 18.57
N TYR B 107 5.67 11.15 19.16
CA TYR B 107 6.04 10.02 20.04
C TYR B 107 6.69 8.87 19.31
N TYR B 108 6.36 8.70 18.03
CA TYR B 108 6.55 7.43 17.36
C TYR B 108 7.36 7.65 16.09
N ASP B 109 7.58 6.56 15.35
CA ASP B 109 8.65 6.52 14.34
C ASP B 109 8.39 5.38 13.37
N ARG B 110 9.42 4.75 12.79
CA ARG B 110 9.22 3.69 11.80
C ARG B 110 8.88 2.34 12.46
N ASN B 111 9.57 2.06 13.56
CA ASN B 111 9.21 0.93 14.39
C ASN B 111 8.54 1.40 15.67
N ASN B 112 7.38 2.05 15.47
CA ASN B 112 6.31 2.29 16.44
C ASN B 112 6.63 2.13 17.91
N GLN B 113 7.72 2.78 18.32
CA GLN B 113 8.13 2.86 19.70
C GLN B 113 8.24 4.33 20.10
N PRO B 114 8.12 4.60 21.38
CA PRO B 114 8.37 5.94 21.93
C PRO B 114 9.64 6.64 21.37
N ASN B 115 9.52 7.91 20.99
CA ASN B 115 10.64 8.65 20.45
C ASN B 115 11.24 9.47 21.59
N THR B 116 11.91 8.75 22.48
CA THR B 116 12.51 9.32 23.70
C THR B 116 13.19 10.67 23.49
N GLU B 117 13.85 10.80 22.35
CA GLU B 117 14.49 12.08 22.03
C GLU B 117 13.46 13.20 22.01
N ASN B 118 12.42 13.05 21.19
CA ASN B 118 11.38 14.08 21.11
C ASN B 118 10.59 14.22 22.40
N ILE B 119 10.35 13.12 23.10
CA ILE B 119 9.69 13.18 24.41
C ILE B 119 10.50 14.04 25.41
N GLU B 120 11.82 13.95 25.35
CA GLU B 120 12.66 14.61 26.33
C GLU B 120 12.93 16.05 25.96
N ARG B 121 13.04 16.33 24.66
CA ARG B 121 13.09 17.74 24.22
C ARG B 121 11.89 18.49 24.78
N LYS B 122 10.74 17.82 24.79
CA LYS B 122 9.48 18.38 25.28
C LYS B 122 9.57 18.74 26.77
N LYS B 123 10.02 17.77 27.57
CA LYS B 123 10.21 17.95 29.03
C LYS B 123 11.14 19.08 29.35
N ALA B 124 12.18 19.21 28.55
CA ALA B 124 13.22 20.21 28.77
C ALA B 124 12.71 21.65 28.51
N ASN B 125 11.80 21.77 27.56
CA ASN B 125 11.24 23.08 27.24
C ASN B 125 10.61 23.72 28.48
N PHE B 126 9.92 22.94 29.30
CA PHE B 126 9.27 23.51 30.50
C PHE B 126 10.24 23.75 31.66
N ARG B 127 11.55 23.67 31.40
CA ARG B 127 12.54 24.10 32.40
C ARG B 127 12.90 25.57 32.19
N LYS B 128 12.64 26.07 30.99
CA LYS B 128 12.99 27.44 30.63
C LYS B 128 12.54 28.40 31.74
N LYS B 129 13.37 29.37 32.05
CA LYS B 129 13.07 30.35 33.09
C LYS B 129 12.31 31.54 32.53
N ILE B 130 11.33 31.99 33.27
CA ILE B 130 10.40 33.02 32.81
C ILE B 130 10.04 33.96 33.96
N THR B 131 9.93 35.26 33.68
CA THR B 131 9.49 36.20 34.71
C THR B 131 8.22 36.94 34.30
N LEU B 132 7.22 36.91 35.18
CA LEU B 132 6.17 37.94 35.18
C LEU B 132 6.54 38.98 36.23
N ASN B 133 6.47 40.25 35.82
CA ASN B 133 6.81 41.47 36.60
C ASN B 133 6.34 41.52 38.06
N GLY B 134 5.24 42.25 38.34
CA GLY B 134 4.76 42.42 39.69
C GLY B 134 3.95 41.18 40.02
N GLY B 135 4.65 40.13 40.44
CA GLY B 135 4.00 38.88 40.81
C GLY B 135 4.89 37.67 40.63
N ASP B 136 4.61 36.60 41.39
CA ASP B 136 5.32 35.34 41.22
C ASP B 136 4.55 34.38 40.32
N THR B 137 5.31 33.66 39.50
CA THR B 137 4.78 32.60 38.65
C THR B 137 4.77 31.28 39.39
N PHE B 138 3.86 30.39 39.04
CA PHE B 138 3.92 29.01 39.55
C PHE B 138 5.24 28.43 39.07
N THR B 139 5.79 27.48 39.82
CA THR B 139 7.01 26.79 39.39
C THR B 139 6.59 25.41 38.89
N ILE B 140 7.06 25.02 37.71
CA ILE B 140 6.70 23.73 37.18
C ILE B 140 7.85 22.73 37.45
N LYS B 141 7.58 21.79 38.35
CA LYS B 141 8.59 20.82 38.79
C LYS B 141 8.65 19.61 37.83
N ASP B 142 7.89 18.56 38.10
CA ASP B 142 8.03 17.30 37.39
C ASP B 142 7.12 17.30 36.16
N VAL B 143 7.68 16.84 35.04
CA VAL B 143 6.95 16.80 33.77
C VAL B 143 6.89 15.38 33.16
N LYS B 144 5.70 14.96 32.74
CA LYS B 144 5.59 13.78 31.84
C LYS B 144 4.65 14.03 30.67
N VAL B 145 4.76 13.15 29.67
CA VAL B 145 4.04 13.31 28.42
C VAL B 145 3.07 12.15 28.17
N MET B 146 1.97 12.46 27.47
CA MET B 146 1.07 11.43 26.94
C MET B 146 0.82 11.72 25.46
N PRO B 147 0.44 10.72 24.65
CA PRO B 147 0.12 11.04 23.25
C PRO B 147 -1.26 11.66 23.09
N GLU B 148 -1.46 12.34 21.97
CA GLU B 148 -2.77 12.97 21.64
C GLU B 148 -3.70 12.11 20.74
N SER B 149 -4.21 11.02 21.30
CA SER B 149 -5.20 10.16 20.61
C SER B 149 -5.99 9.32 21.62
N ILE B 150 -5.27 8.45 22.33
CA ILE B 150 -5.87 7.40 23.15
C ILE B 150 -6.95 7.89 24.15
N PRO B 151 -6.53 8.74 25.08
CA PRO B 151 -7.29 8.85 26.32
C PRO B 151 -8.70 9.36 26.15
N ALA B 152 -9.00 10.04 25.05
CA ALA B 152 -10.36 10.55 24.81
C ALA B 152 -11.38 9.42 24.59
N GLY B 153 -10.92 8.26 24.16
CA GLY B 153 -11.81 7.11 24.06
C GLY B 153 -12.03 6.38 25.37
N TYR B 154 -11.44 6.87 26.46
CA TYR B 154 -11.23 6.02 27.66
C TYR B 154 -12.50 5.36 28.19
N GLU B 155 -13.46 6.17 28.62
CA GLU B 155 -14.68 5.60 29.19
C GLU B 155 -15.35 4.66 28.19
N VAL B 156 -15.56 5.13 26.96
CA VAL B 156 -16.27 4.33 25.95
C VAL B 156 -15.55 3.00 25.69
N LEU B 157 -14.22 3.04 25.63
CA LEU B 157 -13.44 1.83 25.37
C LEU B 157 -13.63 0.79 26.46
N GLN B 158 -13.93 1.25 27.68
CA GLN B 158 -14.09 0.35 28.81
C GLN B 158 -15.24 -0.64 28.62
N GLU B 159 -16.38 -0.14 28.18
CA GLU B 159 -17.59 -0.91 28.05
C GLU B 159 -17.72 -1.16 26.56
N LEU B 160 -16.69 -1.77 25.97
CA LEU B 160 -16.75 -2.13 24.54
C LEU B 160 -16.77 -3.64 24.30
N ASP B 161 -15.71 -4.31 24.72
CA ASP B 161 -15.52 -5.79 24.74
C ASP B 161 -14.01 -6.07 24.51
N GLU B 162 -13.66 -7.18 23.83
CA GLU B 162 -12.28 -7.48 23.52
C GLU B 162 -11.99 -7.84 22.05
N LEU B 163 -13.01 -7.90 21.19
CA LEU B 163 -12.82 -8.33 19.82
C LEU B 163 -13.18 -7.25 18.80
N ASP B 164 -13.44 -6.04 19.27
CA ASP B 164 -13.93 -4.97 18.41
C ASP B 164 -13.09 -3.71 18.55
N SER B 165 -13.23 -2.73 17.65
CA SER B 165 -12.31 -1.61 17.58
C SER B 165 -12.96 -0.24 17.42
N LEU B 166 -12.43 0.71 18.19
CA LEU B 166 -12.96 2.07 18.23
C LEU B 166 -12.01 3.02 17.49
N LEU B 167 -12.53 3.68 16.47
CA LEU B 167 -11.78 4.68 15.74
C LEU B 167 -11.95 6.05 16.41
N ILE B 168 -10.85 6.56 16.95
CA ILE B 168 -10.88 7.89 17.54
C ILE B 168 -10.29 8.88 16.54
N ILE B 169 -11.14 9.77 16.04
CA ILE B 169 -10.72 10.87 15.16
C ILE B 169 -10.52 12.17 15.96
N ASP B 170 -9.25 12.56 16.15
CA ASP B 170 -8.91 13.84 16.79
C ASP B 170 -8.57 14.91 15.76
N LEU B 171 -9.47 15.85 15.51
CA LEU B 171 -9.07 16.97 14.62
C LEU B 171 -8.84 18.23 15.43
N GLY B 172 -7.58 18.66 15.42
CA GLY B 172 -7.17 19.90 16.06
C GLY B 172 -6.89 21.02 15.08
N GLY B 173 -6.32 22.11 15.57
CA GLY B 173 -5.97 23.27 14.74
C GLY B 173 -4.87 22.97 13.74
N THR B 174 -3.87 22.22 14.18
CA THR B 174 -2.74 21.86 13.33
C THR B 174 -2.84 20.43 12.79
N THR B 175 -3.28 19.48 13.62
CA THR B 175 -3.05 18.05 13.36
C THR B 175 -4.32 17.21 13.30
N LEU B 176 -4.42 16.33 12.32
CA LEU B 176 -5.42 15.27 12.30
C LEU B 176 -4.80 13.99 12.85
N ASP B 177 -5.23 13.59 14.02
CA ASP B 177 -4.70 12.38 14.66
C ASP B 177 -5.79 11.30 14.68
N ILE B 178 -5.50 10.17 14.04
CA ILE B 178 -6.47 9.05 14.03
C ILE B 178 -5.85 7.82 14.66
N SER B 179 -6.64 7.14 15.48
CA SER B 179 -6.20 5.89 16.08
C SER B 179 -7.36 4.91 16.08
N GLN B 180 -7.03 3.64 15.93
CA GLN B 180 -7.98 2.56 16.03
C GLN B 180 -7.48 1.70 17.19
N VAL B 181 -8.35 1.50 18.17
CA VAL B 181 -8.03 0.80 19.41
C VAL B 181 -8.99 -0.38 19.55
N MET B 182 -8.48 -1.62 19.60
CA MET B 182 -9.36 -2.78 19.70
C MET B 182 -9.85 -2.99 21.13
N GLY B 183 -11.17 -2.85 21.34
CA GLY B 183 -11.86 -3.39 22.53
C GLY B 183 -11.24 -3.16 23.89
N LYS B 184 -11.54 -2.01 24.49
CA LYS B 184 -10.74 -1.46 25.58
C LYS B 184 -9.32 -1.15 25.09
N LEU B 185 -8.51 -0.57 25.98
CA LEU B 185 -7.10 -0.33 25.69
C LEU B 185 -6.34 -1.65 25.90
N SER B 186 -6.99 -2.75 25.55
CA SER B 186 -6.39 -4.05 25.46
C SER B 186 -5.43 -4.17 24.29
N GLY B 187 -5.67 -3.37 23.27
CA GLY B 187 -4.83 -3.35 22.07
C GLY B 187 -5.04 -2.09 21.23
N ILE B 188 -4.00 -1.67 20.51
CA ILE B 188 -4.11 -0.50 19.64
C ILE B 188 -3.59 -0.89 18.25
N SER B 189 -4.51 -1.04 17.30
CA SER B 189 -4.17 -1.64 16.04
C SER B 189 -3.28 -0.72 15.24
N LYS B 190 -3.76 0.50 15.04
CA LYS B 190 -3.11 1.40 14.09
C LYS B 190 -3.31 2.87 14.44
N ILE B 191 -2.26 3.65 14.25
CA ILE B 191 -2.28 5.08 14.51
C ILE B 191 -2.00 5.80 13.20
N TYR B 192 -2.28 7.10 13.16
CA TYR B 192 -1.85 7.92 12.05
C TYR B 192 -1.97 9.39 12.40
N GLY B 193 -0.92 10.15 12.05
CA GLY B 193 -0.86 11.57 12.34
C GLY B 193 -0.50 12.40 11.12
N ASP B 194 -1.32 13.38 10.81
CA ASP B 194 -1.12 14.23 9.65
C ASP B 194 -1.08 15.69 10.12
N SER B 195 0.15 16.20 10.30
CA SER B 195 0.37 17.50 10.93
C SER B 195 0.14 18.69 9.97
N SER B 196 -0.19 18.39 8.72
CA SER B 196 -0.48 19.39 7.72
C SER B 196 -1.99 19.52 7.51
N LEU B 197 -2.76 18.63 8.14
CA LEU B 197 -4.21 18.68 8.03
C LEU B 197 -4.85 19.04 9.37
N GLY B 198 -5.12 20.33 9.51
CA GLY B 198 -5.79 20.84 10.69
C GLY B 198 -6.89 21.79 10.27
N VAL B 199 -7.62 22.28 11.27
CA VAL B 199 -8.63 23.33 11.08
C VAL B 199 -8.02 24.58 10.47
N SER B 200 -6.69 24.74 10.65
CA SER B 200 -5.93 25.86 10.07
C SER B 200 -6.27 26.14 8.61
N LEU B 201 -6.58 25.06 7.89
CA LEU B 201 -6.86 25.18 6.49
C LEU B 201 -7.86 26.28 6.17
N VAL B 202 -8.96 26.31 6.90
CA VAL B 202 -10.00 27.30 6.63
C VAL B 202 -9.65 28.61 7.32
N THR B 203 -9.26 28.55 8.59
CA THR B 203 -8.80 29.76 9.31
C THR B 203 -7.83 30.58 8.46
N SER B 204 -6.79 29.93 7.96
CA SER B 204 -5.79 30.62 7.12
C SER B 204 -6.25 31.05 5.71
N ALA B 205 -7.41 30.64 5.24
CA ALA B 205 -8.06 31.35 4.13
C ALA B 205 -8.89 32.53 4.65
N VAL B 206 -9.68 32.29 5.69
CA VAL B 206 -10.62 33.30 6.17
C VAL B 206 -9.93 34.53 6.75
N LYS B 207 -8.73 34.37 7.30
CA LYS B 207 -7.86 35.50 7.67
C LYS B 207 -7.64 36.44 6.49
N ASP B 208 -7.27 35.85 5.36
CA ASP B 208 -7.02 36.66 4.18
C ASP B 208 -8.31 37.29 3.67
N ALA B 209 -9.46 36.64 3.85
CA ALA B 209 -10.74 37.17 3.40
C ALA B 209 -11.14 38.36 4.24
N LEU B 210 -10.92 38.23 5.54
CA LEU B 210 -11.19 39.31 6.45
C LEU B 210 -10.31 40.54 6.09
N SER B 211 -9.07 40.33 5.71
CA SER B 211 -8.24 41.46 5.27
C SER B 211 -8.80 42.12 4.02
N LEU B 212 -9.31 41.33 3.08
CA LEU B 212 -10.02 41.88 1.92
C LEU B 212 -11.21 42.71 2.37
N ALA B 213 -11.88 42.23 3.41
CA ALA B 213 -13.01 42.96 4.00
C ALA B 213 -12.57 44.01 5.00
N ARG B 214 -11.32 44.46 4.88
CA ARG B 214 -10.81 45.55 5.70
C ARG B 214 -10.94 45.27 7.18
N THR B 215 -10.74 44.02 7.56
CA THR B 215 -10.84 43.62 8.95
C THR B 215 -9.60 42.81 9.20
N LYS B 216 -8.43 43.41 9.06
CA LYS B 216 -7.17 42.66 9.31
C LYS B 216 -7.03 42.43 10.81
N GLY B 217 -7.03 41.17 11.22
CA GLY B 217 -7.25 40.85 12.62
C GLY B 217 -6.47 39.66 13.16
N SER B 218 -6.75 39.33 14.42
CA SER B 218 -6.12 38.18 15.07
C SER B 218 -6.70 36.88 14.57
N SER B 219 -5.93 35.82 14.73
CA SER B 219 -6.39 34.48 14.44
C SER B 219 -7.63 34.19 15.26
N TYR B 220 -7.60 34.64 16.51
CA TYR B 220 -8.71 34.44 17.43
C TYR B 220 -10.03 35.01 16.91
N LEU B 221 -10.01 36.24 16.41
CA LEU B 221 -11.20 36.85 15.83
C LEU B 221 -11.72 36.04 14.64
N ALA B 222 -10.79 35.52 13.86
CA ALA B 222 -11.14 34.73 12.69
C ALA B 222 -11.83 33.44 13.13
N ASP B 223 -11.34 32.84 14.21
CA ASP B 223 -11.94 31.63 14.72
C ASP B 223 -13.30 31.97 15.27
N ASP B 224 -13.43 33.18 15.78
CA ASP B 224 -14.71 33.61 16.33
C ASP B 224 -15.76 33.72 15.26
N ILE B 225 -15.32 34.07 14.05
CA ILE B 225 -16.17 34.09 12.85
C ILE B 225 -16.58 32.66 12.45
N ILE B 226 -15.61 31.76 12.50
CA ILE B 226 -15.86 30.39 12.15
C ILE B 226 -16.86 29.76 13.15
N ILE B 227 -16.69 30.08 14.43
CA ILE B 227 -17.58 29.52 15.45
C ILE B 227 -18.98 30.00 15.24
N HIS B 228 -19.15 31.26 14.87
CA HIS B 228 -20.51 31.81 14.68
C HIS B 228 -20.88 31.93 13.21
N ARG B 229 -20.40 30.98 12.41
CA ARG B 229 -20.69 30.94 10.98
C ARG B 229 -22.19 31.00 10.66
N LYS B 230 -23.04 30.50 11.56
CA LYS B 230 -24.47 30.40 11.28
C LYS B 230 -25.29 31.69 11.43
N ASP B 231 -24.85 32.66 12.23
CA ASP B 231 -25.63 33.88 12.40
C ASP B 231 -25.03 35.10 11.67
N ASN B 232 -25.63 35.41 10.53
CA ASN B 232 -25.31 36.63 9.77
C ASN B 232 -25.37 37.94 10.58
N ASN B 233 -26.26 38.00 11.56
CA ASN B 233 -26.36 39.15 12.43
C ASN B 233 -25.15 39.27 13.37
N TYR B 234 -24.73 38.14 13.89
CA TYR B 234 -23.53 38.11 14.73
C TYR B 234 -22.34 38.58 13.91
N LEU B 235 -22.18 38.01 12.73
CA LEU B 235 -21.12 38.40 11.82
C LEU B 235 -21.19 39.84 11.35
N LYS B 236 -22.35 40.48 11.39
CA LYS B 236 -22.44 41.92 11.20
C LYS B 236 -21.70 42.73 12.32
N GLN B 237 -21.77 42.20 13.53
CA GLN B 237 -21.13 42.82 14.68
C GLN B 237 -19.63 42.60 14.76
N ARG B 238 -19.04 41.90 13.79
CA ARG B 238 -17.62 41.62 13.79
C ARG B 238 -16.94 42.04 12.49
N ILE B 239 -17.63 41.90 11.35
CA ILE B 239 -17.07 42.30 10.03
C ILE B 239 -17.16 43.81 9.83
N ASN B 240 -16.01 44.48 9.75
CA ASN B 240 -16.00 45.93 9.92
C ASN B 240 -16.50 46.56 8.63
N ASP B 241 -17.79 46.93 8.70
CA ASP B 241 -18.46 47.92 7.85
C ASP B 241 -18.53 47.44 6.41
N GLU B 242 -19.58 46.67 6.07
CA GLU B 242 -19.72 46.15 4.72
C GLU B 242 -21.03 45.41 4.40
N ASN B 243 -21.51 45.62 3.17
CA ASN B 243 -22.33 44.63 2.47
C ASN B 243 -21.54 43.36 2.07
N LYS B 244 -20.22 43.52 1.96
CA LYS B 244 -19.32 42.40 1.73
C LYS B 244 -19.09 41.45 2.93
N ILE B 245 -20.09 41.24 3.79
CA ILE B 245 -20.21 39.89 4.40
C ILE B 245 -20.15 38.84 3.27
N SER B 246 -20.80 39.14 2.16
CA SER B 246 -20.86 38.27 1.00
C SER B 246 -19.52 37.75 0.47
N ILE B 247 -18.48 38.58 0.48
CA ILE B 247 -17.19 38.10 -0.02
C ILE B 247 -16.61 37.05 0.95
N VAL B 248 -16.82 37.28 2.23
CA VAL B 248 -16.17 36.51 3.27
C VAL B 248 -16.87 35.16 3.42
N THR B 249 -18.20 35.18 3.49
CA THR B 249 -18.96 33.95 3.74
C THR B 249 -18.73 32.90 2.69
N GLU B 250 -18.77 33.29 1.41
CA GLU B 250 -18.53 32.35 0.32
C GLU B 250 -17.10 31.80 0.30
N ALA B 251 -16.12 32.67 0.49
CA ALA B 251 -14.73 32.22 0.55
C ALA B 251 -14.59 31.23 1.72
N MET B 252 -15.23 31.55 2.84
CA MET B 252 -15.21 30.66 3.98
C MET B 252 -15.90 29.34 3.64
N ASN B 253 -17.05 29.42 2.99
CA ASN B 253 -17.82 28.20 2.69
C ASN B 253 -17.12 27.27 1.72
N GLU B 254 -16.47 27.84 0.71
CA GLU B 254 -15.72 27.07 -0.26
C GLU B 254 -14.58 26.31 0.40
N ALA B 255 -13.80 27.04 1.20
CA ALA B 255 -12.65 26.42 1.86
C ALA B 255 -13.08 25.36 2.90
N LEU B 256 -14.21 25.60 3.56
CA LEU B 256 -14.85 24.60 4.42
C LEU B 256 -15.16 23.31 3.70
N ARG B 257 -15.76 23.41 2.52
CA ARG B 257 -16.12 22.21 1.75
C ARG B 257 -14.87 21.47 1.35
N LYS B 258 -13.81 22.23 1.03
CA LYS B 258 -12.58 21.61 0.60
C LYS B 258 -11.77 21.05 1.74
N LEU B 259 -12.09 21.36 3.01
CA LEU B 259 -11.48 20.58 4.08
C LEU B 259 -11.96 19.14 4.04
N GLU B 260 -13.27 18.96 3.99
CA GLU B 260 -13.89 17.65 4.18
C GLU B 260 -13.25 16.55 3.33
N GLN B 261 -13.20 16.79 2.03
CA GLN B 261 -12.61 15.90 1.05
C GLN B 261 -11.27 15.32 1.51
N ARG B 262 -10.36 16.21 1.89
CA ARG B 262 -9.01 15.72 2.21
C ARG B 262 -9.03 14.96 3.53
N VAL B 263 -9.87 15.35 4.49
CA VAL B 263 -9.96 14.60 5.73
C VAL B 263 -10.56 13.21 5.49
N LEU B 264 -11.62 13.13 4.69
CA LEU B 264 -12.24 11.82 4.45
C LEU B 264 -11.32 10.88 3.70
N ASN B 265 -10.60 11.39 2.71
CA ASN B 265 -9.61 10.61 1.98
C ASN B 265 -8.59 9.97 2.94
N THR B 266 -8.24 10.72 3.97
CA THR B 266 -7.27 10.25 4.97
C THR B 266 -7.83 9.08 5.78
N LEU B 267 -9.13 9.09 6.00
CA LEU B 267 -9.78 8.06 6.80
C LEU B 267 -9.74 6.71 6.07
N ASN B 268 -9.88 6.75 4.75
CA ASN B 268 -9.87 5.52 3.98
C ASN B 268 -8.50 4.82 4.01
N GLU B 269 -7.59 5.29 4.84
CA GLU B 269 -6.37 4.52 5.18
C GLU B 269 -6.62 3.43 6.23
N PHE B 270 -7.71 3.57 6.99
CA PHE B 270 -8.07 2.61 8.03
C PHE B 270 -9.25 1.77 7.61
N SER B 271 -9.39 0.61 8.22
CA SER B 271 -10.60 -0.20 8.05
C SER B 271 -10.84 -1.16 9.19
N GLY B 272 -12.08 -1.64 9.27
CA GLY B 272 -12.47 -2.65 10.25
C GLY B 272 -12.84 -2.09 11.61
N TYR B 273 -13.11 -0.80 11.62
CA TYR B 273 -13.50 -0.09 12.84
C TYR B 273 -14.96 -0.45 13.14
N THR B 274 -15.26 -0.82 14.38
CA THR B 274 -16.63 -1.17 14.75
C THR B 274 -17.38 0.04 15.30
N HIS B 275 -16.60 0.86 15.99
CA HIS B 275 -17.10 2.07 16.65
C HIS B 275 -16.27 3.29 16.26
N VAL B 276 -16.94 4.43 16.11
CA VAL B 276 -16.26 5.62 15.62
C VAL B 276 -16.57 6.81 16.54
N MET B 277 -15.51 7.46 17.03
CA MET B 277 -15.67 8.67 17.79
C MET B 277 -14.85 9.83 17.21
N VAL B 278 -15.40 11.03 17.37
CA VAL B 278 -14.82 12.27 16.86
C VAL B 278 -14.63 13.25 18.02
N ILE B 279 -13.38 13.61 18.34
CA ILE B 279 -13.07 14.53 19.45
C ILE B 279 -12.23 15.72 18.98
N GLY B 280 -12.15 16.73 19.85
CA GLY B 280 -11.57 18.04 19.47
C GLY B 280 -12.65 19.05 19.10
N GLY B 281 -12.30 20.33 19.15
CA GLY B 281 -13.24 21.40 18.81
C GLY B 281 -13.67 21.28 17.36
N GLY B 282 -12.74 20.86 16.51
CA GLY B 282 -13.03 20.60 15.10
C GLY B 282 -14.02 19.48 14.82
N ALA B 283 -14.26 18.58 15.78
CA ALA B 283 -15.27 17.52 15.62
C ALA B 283 -16.62 18.11 15.17
N GLU B 284 -16.98 19.23 15.78
CA GLU B 284 -18.26 19.88 15.51
C GLU B 284 -18.40 20.13 14.00
N LEU B 285 -17.30 20.50 13.37
CA LEU B 285 -17.26 20.97 12.00
C LEU B 285 -17.39 19.84 10.96
N ILE B 286 -16.88 18.65 11.29
CA ILE B 286 -16.89 17.56 10.30
C ILE B 286 -17.76 16.36 10.62
N CYS B 287 -18.40 16.37 11.79
CA CYS B 287 -19.10 15.22 12.37
C CYS B 287 -20.06 14.50 11.40
N ASP B 288 -20.98 15.29 10.84
CA ASP B 288 -22.00 14.70 9.96
C ASP B 288 -21.39 14.03 8.75
N ALA B 289 -20.39 14.62 8.09
CA ALA B 289 -19.80 14.02 6.90
C ALA B 289 -19.13 12.68 7.21
N VAL B 290 -18.50 12.62 8.36
CA VAL B 290 -17.85 11.38 8.80
C VAL B 290 -18.90 10.29 9.08
N LYS B 291 -19.83 10.62 9.96
CA LYS B 291 -20.90 9.69 10.35
C LYS B 291 -21.53 9.08 9.11
N LYS B 292 -21.91 9.95 8.18
CA LYS B 292 -22.54 9.49 6.93
C LYS B 292 -21.58 8.69 6.07
N HIS B 293 -20.34 9.14 5.90
CA HIS B 293 -19.39 8.39 5.07
C HIS B 293 -19.09 6.98 5.58
N THR B 294 -19.13 6.77 6.90
CA THR B 294 -18.73 5.47 7.45
C THR B 294 -19.90 4.52 7.75
N GLN B 295 -21.11 4.94 7.42
CA GLN B 295 -22.25 4.04 7.48
C GLN B 295 -22.37 3.31 8.82
N ILE B 296 -21.90 3.95 9.89
CA ILE B 296 -22.05 3.36 11.22
C ILE B 296 -23.51 3.57 11.69
N ARG B 297 -24.11 2.57 12.33
CA ARG B 297 -25.44 2.77 12.92
C ARG B 297 -25.34 3.52 14.26
N ASP B 298 -26.41 4.25 14.51
CA ASP B 298 -26.42 5.28 15.55
C ASP B 298 -25.74 4.85 16.84
N GLU B 299 -26.02 3.64 17.30
CA GLU B 299 -25.55 3.15 18.60
C GLU B 299 -24.03 2.99 18.65
N ARG B 300 -23.37 2.98 17.49
CA ARG B 300 -21.93 2.78 17.45
C ARG B 300 -21.17 4.10 17.26
N PHE B 301 -21.88 5.21 17.23
CA PHE B 301 -21.26 6.52 16.99
C PHE B 301 -21.35 7.41 18.23
N PHE B 302 -20.23 7.85 18.79
CA PHE B 302 -20.26 8.66 20.02
C PHE B 302 -19.55 10.00 19.81
N LYS B 303 -20.33 11.09 19.89
CA LYS B 303 -19.81 12.43 19.70
C LYS B 303 -20.39 13.30 20.84
N THR B 304 -19.48 13.87 21.63
CA THR B 304 -19.82 14.34 22.96
C THR B 304 -20.20 15.82 22.91
N ASN B 305 -20.68 16.31 24.03
CA ASN B 305 -21.21 17.66 24.17
C ASN B 305 -20.09 18.67 24.51
N ASN B 306 -18.92 18.19 24.92
CA ASN B 306 -17.75 19.06 25.15
C ASN B 306 -16.52 18.48 24.47
N SER B 307 -16.64 18.29 23.16
CA SER B 307 -15.63 17.63 22.32
C SER B 307 -14.21 18.19 22.50
N GLN B 308 -14.17 19.50 22.70
CA GLN B 308 -12.95 20.27 22.94
C GLN B 308 -12.15 19.75 24.12
N TYR B 309 -12.83 19.16 25.10
CA TYR B 309 -12.21 18.77 26.35
C TYR B 309 -11.98 17.25 26.51
N ASP B 310 -12.43 16.48 25.52
CA ASP B 310 -12.40 15.04 25.71
C ASP B 310 -11.01 14.55 26.07
N LEU B 311 -9.99 15.09 25.42
CA LEU B 311 -8.62 14.58 25.59
C LEU B 311 -8.07 14.83 26.99
N VAL B 312 -8.17 16.08 27.48
CA VAL B 312 -7.60 16.40 28.80
C VAL B 312 -8.34 15.66 29.90
N ASN B 313 -9.64 15.46 29.73
CA ASN B 313 -10.42 14.65 30.66
C ASN B 313 -9.89 13.20 30.72
N GLY B 314 -9.66 12.63 29.54
CA GLY B 314 -9.07 11.31 29.42
C GLY B 314 -7.71 11.18 30.06
N MET B 315 -6.88 12.19 29.83
CA MET B 315 -5.57 12.25 30.47
C MET B 315 -5.72 12.21 31.98
N TYR B 316 -6.72 12.95 32.48
CA TYR B 316 -6.97 12.96 33.91
C TYR B 316 -7.49 11.63 34.43
N LEU B 317 -8.53 11.08 33.80
CA LEU B 317 -9.12 9.84 34.29
C LEU B 317 -8.36 8.59 33.81
N ILE B 318 -7.13 8.77 33.37
CA ILE B 318 -6.06 7.79 33.64
C ILE B 318 -5.34 8.29 34.91
N MET C 1 -7.65 9.62 -32.24
CA MET C 1 -6.74 8.49 -31.93
C MET C 1 -7.22 7.65 -30.74
N LEU C 2 -6.96 6.36 -30.83
CA LEU C 2 -6.89 5.52 -29.63
C LEU C 2 -5.44 5.57 -29.11
N VAL C 3 -5.26 6.06 -27.88
CA VAL C 3 -3.93 6.20 -27.32
C VAL C 3 -3.82 5.42 -26.02
N PHE C 4 -2.64 4.84 -25.83
CA PHE C 4 -2.48 3.92 -24.73
C PHE C 4 -1.82 4.56 -23.56
N ILE C 5 -2.56 4.56 -22.44
CA ILE C 5 -2.01 5.00 -21.17
C ILE C 5 -2.04 3.87 -20.13
N ASP C 6 -0.85 3.33 -19.90
CA ASP C 6 -0.59 2.55 -18.69
C ASP C 6 -0.45 3.54 -17.56
N ASP C 7 -1.53 3.74 -16.83
CA ASP C 7 -1.49 4.62 -15.65
C ASP C 7 -1.05 3.88 -14.39
N GLY C 8 0.27 3.85 -14.19
CA GLY C 8 0.83 3.30 -12.96
C GLY C 8 0.79 4.33 -11.85
N SER C 9 0.80 3.87 -10.60
CA SER C 9 0.84 4.74 -9.42
C SER C 9 1.90 5.85 -9.45
N THR C 10 3.06 5.51 -9.98
CA THR C 10 4.19 6.43 -9.89
C THR C 10 4.51 7.09 -11.22
N ASN C 11 4.35 6.34 -12.31
CA ASN C 11 4.70 6.82 -13.65
C ASN C 11 3.59 6.53 -14.66
N ILE C 12 3.16 7.58 -15.36
CA ILE C 12 2.23 7.37 -16.48
C ILE C 12 3.07 6.98 -17.68
N LYS C 13 2.73 5.88 -18.32
CA LYS C 13 3.39 5.45 -19.54
C LYS C 13 2.41 5.54 -20.71
N LEU C 14 2.87 6.13 -21.80
CA LEU C 14 2.08 6.40 -22.97
C LEU C 14 2.63 5.64 -24.15
N GLN C 15 1.76 5.02 -24.93
CA GLN C 15 2.09 4.58 -26.27
C GLN C 15 1.03 5.12 -27.23
N TRP C 16 1.51 5.59 -28.38
CA TRP C 16 0.67 6.32 -29.32
C TRP C 16 1.31 6.51 -30.71
N GLN C 17 0.56 6.10 -31.75
CA GLN C 17 1.05 6.05 -33.11
C GLN C 17 0.50 7.19 -33.96
N GLU C 18 1.35 8.19 -34.16
CA GLU C 18 1.05 9.27 -35.09
C GLU C 18 0.84 8.56 -36.43
N SER C 19 -0.26 8.87 -37.11
CA SER C 19 -0.68 8.13 -38.31
C SER C 19 0.42 7.84 -39.34
N ASP C 20 1.60 8.41 -39.17
CA ASP C 20 2.74 8.18 -40.05
C ASP C 20 3.47 6.87 -39.70
N GLY C 21 2.74 5.90 -39.15
CA GLY C 21 3.33 4.72 -38.52
C GLY C 21 4.26 5.01 -37.32
N THR C 22 4.09 6.16 -36.69
CA THR C 22 5.07 6.67 -35.76
C THR C 22 4.57 6.23 -34.44
N ILE C 23 5.10 5.15 -33.85
CA ILE C 23 4.64 4.79 -32.50
C ILE C 23 5.63 5.36 -31.48
N LYS C 24 5.10 6.11 -30.52
CA LYS C 24 5.94 6.84 -29.56
C LYS C 24 5.72 6.31 -28.14
N GLN C 25 6.78 6.27 -27.35
CA GLN C 25 6.72 5.87 -25.94
C GLN C 25 7.10 7.09 -25.13
N HIS C 26 6.22 7.50 -24.21
CA HIS C 26 6.47 8.71 -23.41
C HIS C 26 6.10 8.41 -21.95
N ILE C 27 6.99 8.74 -21.03
CA ILE C 27 6.76 8.45 -19.61
C ILE C 27 6.70 9.74 -18.83
N SER C 28 5.89 9.77 -17.77
CA SER C 28 5.75 10.96 -16.95
C SER C 28 5.61 10.60 -15.45
N PRO C 29 6.63 11.00 -14.64
CA PRO C 29 6.53 10.80 -13.19
C PRO C 29 5.41 11.63 -12.58
N ASN C 30 4.69 11.04 -11.63
CA ASN C 30 3.61 11.75 -10.93
C ASN C 30 4.13 12.33 -9.64
N SER C 31 4.03 13.65 -9.48
CA SER C 31 4.41 14.31 -8.23
C SER C 31 3.72 15.68 -8.19
N PHE C 32 2.65 15.76 -7.39
CA PHE C 32 1.69 16.86 -7.45
C PHE C 32 1.45 17.49 -6.08
N LYS C 33 1.47 18.83 -6.03
CA LYS C 33 1.23 19.54 -4.80
C LYS C 33 -0.13 20.24 -4.87
N ARG C 34 -0.84 20.28 -3.75
CA ARG C 34 -2.25 20.69 -3.75
C ARG C 34 -2.34 22.22 -3.69
N GLU C 35 -1.64 22.89 -4.61
CA GLU C 35 -1.68 24.33 -4.73
C GLU C 35 -1.01 24.73 -6.04
N TRP C 36 -1.22 25.97 -6.40
CA TRP C 36 -0.74 26.42 -7.67
C TRP C 36 0.72 26.81 -7.60
N ALA C 37 1.32 26.84 -8.78
CA ALA C 37 2.72 27.20 -8.99
C ALA C 37 2.85 28.71 -9.14
N VAL C 38 4.03 29.21 -8.83
CA VAL C 38 4.28 30.65 -8.82
C VAL C 38 5.16 31.01 -10.02
N SER C 39 4.73 32.01 -10.77
CA SER C 39 5.27 32.26 -12.10
C SER C 39 6.45 33.24 -12.17
N PHE C 40 7.40 32.96 -13.04
CA PHE C 40 8.18 34.01 -13.68
C PHE C 40 8.23 33.63 -15.16
N GLY C 41 7.78 34.54 -16.04
CA GLY C 41 7.22 34.17 -17.34
C GLY C 41 8.23 33.68 -18.36
N ASP C 42 8.09 32.42 -18.72
CA ASP C 42 9.00 31.67 -19.62
C ASP C 42 8.50 30.20 -19.66
N LYS C 43 7.22 30.07 -19.99
CA LYS C 43 6.43 28.83 -19.88
C LYS C 43 6.46 28.12 -18.51
N LYS C 44 6.52 28.92 -17.45
CA LYS C 44 6.36 28.42 -16.10
C LYS C 44 4.84 28.37 -15.82
N VAL C 45 4.30 27.18 -15.58
CA VAL C 45 2.92 26.94 -15.93
C VAL C 45 2.56 25.48 -15.60
N PHE C 46 1.26 25.23 -15.55
CA PHE C 46 0.64 23.90 -15.42
C PHE C 46 -0.04 23.77 -14.06
N ASN C 47 -1.02 24.64 -13.88
CA ASN C 47 -1.85 24.69 -12.67
C ASN C 47 -3.24 24.18 -12.99
N TYR C 48 -3.69 23.10 -12.34
CA TYR C 48 -4.97 22.47 -12.71
C TYR C 48 -6.00 22.53 -11.60
N THR C 49 -7.26 22.67 -12.03
CA THR C 49 -8.37 22.90 -11.12
C THR C 49 -9.45 21.85 -11.37
N LEU C 50 -9.83 21.14 -10.31
CA LEU C 50 -10.82 20.09 -10.46
C LEU C 50 -11.53 19.92 -9.13
N ASN C 51 -12.83 20.12 -9.15
CA ASN C 51 -13.71 19.79 -8.04
C ASN C 51 -13.22 20.36 -6.71
N GLY C 52 -13.05 21.67 -6.72
CA GLY C 52 -12.72 22.43 -5.52
C GLY C 52 -11.24 22.70 -5.48
N GLU C 53 -10.48 21.77 -4.91
CA GLU C 53 -9.02 21.86 -4.77
C GLU C 53 -8.34 22.12 -6.10
N GLN C 54 -7.13 22.68 -6.02
CA GLN C 54 -6.27 22.74 -7.22
C GLN C 54 -4.88 22.08 -7.05
N TYR C 55 -4.19 21.91 -8.16
CA TYR C 55 -2.94 21.16 -8.16
C TYR C 55 -1.96 21.77 -9.11
N SER C 56 -0.69 21.53 -8.83
CA SER C 56 0.35 21.77 -9.78
C SER C 56 1.50 20.81 -9.52
N PHE C 57 2.35 20.72 -10.52
CA PHE C 57 3.45 19.79 -10.49
C PHE C 57 4.51 20.25 -9.49
N ASP C 58 5.02 19.34 -8.68
CA ASP C 58 6.33 19.58 -8.03
C ASP C 58 7.14 18.29 -7.89
N PRO C 59 8.30 18.23 -8.56
CA PRO C 59 9.14 17.03 -8.47
C PRO C 59 9.91 16.88 -7.14
N ILE C 60 10.14 17.96 -6.41
CA ILE C 60 11.30 17.99 -5.50
C ILE C 60 10.93 17.97 -4.00
N SER C 61 9.77 18.48 -3.63
CA SER C 61 9.52 18.81 -2.23
C SER C 61 8.43 17.95 -1.59
N PRO C 62 8.49 17.80 -0.24
CA PRO C 62 7.36 17.14 0.44
C PRO C 62 6.01 17.85 0.27
N ASP C 63 4.96 17.23 0.79
CA ASP C 63 3.59 17.65 0.50
C ASP C 63 3.27 17.68 -1.03
N ALA C 64 4.07 16.96 -1.82
CA ALA C 64 3.53 16.35 -3.04
C ALA C 64 2.85 15.05 -2.56
N VAL C 65 1.59 14.83 -2.96
CA VAL C 65 0.81 13.79 -2.32
C VAL C 65 1.39 12.40 -2.70
N VAL C 66 1.52 11.57 -1.67
CA VAL C 66 2.02 10.20 -1.85
C VAL C 66 0.91 9.30 -2.36
N THR C 67 1.22 8.63 -3.46
CA THR C 67 0.27 7.88 -4.28
C THR C 67 0.45 6.37 -4.20
N THR C 68 1.17 5.88 -3.20
CA THR C 68 1.36 4.45 -2.99
C THR C 68 0.13 3.70 -2.43
N ASN C 69 -0.87 4.43 -1.96
CA ASN C 69 -2.12 3.83 -1.48
C ASN C 69 -3.08 3.28 -2.56
N ILE C 70 -3.05 1.97 -2.78
CA ILE C 70 -4.22 1.21 -3.30
C ILE C 70 -5.29 1.92 -4.15
N ALA C 71 -6.02 2.86 -3.56
CA ALA C 71 -7.12 3.55 -4.21
C ALA C 71 -6.70 4.61 -5.24
N TRP C 72 -5.41 4.66 -5.57
CA TRP C 72 -4.95 5.53 -6.63
C TRP C 72 -5.73 5.37 -7.96
N GLN C 73 -6.22 4.18 -8.24
CA GLN C 73 -6.97 3.95 -9.46
C GLN C 73 -8.43 4.37 -9.34
N TYR C 74 -8.80 5.17 -8.35
CA TYR C 74 -10.02 5.97 -8.41
C TYR C 74 -9.81 7.36 -7.86
N SER C 75 -8.55 7.78 -7.74
CA SER C 75 -8.24 9.11 -7.20
C SER C 75 -8.57 10.22 -8.21
N ASP C 76 -8.90 11.41 -7.71
CA ASP C 76 -9.01 12.58 -8.57
C ASP C 76 -7.63 13.01 -9.08
N VAL C 77 -6.64 12.92 -8.21
CA VAL C 77 -5.24 13.06 -8.56
C VAL C 77 -4.87 12.27 -9.83
N ASN C 78 -5.35 11.04 -9.93
CA ASN C 78 -5.11 10.22 -11.11
C ASN C 78 -5.48 10.96 -12.38
N VAL C 79 -6.69 11.53 -12.39
CA VAL C 79 -7.15 12.28 -13.57
C VAL C 79 -6.21 13.44 -13.90
N VAL C 80 -5.79 14.15 -12.87
CA VAL C 80 -4.85 15.24 -13.02
C VAL C 80 -3.56 14.72 -13.68
N ALA C 81 -3.07 13.63 -13.10
CA ALA C 81 -1.79 13.05 -13.50
C ALA C 81 -1.80 12.67 -14.97
N VAL C 82 -2.87 11.99 -15.37
CA VAL C 82 -2.98 11.52 -16.76
C VAL C 82 -3.11 12.69 -17.72
N HIS C 83 -3.94 13.67 -17.40
CA HIS C 83 -4.03 14.87 -18.22
C HIS C 83 -2.70 15.55 -18.38
N HIS C 84 -1.97 15.62 -17.27
CA HIS C 84 -0.70 16.36 -17.29
C HIS C 84 0.30 15.66 -18.19
N ALA C 85 0.33 14.32 -18.07
CA ALA C 85 1.23 13.50 -18.86
C ALA C 85 0.96 13.67 -20.34
N LEU C 86 -0.32 13.66 -20.71
CA LEU C 86 -0.66 13.82 -22.13
C LEU C 86 -0.47 15.24 -22.59
N LEU C 87 -0.53 16.23 -21.69
CA LEU C 87 -0.24 17.61 -22.10
C LEU C 87 1.21 17.86 -22.43
N THR C 88 2.11 16.95 -22.06
CA THR C 88 3.52 17.08 -22.41
C THR C 88 3.95 16.10 -23.50
N SER C 89 2.99 15.56 -24.24
CA SER C 89 3.25 14.57 -25.28
C SER C 89 3.84 15.15 -26.56
N GLY C 90 3.46 16.39 -26.88
CA GLY C 90 3.72 16.94 -28.21
C GLY C 90 2.65 16.47 -29.19
N LEU C 91 1.44 16.34 -28.66
CA LEU C 91 0.30 15.98 -29.48
C LEU C 91 -0.58 17.19 -29.79
N PRO C 92 -1.30 17.14 -30.92
CA PRO C 92 -2.31 18.17 -31.16
C PRO C 92 -3.48 18.05 -30.19
N VAL C 93 -3.65 19.06 -29.33
CA VAL C 93 -4.73 19.04 -28.35
C VAL C 93 -6.04 18.73 -29.09
N SER C 94 -6.88 17.87 -28.50
CA SER C 94 -8.12 17.43 -29.16
C SER C 94 -8.96 16.52 -28.27
N GLU C 95 -10.07 16.07 -28.84
CA GLU C 95 -10.75 14.90 -28.34
C GLU C 95 -9.94 13.68 -28.79
N VAL C 96 -9.90 12.65 -27.96
CA VAL C 96 -9.21 11.41 -28.29
C VAL C 96 -9.80 10.29 -27.46
N ASP C 97 -9.37 9.06 -27.68
CA ASP C 97 -9.93 7.90 -26.98
C ASP C 97 -8.75 7.17 -26.37
N ILE C 98 -8.97 6.49 -25.27
CA ILE C 98 -7.84 5.87 -24.60
C ILE C 98 -8.15 4.50 -24.06
N VAL C 99 -7.08 3.73 -23.88
CA VAL C 99 -7.15 2.53 -23.08
C VAL C 99 -6.21 2.79 -21.90
N CYS C 100 -6.63 2.22 -20.77
CA CYS C 100 -5.88 2.37 -19.53
C CYS C 100 -5.80 1.01 -18.82
N THR C 101 -5.22 1.00 -17.63
CA THR C 101 -4.98 -0.21 -16.87
C THR C 101 -6.05 -0.40 -15.73
N LEU C 102 -6.09 -1.60 -15.21
CA LEU C 102 -6.41 -1.86 -13.81
C LEU C 102 -5.42 -2.91 -13.29
N PRO C 103 -5.10 -2.86 -11.98
CA PRO C 103 -4.36 -3.91 -11.30
C PRO C 103 -5.07 -5.25 -11.43
N LEU C 104 -4.30 -6.33 -11.35
CA LEU C 104 -4.84 -7.68 -11.48
C LEU C 104 -6.03 -7.96 -10.56
N THR C 105 -5.95 -7.53 -9.30
CA THR C 105 -6.95 -7.83 -8.30
C THR C 105 -8.26 -7.08 -8.50
N GLU C 106 -8.23 -6.02 -9.31
CA GLU C 106 -9.35 -5.11 -9.49
C GLU C 106 -10.39 -5.59 -10.48
N TYR C 107 -9.91 -6.24 -11.54
CA TYR C 107 -10.77 -6.84 -12.59
C TYR C 107 -11.57 -8.04 -12.12
N TYR C 108 -11.05 -8.75 -11.12
CA TYR C 108 -11.45 -10.13 -10.87
C TYR C 108 -11.90 -10.29 -9.43
N ASP C 109 -12.27 -11.50 -9.07
CA ASP C 109 -13.08 -11.73 -7.85
C ASP C 109 -12.97 -13.20 -7.44
N ARG C 110 -14.00 -13.78 -6.82
CA ARG C 110 -13.92 -15.17 -6.34
C ARG C 110 -14.12 -16.19 -7.48
N ASN C 111 -15.07 -15.87 -8.36
CA ASN C 111 -15.23 -16.62 -9.59
C ASN C 111 -14.72 -15.83 -10.76
N ASN C 112 -13.41 -15.55 -10.72
CA ASN C 112 -12.53 -15.15 -11.83
C ASN C 112 -13.18 -14.66 -13.11
N GLN C 113 -14.10 -13.71 -12.93
CA GLN C 113 -14.74 -13.03 -14.01
C GLN C 113 -14.49 -11.52 -13.86
N PRO C 114 -14.56 -10.78 -14.96
CA PRO C 114 -14.53 -9.32 -14.94
C PRO C 114 -15.39 -8.67 -13.83
N ASN C 115 -14.83 -7.71 -13.11
CA ASN C 115 -15.56 -7.03 -12.05
C ASN C 115 -16.12 -5.73 -12.62
N THR C 116 -17.12 -5.89 -13.46
CA THR C 116 -17.77 -4.80 -14.20
C THR C 116 -17.97 -3.54 -13.36
N GLU C 117 -18.32 -3.73 -12.09
CA GLU C 117 -18.48 -2.59 -11.20
C GLU C 117 -17.19 -1.78 -11.11
N ASN C 118 -16.10 -2.44 -10.74
CA ASN C 118 -14.82 -1.74 -10.63
C ASN C 118 -14.30 -1.26 -11.98
N ILE C 119 -14.53 -2.02 -13.04
CA ILE C 119 -14.16 -1.59 -14.39
C ILE C 119 -14.87 -0.27 -14.77
N GLU C 120 -16.12 -0.12 -14.35
CA GLU C 120 -16.90 1.02 -14.76
C GLU C 120 -16.66 2.23 -13.87
N ARG C 121 -16.43 1.99 -12.59
CA ARG C 121 -15.98 3.10 -11.72
C ARG C 121 -14.75 3.75 -12.33
N LYS C 122 -13.87 2.93 -12.90
CA LYS C 122 -12.63 3.38 -13.52
C LYS C 122 -12.91 4.31 -14.70
N LYS C 123 -13.77 3.85 -15.62
CA LYS C 123 -14.19 4.62 -16.80
C LYS C 123 -14.80 5.94 -16.45
N ALA C 124 -15.57 5.95 -15.37
CA ALA C 124 -16.30 7.13 -14.94
C ALA C 124 -15.37 8.22 -14.40
N ASN C 125 -14.27 7.78 -13.77
CA ASN C 125 -13.30 8.72 -13.21
C ASN C 125 -12.78 9.67 -14.29
N PHE C 126 -12.52 9.16 -15.49
CA PHE C 126 -11.99 10.02 -16.57
C PHE C 126 -13.08 10.88 -17.25
N ARG C 127 -14.26 10.96 -16.66
CA ARG C 127 -15.27 11.91 -17.12
C ARG C 127 -15.16 13.23 -16.35
N LYS C 128 -14.52 13.15 -15.17
CA LYS C 128 -14.38 14.31 -14.30
C LYS C 128 -13.90 15.51 -15.12
N LYS C 129 -14.46 16.67 -14.83
CA LYS C 129 -14.10 17.89 -15.53
C LYS C 129 -12.93 18.60 -14.85
N ILE C 130 -12.01 19.10 -15.67
CA ILE C 130 -10.76 19.66 -15.19
C ILE C 130 -10.39 20.89 -16.02
N THR C 131 -9.86 21.92 -15.37
CA THR C 131 -9.39 23.10 -16.12
C THR C 131 -7.91 23.35 -15.88
N LEU C 132 -7.15 23.50 -16.97
CA LEU C 132 -5.88 24.22 -16.94
C LEU C 132 -6.14 25.65 -17.41
N ASN C 133 -5.62 26.62 -16.65
CA ASN C 133 -5.74 28.08 -16.85
C ASN C 133 -5.58 28.64 -18.28
N GLY C 134 -4.40 29.18 -18.61
CA GLY C 134 -4.17 29.76 -19.92
C GLY C 134 -3.86 28.64 -20.86
N GLY C 135 -4.90 27.98 -21.38
CA GLY C 135 -4.72 26.87 -22.30
C GLY C 135 -5.87 25.87 -22.28
N ASP C 136 -6.06 25.16 -23.38
CA ASP C 136 -7.06 24.10 -23.45
C ASP C 136 -6.43 22.74 -23.19
N THR C 137 -7.18 21.91 -22.47
CA THR C 137 -6.82 20.52 -22.21
C THR C 137 -7.35 19.63 -23.33
N PHE C 138 -6.68 18.51 -23.57
CA PHE C 138 -7.23 17.48 -24.47
C PHE C 138 -8.55 17.03 -23.83
N THR C 139 -9.48 16.57 -24.65
CA THR C 139 -10.73 16.02 -24.14
C THR C 139 -10.64 14.50 -24.26
N ILE C 140 -10.95 13.78 -23.20
CA ILE C 140 -10.89 12.33 -23.26
C ILE C 140 -12.30 11.78 -23.48
N LYS C 141 -12.50 11.23 -24.68
CA LYS C 141 -13.82 10.72 -25.10
C LYS C 141 -14.03 9.27 -24.61
N ASP C 142 -13.69 8.29 -25.43
CA ASP C 142 -14.02 6.90 -25.16
C ASP C 142 -12.93 6.24 -24.32
N VAL C 143 -13.34 5.49 -23.31
CA VAL C 143 -12.42 4.81 -22.40
C VAL C 143 -12.64 3.30 -22.33
N LYS C 144 -11.56 2.53 -22.46
CA LYS C 144 -11.60 1.11 -22.08
C LYS C 144 -10.42 0.67 -21.23
N VAL C 145 -10.59 -0.47 -20.59
CA VAL C 145 -9.62 -0.98 -19.62
C VAL C 145 -9.00 -2.30 -20.06
N MET C 146 -7.75 -2.52 -19.65
CA MET C 146 -7.10 -3.82 -19.79
C MET C 146 -6.48 -4.20 -18.43
N PRO C 147 -6.25 -5.48 -18.16
CA PRO C 147 -5.58 -5.81 -16.88
C PRO C 147 -4.08 -5.59 -16.95
N GLU C 148 -3.47 -5.46 -15.77
CA GLU C 148 -2.00 -5.28 -15.66
C GLU C 148 -1.19 -6.57 -15.41
N SER C 149 -1.14 -7.44 -16.42
CA SER C 149 -0.33 -8.67 -16.38
C SER C 149 -0.04 -9.16 -17.80
N ILE C 150 -1.10 -9.54 -18.50
CA ILE C 150 -1.02 -10.28 -19.77
C ILE C 150 -0.07 -9.67 -20.82
N PRO C 151 -0.41 -8.43 -21.24
CA PRO C 151 0.08 -8.00 -22.55
C PRO C 151 1.59 -7.88 -22.64
N ALA C 152 2.29 -7.76 -21.52
CA ALA C 152 3.75 -7.67 -21.55
C ALA C 152 4.42 -8.97 -22.02
N GLY C 153 3.73 -10.09 -21.89
CA GLY C 153 4.25 -11.34 -22.43
C GLY C 153 4.00 -11.52 -23.92
N TYR C 154 3.38 -10.53 -24.56
CA TYR C 154 2.68 -10.80 -25.84
C TYR C 154 3.58 -11.41 -26.91
N GLU C 155 4.61 -10.71 -27.32
CA GLU C 155 5.48 -11.22 -28.38
C GLU C 155 6.04 -12.59 -27.99
N VAL C 156 6.62 -12.69 -26.79
CA VAL C 156 7.25 -13.94 -26.36
C VAL C 156 6.25 -15.10 -26.35
N LEU C 157 5.03 -14.84 -25.89
CA LEU C 157 4.00 -15.88 -25.82
C LEU C 157 3.66 -16.43 -27.21
N GLN C 158 3.83 -15.58 -28.23
CA GLN C 158 3.49 -15.97 -29.60
C GLN C 158 4.32 -17.17 -30.10
N GLU C 159 5.62 -17.11 -29.87
CA GLU C 159 6.55 -18.09 -30.37
C GLU C 159 6.91 -18.93 -29.15
N LEU C 160 5.89 -19.50 -28.53
CA LEU C 160 6.11 -20.40 -27.37
C LEU C 160 5.76 -21.86 -27.65
N ASP C 161 4.48 -22.09 -27.94
CA ASP C 161 3.87 -23.37 -28.39
C ASP C 161 2.42 -23.43 -27.83
N GLU C 162 1.92 -24.62 -27.48
CA GLU C 162 0.60 -24.76 -26.89
C GLU C 162 0.52 -25.59 -25.60
N LEU C 163 1.63 -26.18 -25.15
CA LEU C 163 1.60 -27.07 -24.00
C LEU C 163 2.46 -26.57 -22.84
N ASP C 164 2.97 -25.35 -22.94
CA ASP C 164 3.91 -24.82 -21.96
C ASP C 164 3.45 -23.46 -21.42
N SER C 165 4.06 -22.98 -20.35
CA SER C 165 3.53 -21.80 -19.65
C SER C 165 4.56 -20.76 -19.24
N LEU C 166 4.20 -19.51 -19.47
CA LEU C 166 5.07 -18.38 -19.21
C LEU C 166 4.61 -17.62 -17.95
N LEU C 167 5.49 -17.54 -16.97
CA LEU C 167 5.22 -16.79 -15.77
C LEU C 167 5.64 -15.33 -15.96
N ILE C 168 4.66 -14.44 -15.95
CA ILE C 168 4.95 -13.01 -16.05
C ILE C 168 4.88 -12.40 -14.66
N ILE C 169 6.04 -11.96 -14.17
CA ILE C 169 6.14 -11.24 -12.90
C ILE C 169 6.17 -9.72 -13.11
N ASP C 170 5.06 -9.06 -12.79
CA ASP C 170 4.97 -7.58 -12.83
C ASP C 170 5.18 -6.97 -11.46
N LEU C 171 6.34 -6.38 -11.20
CA LEU C 171 6.48 -5.66 -9.91
C LEU C 171 6.46 -4.16 -10.15
N GLY C 172 5.41 -3.53 -9.63
CA GLY C 172 5.26 -2.08 -9.68
C GLY C 172 5.52 -1.40 -8.34
N GLY C 173 5.20 -0.12 -8.26
CA GLY C 173 5.37 0.65 -7.03
C GLY C 173 4.47 0.20 -5.90
N THR C 174 3.22 -0.09 -6.25
CA THR C 174 2.24 -0.55 -5.27
C THR C 174 2.01 -2.06 -5.29
N THR C 175 1.99 -2.67 -6.48
CA THR C 175 1.41 -4.01 -6.64
C THR C 175 2.37 -5.04 -7.24
N LEU C 176 2.40 -6.24 -6.69
CA LEU C 176 3.05 -7.39 -7.31
C LEU C 176 1.98 -8.20 -8.04
N ASP C 177 2.03 -8.19 -9.35
CA ASP C 177 1.06 -8.92 -10.17
C ASP C 177 1.76 -10.09 -10.86
N ILE C 178 1.29 -11.31 -10.56
CA ILE C 178 1.87 -12.50 -11.21
C ILE C 178 0.80 -13.25 -12.01
N SER C 179 1.17 -13.68 -13.20
CA SER C 179 0.29 -14.48 -14.02
C SER C 179 1.09 -15.58 -14.69
N GLN C 180 0.43 -16.72 -14.87
CA GLN C 180 1.00 -17.84 -15.61
C GLN C 180 0.05 -18.07 -16.78
N VAL C 181 0.61 -18.02 -17.97
CA VAL C 181 -0.15 -18.10 -19.23
C VAL C 181 0.37 -19.29 -20.02
N MET C 182 -0.47 -20.28 -20.33
CA MET C 182 0.00 -21.46 -21.06
C MET C 182 0.11 -21.18 -22.56
N GLY C 183 1.34 -21.23 -23.09
CA GLY C 183 1.59 -21.38 -24.53
C GLY C 183 0.81 -20.51 -25.49
N LYS C 184 1.30 -19.31 -25.74
CA LYS C 184 0.49 -18.23 -26.30
C LYS C 184 -0.65 -17.86 -25.35
N LEU C 185 -1.43 -16.84 -25.70
CA LEU C 185 -2.61 -16.46 -24.95
C LEU C 185 -3.76 -17.42 -25.35
N SER C 186 -3.39 -18.67 -25.58
CA SER C 186 -4.31 -19.76 -25.77
C SER C 186 -5.01 -20.15 -24.46
N GLY C 187 -4.34 -19.87 -23.35
CA GLY C 187 -4.88 -20.18 -22.02
C GLY C 187 -4.16 -19.40 -20.92
N ILE C 188 -4.86 -19.11 -19.83
CA ILE C 188 -4.24 -18.42 -18.69
C ILE C 188 -4.56 -19.22 -17.42
N SER C 189 -3.55 -19.90 -16.89
CA SER C 189 -3.78 -20.88 -15.86
C SER C 189 -4.18 -20.20 -14.58
N LYS C 190 -3.36 -19.26 -14.15
CA LYS C 190 -3.50 -18.70 -12.79
C LYS C 190 -2.96 -17.29 -12.69
N ILE C 191 -3.68 -16.46 -11.95
CA ILE C 191 -3.30 -15.07 -11.72
C ILE C 191 -3.09 -14.89 -10.22
N TYR C 192 -2.44 -13.79 -9.83
CA TYR C 192 -2.37 -13.41 -8.44
C TYR C 192 -1.92 -11.97 -8.30
N GLY C 193 -2.61 -11.24 -7.44
CA GLY C 193 -2.31 -9.82 -7.22
C GLY C 193 -2.17 -9.49 -5.75
N ASP C 194 -1.05 -8.88 -5.39
CA ASP C 194 -0.76 -8.55 -4.01
C ASP C 194 -0.47 -7.04 -3.94
N SER C 195 -1.49 -6.27 -3.55
CA SER C 195 -1.46 -4.82 -3.64
C SER C 195 -0.70 -4.17 -2.45
N SER C 196 -0.23 -5.00 -1.53
CA SER C 196 0.54 -4.55 -0.38
C SER C 196 2.03 -4.79 -0.60
N LEU C 197 2.37 -5.50 -1.69
CA LEU C 197 3.76 -5.77 -2.00
C LEU C 197 4.19 -5.05 -3.28
N GLY C 198 4.79 -3.88 -3.06
CA GLY C 198 5.32 -3.09 -4.14
C GLY C 198 6.71 -2.61 -3.78
N VAL C 199 7.33 -1.92 -4.73
CA VAL C 199 8.62 -1.24 -4.51
C VAL C 199 8.54 -0.25 -3.37
N SER C 200 7.31 0.22 -3.09
CA SER C 200 7.04 1.15 -1.98
C SER C 200 7.72 0.76 -0.68
N LEU C 201 7.84 -0.55 -0.47
CA LEU C 201 8.42 -1.05 0.75
C LEU C 201 9.74 -0.39 1.10
N VAL C 202 10.63 -0.27 0.13
CA VAL C 202 11.95 0.30 0.38
C VAL C 202 11.86 1.81 0.30
N THR C 203 11.22 2.34 -0.74
CA THR C 203 10.99 3.80 -0.85
C THR C 203 10.50 4.39 0.46
N SER C 204 9.43 3.82 1.02
CA SER C 204 8.87 4.29 2.29
C SER C 204 9.70 4.03 3.55
N ALA C 205 10.77 3.26 3.49
CA ALA C 205 11.82 3.34 4.53
C ALA C 205 12.82 4.44 4.20
N VAL C 206 13.28 4.48 2.96
CA VAL C 206 14.36 5.40 2.58
C VAL C 206 13.96 6.86 2.66
N LYS C 207 12.67 7.17 2.48
CA LYS C 207 12.12 8.49 2.77
C LYS C 207 12.42 8.92 4.20
N ASP C 208 12.13 8.02 5.13
CA ASP C 208 12.36 8.33 6.52
C ASP C 208 13.87 8.44 6.81
N ALA C 209 14.71 7.70 6.09
CA ALA C 209 16.16 7.75 6.30
C ALA C 209 16.70 9.07 5.82
N LEU C 210 16.19 9.51 4.68
CA LEU C 210 16.58 10.80 4.14
C LEU C 210 16.18 11.93 5.11
N SER C 211 15.03 11.81 5.77
CA SER C 211 14.66 12.82 6.77
C SER C 211 15.65 12.82 7.95
N LEU C 212 16.09 11.63 8.37
CA LEU C 212 17.14 11.53 9.39
C LEU C 212 18.41 12.23 8.91
N ALA C 213 18.69 12.07 7.61
CA ALA C 213 19.83 12.74 6.99
C ALA C 213 19.53 14.17 6.57
N ARG C 214 18.52 14.76 7.20
CA ARG C 214 18.19 16.17 6.98
C ARG C 214 17.92 16.48 5.52
N THR C 215 17.30 15.54 4.83
CA THR C 215 17.00 15.72 3.42
C THR C 215 15.56 15.33 3.28
N LYS C 216 14.67 16.05 3.95
CA LYS C 216 13.22 15.74 3.86
C LYS C 216 12.73 16.16 2.48
N GLY C 217 12.28 15.18 1.69
CA GLY C 217 12.10 15.38 0.26
C GLY C 217 10.93 14.67 -0.36
N SER C 218 10.83 14.80 -1.68
CA SER C 218 9.77 14.15 -2.45
C SER C 218 10.04 12.66 -2.61
N SER C 219 8.97 11.93 -2.88
CA SER C 219 9.07 10.53 -3.19
C SER C 219 9.99 10.36 -4.40
N TYR C 220 9.83 11.26 -5.36
CA TYR C 220 10.63 11.22 -6.58
C TYR C 220 12.14 11.27 -6.31
N LEU C 221 12.58 12.17 -5.45
CA LEU C 221 13.99 12.27 -5.08
C LEU C 221 14.48 10.97 -4.43
N ALA C 222 13.61 10.37 -3.63
CA ALA C 222 13.94 9.14 -2.95
C ALA C 222 14.13 8.02 -3.96
N ASP C 223 13.28 8.01 -4.99
CA ASP C 223 13.39 7.01 -6.03
C ASP C 223 14.64 7.26 -6.81
N ASP C 224 15.02 8.53 -6.91
CA ASP C 224 16.22 8.88 -7.64
C ASP C 224 17.46 8.35 -6.94
N ILE C 225 17.39 8.27 -5.62
CA ILE C 225 18.43 7.65 -4.79
C ILE C 225 18.49 6.14 -5.01
N ILE C 226 17.31 5.55 -5.08
CA ILE C 226 17.22 4.11 -5.28
C ILE C 226 17.76 3.76 -6.69
N ILE C 227 17.45 4.58 -7.68
CA ILE C 227 17.90 4.30 -9.03
C ILE C 227 19.41 4.38 -9.11
N HIS C 228 19.99 5.34 -8.41
CA HIS C 228 21.46 5.50 -8.45
C HIS C 228 22.14 4.94 -7.22
N ARG C 229 21.59 3.87 -6.67
CA ARG C 229 22.13 3.22 -5.49
C ARG C 229 23.62 2.86 -5.63
N LYS C 230 24.09 2.60 -6.85
CA LYS C 230 25.44 2.12 -7.06
C LYS C 230 26.56 3.17 -7.02
N ASP C 231 26.27 4.44 -7.29
CA ASP C 231 27.32 5.46 -7.27
C ASP C 231 27.26 6.36 -6.03
N ASN C 232 28.14 6.08 -5.08
CA ASN C 232 28.34 6.95 -3.90
C ASN C 232 28.61 8.42 -4.21
N ASN C 233 29.26 8.69 -5.34
CA ASN C 233 29.51 10.07 -5.76
C ASN C 233 28.23 10.76 -6.21
N TYR C 234 27.39 10.03 -6.93
CA TYR C 234 26.09 10.55 -7.33
C TYR C 234 25.29 10.90 -6.09
N LEU C 235 25.22 9.95 -5.17
CA LEU C 235 24.52 10.15 -3.91
C LEU C 235 25.09 11.25 -3.04
N LYS C 236 26.37 11.61 -3.21
CA LYS C 236 26.91 12.82 -2.58
C LYS C 236 26.22 14.12 -3.12
N GLN C 237 25.89 14.11 -4.39
CA GLN C 237 25.25 15.25 -5.03
C GLN C 237 23.75 15.36 -4.72
N ARG C 238 23.19 14.46 -3.91
CA ARG C 238 21.79 14.48 -3.57
C ARG C 238 21.51 14.47 -2.09
N ILE C 239 22.35 13.76 -1.31
CA ILE C 239 22.21 13.70 0.17
C ILE C 239 22.78 14.96 0.82
N ASN C 240 21.92 15.75 1.46
CA ASN C 240 22.29 17.10 1.81
C ASN C 240 23.20 17.08 3.03
N ASP C 241 24.48 17.19 2.71
CA ASP C 241 25.55 17.62 3.60
C ASP C 241 25.80 16.62 4.71
N GLU C 242 26.63 15.61 4.45
CA GLU C 242 26.88 14.58 5.45
C GLU C 242 27.95 13.54 5.10
N ASN C 243 28.72 13.16 6.12
CA ASN C 243 29.35 11.82 6.17
C ASN C 243 28.31 10.69 6.36
N LYS C 244 27.15 11.03 6.90
CA LYS C 244 26.03 10.11 7.00
C LYS C 244 25.30 9.78 5.67
N ILE C 245 25.99 9.75 4.55
CA ILE C 245 25.59 8.77 3.52
C ILE C 245 25.47 7.38 4.19
N SER C 246 26.39 7.09 5.09
CA SER C 246 26.42 5.83 5.82
C SER C 246 25.13 5.42 6.53
N ILE C 247 24.39 6.37 7.10
CA ILE C 247 23.16 5.98 7.76
C ILE C 247 22.10 5.54 6.72
N VAL C 248 22.11 6.22 5.59
CA VAL C 248 21.08 6.06 4.59
C VAL C 248 21.31 4.78 3.80
N THR C 249 22.53 4.56 3.35
CA THR C 249 22.84 3.41 2.50
C THR C 249 22.53 2.09 3.17
N GLU C 250 22.95 1.94 4.43
CA GLU C 250 22.67 0.71 5.18
C GLU C 250 21.17 0.50 5.44
N ALA C 251 20.47 1.55 5.84
CA ALA C 251 19.03 1.42 6.04
C ALA C 251 18.38 1.02 4.72
N MET C 252 18.85 1.63 3.62
CA MET C 252 18.34 1.27 2.32
C MET C 252 18.67 -0.18 1.98
N ASN C 253 19.90 -0.59 2.25
CA ASN C 253 20.32 -1.95 1.90
C ASN C 253 19.59 -3.03 2.67
N GLU C 254 19.35 -2.79 3.95
CA GLU C 254 18.62 -3.71 4.80
C GLU C 254 17.21 -3.91 4.29
N ALA C 255 16.54 -2.80 4.04
CA ALA C 255 15.16 -2.87 3.58
C ALA C 255 15.03 -3.50 2.18
N LEU C 256 16.02 -3.24 1.32
CA LEU C 256 16.15 -3.93 0.03
C LEU C 256 16.22 -5.44 0.16
N ARG C 257 17.05 -5.93 1.09
CA ARG C 257 17.19 -7.38 1.27
C ARG C 257 15.89 -7.95 1.77
N LYS C 258 15.19 -7.20 2.61
CA LYS C 258 13.94 -7.67 3.15
C LYS C 258 12.80 -7.58 2.18
N LEU C 259 12.93 -6.87 1.05
CA LEU C 259 11.91 -7.03 0.01
C LEU C 259 11.95 -8.43 -0.56
N GLU C 260 13.14 -8.86 -0.97
CA GLU C 260 13.30 -10.09 -1.76
C GLU C 260 12.56 -11.29 -1.17
N GLN C 261 12.83 -11.57 0.11
CA GLN C 261 12.21 -12.64 0.86
C GLN C 261 10.71 -12.72 0.66
N ARG C 262 10.03 -11.59 0.87
CA ARG C 262 8.57 -11.65 0.82
C ARG C 262 8.10 -11.82 -0.61
N VAL C 263 8.80 -11.24 -1.60
CA VAL C 263 8.42 -11.45 -2.99
C VAL C 263 8.63 -12.92 -3.40
N LEU C 264 9.76 -13.51 -3.02
CA LEU C 264 10.01 -14.90 -3.42
C LEU C 264 9.02 -15.87 -2.79
N ASN C 265 8.69 -15.65 -1.52
CA ASN C 265 7.68 -16.44 -0.83
C ASN C 265 6.36 -16.45 -1.60
N THR C 266 6.04 -15.29 -2.17
CA THR C 266 4.80 -15.14 -2.94
C THR C 266 4.82 -15.98 -4.21
N LEU C 267 6.00 -16.15 -4.80
CA LEU C 267 6.14 -16.89 -6.05
C LEU C 267 5.86 -18.36 -5.82
N ASN C 268 6.27 -18.88 -4.66
CA ASN C 268 6.06 -20.29 -4.38
C ASN C 268 4.57 -20.65 -4.22
N GLU C 269 3.69 -19.71 -4.56
CA GLU C 269 2.26 -20.04 -4.74
C GLU C 269 1.96 -20.65 -6.13
N PHE C 270 2.88 -20.45 -7.07
CA PHE C 270 2.72 -20.96 -8.42
C PHE C 270 3.67 -22.11 -8.68
N SER C 271 3.33 -22.94 -9.66
CA SER C 271 4.26 -23.97 -10.13
C SER C 271 3.97 -24.42 -11.54
N GLY C 272 4.97 -25.07 -12.13
CA GLY C 272 4.84 -25.66 -13.47
C GLY C 272 5.08 -24.69 -14.61
N TYR C 273 5.71 -23.59 -14.27
CA TYR C 273 6.03 -22.55 -15.25
C TYR C 273 7.23 -23.03 -16.07
N THR C 274 7.16 -22.94 -17.39
CA THR C 274 8.26 -23.37 -18.24
C THR C 274 9.20 -22.20 -18.56
N HIS C 275 8.58 -21.04 -18.68
CA HIS C 275 9.26 -19.80 -19.01
C HIS C 275 8.93 -18.70 -18.01
N VAL C 276 9.90 -17.86 -17.70
CA VAL C 276 9.71 -16.84 -16.68
C VAL C 276 10.15 -15.49 -17.20
N MET C 277 9.26 -14.50 -17.10
CA MET C 277 9.60 -13.13 -17.44
C MET C 277 9.29 -12.17 -16.30
N VAL C 278 10.11 -11.13 -16.21
CA VAL C 278 10.04 -10.11 -15.16
C VAL C 278 9.91 -8.74 -15.82
N ILE C 279 8.78 -8.04 -15.64
CA ILE C 279 8.53 -6.73 -16.23
C ILE C 279 8.19 -5.66 -15.18
N GLY C 280 8.22 -4.40 -15.60
CA GLY C 280 8.15 -3.28 -14.65
C GLY C 280 9.52 -2.72 -14.30
N GLY C 281 9.56 -1.48 -13.83
CA GLY C 281 10.82 -0.85 -13.45
C GLY C 281 11.48 -1.60 -12.32
N GLY C 282 10.66 -2.12 -11.41
CA GLY C 282 11.14 -2.97 -10.33
C GLY C 282 11.80 -4.28 -10.74
N ALA C 283 11.55 -4.76 -11.97
CA ALA C 283 12.24 -5.96 -12.46
C ALA C 283 13.75 -5.87 -12.27
N GLU C 284 14.30 -4.69 -12.55
CA GLU C 284 15.72 -4.45 -12.46
C GLU C 284 16.25 -4.85 -11.08
N LEU C 285 15.44 -4.56 -10.07
CA LEU C 285 15.83 -4.68 -8.66
C LEU C 285 15.83 -6.11 -8.14
N ILE C 286 14.95 -6.96 -8.69
CA ILE C 286 14.83 -8.33 -8.15
C ILE C 286 15.24 -9.46 -9.10
N CYS C 287 15.59 -9.11 -10.33
CA CYS C 287 15.80 -10.05 -11.44
C CYS C 287 16.69 -11.26 -11.09
N ASP C 288 17.89 -10.96 -10.60
CA ASP C 288 18.85 -12.02 -10.30
C ASP C 288 18.33 -12.99 -9.26
N ALA C 289 17.71 -12.52 -8.18
CA ALA C 289 17.22 -13.42 -7.13
C ALA C 289 16.14 -14.37 -7.65
N VAL C 290 15.30 -13.85 -8.52
CA VAL C 290 14.24 -14.67 -9.13
C VAL C 290 14.86 -15.73 -10.04
N LYS C 291 15.65 -15.28 -11.01
CA LYS C 291 16.30 -16.16 -11.98
C LYS C 291 16.97 -17.32 -11.25
N LYS C 292 17.75 -16.98 -10.24
CA LYS C 292 18.47 -18.01 -9.47
C LYS C 292 17.52 -18.88 -8.67
N HIS C 293 16.51 -18.31 -8.00
CA HIS C 293 15.59 -19.12 -7.22
C HIS C 293 14.78 -20.12 -8.05
N THR C 294 14.50 -19.80 -9.32
CA THR C 294 13.64 -20.67 -10.12
C THR C 294 14.39 -21.64 -11.05
N GLN C 295 15.71 -21.63 -10.99
CA GLN C 295 16.51 -22.63 -11.67
C GLN C 295 16.14 -22.78 -13.13
N ILE C 296 15.67 -21.70 -13.75
CA ILE C 296 15.36 -21.73 -15.19
C ILE C 296 16.69 -21.63 -15.97
N ARG C 297 16.84 -22.41 -17.05
CA ARG C 297 18.01 -22.25 -17.91
C ARG C 297 17.87 -21.03 -18.82
N ASP C 298 19.03 -20.47 -19.12
CA ASP C 298 19.14 -19.15 -19.73
C ASP C 298 18.11 -18.89 -20.81
N GLU C 299 17.93 -19.86 -21.71
CA GLU C 299 17.08 -19.69 -22.89
C GLU C 299 15.60 -19.53 -22.55
N ARG C 300 15.22 -19.85 -21.32
CA ARG C 300 13.82 -19.78 -20.92
C ARG C 300 13.53 -18.52 -20.08
N PHE C 301 14.53 -17.66 -19.90
CA PHE C 301 14.36 -16.47 -19.08
C PHE C 301 14.48 -15.21 -19.93
N PHE C 302 13.43 -14.37 -19.96
CA PHE C 302 13.45 -13.15 -20.79
C PHE C 302 13.21 -11.90 -19.96
N LYS C 303 14.24 -11.05 -19.89
CA LYS C 303 14.19 -9.80 -19.13
C LYS C 303 14.75 -8.69 -20.04
N THR C 304 13.91 -7.70 -20.31
CA THR C 304 14.09 -6.81 -21.43
C THR C 304 14.88 -5.57 -21.02
N ASN C 305 15.24 -4.78 -22.01
CA ASN C 305 16.09 -3.61 -21.84
C ASN C 305 15.28 -2.36 -21.49
N ASN C 306 13.97 -2.40 -21.67
CA ASN C 306 13.08 -1.30 -21.24
C ASN C 306 11.88 -1.86 -20.46
N SER C 307 12.22 -2.58 -19.39
CA SER C 307 11.25 -3.30 -18.54
C SER C 307 10.04 -2.45 -18.09
N GLN C 308 10.34 -1.19 -17.83
CA GLN C 308 9.39 -0.18 -17.44
C GLN C 308 8.24 -0.01 -18.43
N TYR C 309 8.52 -0.28 -19.70
CA TYR C 309 7.55 -0.02 -20.77
C TYR C 309 6.88 -1.28 -21.34
N ASP C 310 7.27 -2.46 -20.84
CA ASP C 310 6.80 -3.67 -21.47
C ASP C 310 5.27 -3.70 -21.56
N LEU C 311 4.60 -3.27 -20.48
CA LEU C 311 3.15 -3.39 -20.41
C LEU C 311 2.42 -2.51 -21.41
N VAL C 312 2.77 -1.22 -21.47
CA VAL C 312 2.06 -0.30 -22.39
C VAL C 312 2.32 -0.68 -23.83
N ASN C 313 3.52 -1.17 -24.12
CA ASN C 313 3.82 -1.68 -25.46
C ASN C 313 2.91 -2.87 -25.82
N GLY C 314 2.76 -3.80 -24.89
CA GLY C 314 1.86 -4.92 -25.04
C GLY C 314 0.41 -4.53 -25.25
N MET C 315 -0.04 -3.55 -24.48
CA MET C 315 -1.37 -2.99 -24.64
C MET C 315 -1.54 -2.46 -26.06
N TYR C 316 -0.50 -1.78 -26.56
CA TYR C 316 -0.54 -1.26 -27.91
C TYR C 316 -0.56 -2.36 -28.96
N LEU C 317 0.39 -3.30 -28.89
CA LEU C 317 0.48 -4.33 -29.91
C LEU C 317 -0.49 -5.51 -29.68
N ILE C 318 -1.51 -5.29 -28.85
CA ILE C 318 -2.84 -5.86 -29.08
C ILE C 318 -3.62 -4.77 -29.82
N MET D 1 12.53 -30.39 30.13
CA MET D 1 11.28 -31.11 29.74
C MET D 1 11.25 -31.48 28.28
N LEU D 2 10.66 -32.63 27.99
CA LEU D 2 10.11 -32.91 26.67
C LEU D 2 8.66 -32.37 26.64
N VAL D 3 8.39 -31.43 25.76
CA VAL D 3 7.07 -30.82 25.70
C VAL D 3 6.47 -30.98 24.31
N PHE D 4 5.17 -31.20 24.30
CA PHE D 4 4.53 -31.57 23.05
C PHE D 4 3.86 -30.39 22.40
N ILE D 5 4.32 -30.09 21.19
CA ILE D 5 3.68 -29.10 20.34
C ILE D 5 3.17 -29.71 19.04
N ASP D 6 1.85 -29.88 19.01
CA ASP D 6 1.14 -30.05 17.75
C ASP D 6 1.07 -28.69 17.10
N ASP D 7 2.00 -28.43 16.18
CA ASP D 7 1.96 -27.17 15.43
C ASP D 7 1.08 -27.26 14.19
N GLY D 8 -0.20 -26.95 14.39
CA GLY D 8 -1.14 -26.85 13.27
C GLY D 8 -1.03 -25.50 12.60
N SER D 9 -1.42 -25.41 11.34
CA SER D 9 -1.45 -24.17 10.57
C SER D 9 -2.10 -22.98 11.28
N THR D 10 -3.17 -23.26 11.99
CA THR D 10 -3.99 -22.18 12.55
C THR D 10 -3.83 -22.05 14.03
N ASN D 11 -3.68 -23.18 14.73
CA ASN D 11 -3.60 -23.21 16.19
C ASN D 11 -2.44 -24.07 16.67
N ILE D 12 -1.59 -23.51 17.52
CA ILE D 12 -0.56 -24.30 18.18
C ILE D 12 -1.21 -24.96 19.38
N LYS D 13 -1.08 -26.28 19.49
CA LYS D 13 -1.58 -27.01 20.63
C LYS D 13 -0.40 -27.58 21.42
N LEU D 14 -0.44 -27.38 22.74
CA LEU D 14 0.64 -27.76 23.64
C LEU D 14 0.12 -28.80 24.62
N GLN D 15 0.93 -29.83 24.84
CA GLN D 15 0.75 -30.70 26.00
C GLN D 15 2.10 -30.79 26.73
N TRP D 16 2.02 -30.73 28.06
CA TRP D 16 3.21 -30.61 28.89
C TRP D 16 2.95 -30.86 30.39
N GLN D 17 3.74 -31.77 30.96
CA GLN D 17 3.53 -32.26 32.31
C GLN D 17 4.55 -31.68 33.30
N GLU D 18 4.11 -30.68 34.05
CA GLU D 18 4.89 -30.15 35.14
C GLU D 18 5.14 -31.34 36.06
N SER D 19 6.40 -31.55 36.43
CA SER D 19 6.81 -32.76 37.15
C SER D 19 5.92 -33.23 38.30
N ASP D 20 4.94 -32.42 38.68
CA ASP D 20 3.99 -32.75 39.74
C ASP D 20 2.86 -33.65 39.20
N GLY D 21 3.15 -34.45 38.18
CA GLY D 21 2.13 -35.14 37.40
C GLY D 21 1.09 -34.22 36.70
N THR D 22 1.46 -32.97 36.45
CA THR D 22 0.50 -31.97 36.09
C THR D 22 0.57 -31.94 34.60
N ILE D 23 -0.34 -32.58 33.88
CA ILE D 23 -0.31 -32.46 32.40
C ILE D 23 -1.27 -31.35 31.99
N LYS D 24 -0.76 -30.41 31.21
CA LYS D 24 -1.51 -29.21 30.83
C LYS D 24 -1.75 -29.17 29.33
N GLN D 25 -2.93 -28.70 28.92
CA GLN D 25 -3.27 -28.50 27.50
C GLN D 25 -3.44 -27.02 27.28
N HIS D 26 -2.68 -26.46 26.34
CA HIS D 26 -2.74 -25.01 26.08
C HIS D 26 -2.76 -24.77 24.57
N ILE D 27 -3.70 -23.94 24.11
CA ILE D 27 -3.85 -23.70 22.69
C ILE D 27 -3.57 -22.24 22.39
N SER D 28 -3.02 -21.96 21.21
CA SER D 28 -2.72 -20.59 20.82
C SER D 28 -2.99 -20.36 19.33
N PRO D 29 -3.98 -19.48 19.02
CA PRO D 29 -4.25 -19.11 17.63
C PRO D 29 -3.09 -18.33 17.02
N ASN D 30 -2.77 -18.63 15.77
CA ASN D 30 -1.70 -17.92 15.06
C ASN D 30 -2.28 -16.80 14.24
N SER D 31 -1.83 -15.57 14.50
CA SER D 31 -2.25 -14.42 13.70
C SER D 31 -1.22 -13.30 13.92
N PHE D 32 -0.37 -13.11 12.91
CA PHE D 32 0.86 -12.33 13.04
C PHE D 32 0.97 -11.27 11.95
N LYS D 33 1.34 -10.05 12.34
CA LYS D 33 1.52 -8.96 11.41
C LYS D 33 3.02 -8.64 11.30
N ARG D 34 3.46 -8.30 10.10
CA ARG D 34 4.91 -8.20 9.82
C ARG D 34 5.42 -6.81 10.24
N GLU D 35 5.14 -6.44 11.49
CA GLU D 35 5.63 -5.20 12.07
C GLU D 35 5.38 -5.22 13.57
N TRP D 36 6.01 -4.29 14.24
CA TRP D 36 5.96 -4.29 15.67
C TRP D 36 4.68 -3.63 16.15
N ALA D 37 4.37 -3.95 17.41
CA ALA D 37 3.21 -3.43 18.13
C ALA D 37 3.55 -2.13 18.79
N VAL D 38 2.53 -1.32 19.03
CA VAL D 38 2.71 0.02 19.58
C VAL D 38 2.23 0.05 21.02
N SER D 39 3.08 0.57 21.90
CA SER D 39 2.92 0.38 23.34
C SER D 39 2.11 1.47 24.07
N PHE D 40 1.31 1.04 25.03
CA PHE D 40 1.02 1.88 26.19
C PHE D 40 1.17 0.97 27.42
N GLY D 41 2.03 1.35 28.36
CA GLY D 41 2.71 0.42 29.24
C GLY D 41 1.84 -0.24 30.29
N ASP D 42 1.67 -1.55 30.16
CA ASP D 42 0.79 -2.40 30.98
C ASP D 42 0.83 -3.82 30.39
N LYS D 43 2.07 -4.32 30.26
CA LYS D 43 2.42 -5.54 29.52
C LYS D 43 1.91 -5.63 28.07
N LYS D 44 1.87 -4.49 27.40
CA LYS D 44 1.60 -4.44 25.97
C LYS D 44 2.95 -4.65 25.26
N VAL D 45 3.06 -5.73 24.49
CA VAL D 45 4.34 -6.37 24.31
C VAL D 45 4.20 -7.61 23.44
N PHE D 46 5.33 -8.08 22.94
CA PHE D 46 5.51 -9.34 22.19
C PHE D 46 5.83 -9.07 20.73
N ASN D 47 6.96 -8.39 20.56
CA ASN D 47 7.50 -8.03 19.25
C ASN D 47 8.72 -8.88 18.95
N TYR D 48 8.70 -9.69 17.88
CA TYR D 48 9.79 -10.65 17.63
C TYR D 48 10.54 -10.37 16.35
N THR D 49 11.84 -10.65 16.40
CA THR D 49 12.77 -10.29 15.34
C THR D 49 13.52 -11.54 14.90
N LEU D 50 13.47 -11.83 13.61
CA LEU D 50 14.13 -13.02 13.09
C LEU D 50 14.47 -12.79 11.65
N ASN D 51 15.76 -12.87 11.34
CA ASN D 51 16.24 -12.90 9.98
C ASN D 51 15.68 -11.77 9.11
N GLY D 52 15.91 -10.56 9.60
CA GLY D 52 15.57 -9.34 8.87
C GLY D 52 14.25 -8.79 9.36
N GLU D 53 13.15 -9.27 8.77
CA GLU D 53 11.79 -8.86 9.11
C GLU D 53 11.49 -9.01 10.59
N GLN D 54 10.51 -8.26 11.06
CA GLN D 54 9.96 -8.51 12.41
C GLN D 54 8.44 -8.76 12.44
N TYR D 55 7.97 -9.23 13.60
CA TYR D 55 6.59 -9.65 13.72
C TYR D 55 6.03 -9.29 15.06
N SER D 56 4.72 -9.15 15.10
CA SER D 56 4.01 -9.10 16.34
C SER D 56 2.60 -9.63 16.14
N PHE D 57 1.99 -9.94 17.26
CA PHE D 57 0.68 -10.56 17.26
C PHE D 57 -0.37 -9.54 16.82
N ASP D 58 -1.29 -9.95 15.94
CA ASP D 58 -2.56 -9.23 15.82
C ASP D 58 -3.72 -10.17 15.52
N PRO D 59 -4.70 -10.27 16.45
CA PRO D 59 -5.84 -11.14 16.21
C PRO D 59 -6.87 -10.61 15.20
N ILE D 60 -6.93 -9.31 14.98
CA ILE D 60 -8.19 -8.70 14.51
C ILE D 60 -8.15 -8.20 13.04
N SER D 61 -6.99 -7.82 12.55
CA SER D 61 -6.95 -7.02 11.32
C SER D 61 -6.32 -7.75 10.14
N PRO D 62 -6.69 -7.35 8.90
CA PRO D 62 -5.97 -7.87 7.74
C PRO D 62 -4.45 -7.58 7.73
N ASP D 63 -3.76 -8.12 6.75
CA ASP D 63 -2.30 -8.13 6.74
C ASP D 63 -1.69 -8.77 8.02
N ALA D 64 -2.47 -9.58 8.73
CA ALA D 64 -1.90 -10.70 9.46
C ALA D 64 -1.73 -11.82 8.40
N VAL D 65 -0.55 -12.41 8.32
CA VAL D 65 -0.25 -13.24 7.18
C VAL D 65 -1.10 -14.53 7.22
N VAL D 66 -1.67 -14.85 6.07
CA VAL D 66 -2.51 -16.06 5.93
C VAL D 66 -1.62 -17.28 5.75
N THR D 67 -1.89 -18.26 6.62
CA THR D 67 -1.05 -19.43 6.82
C THR D 67 -1.67 -20.73 6.31
N THR D 68 -2.68 -20.63 5.46
CA THR D 68 -3.32 -21.80 4.86
C THR D 68 -2.50 -22.49 3.74
N ASN D 69 -1.44 -21.84 3.26
CA ASN D 69 -0.55 -22.44 2.27
C ASN D 69 0.41 -23.54 2.78
N ILE D 70 0.05 -24.79 2.54
CA ILE D 70 1.02 -25.91 2.43
C ILE D 70 2.41 -25.82 3.11
N ALA D 71 3.24 -24.88 2.67
CA ALA D 71 4.60 -24.73 3.15
C ALA D 71 4.72 -24.10 4.54
N TRP D 72 3.60 -23.94 5.24
CA TRP D 72 3.63 -23.48 6.61
C TRP D 72 4.59 -24.29 7.52
N GLN D 73 4.75 -25.57 7.24
CA GLN D 73 5.64 -26.40 8.03
C GLN D 73 7.11 -26.26 7.63
N TYR D 74 7.48 -25.22 6.89
CA TYR D 74 8.87 -24.77 6.85
C TYR D 74 8.96 -23.24 6.88
N SER D 75 7.88 -22.58 7.29
CA SER D 75 7.86 -21.11 7.33
C SER D 75 8.69 -20.57 8.49
N ASP D 76 9.25 -19.37 8.34
CA ASP D 76 9.87 -18.68 9.47
C ASP D 76 8.80 -18.23 10.48
N VAL D 77 7.66 -17.79 9.96
CA VAL D 77 6.47 -17.53 10.74
C VAL D 77 6.17 -18.66 11.73
N ASN D 78 6.27 -19.89 11.27
CA ASN D 78 6.05 -21.06 12.14
C ASN D 78 6.87 -20.96 13.41
N VAL D 79 8.16 -20.68 13.25
CA VAL D 79 9.06 -20.56 14.42
C VAL D 79 8.57 -19.47 15.36
N VAL D 80 8.18 -18.35 14.80
CA VAL D 80 7.65 -17.24 15.57
C VAL D 80 6.42 -17.72 16.38
N ALA D 81 5.53 -18.37 15.65
CA ALA D 81 4.25 -18.81 16.19
C ALA D 81 4.45 -19.72 17.38
N VAL D 82 5.33 -20.70 17.19
CA VAL D 82 5.58 -21.69 18.25
C VAL D 82 6.24 -21.05 19.46
N HIS D 83 7.24 -20.20 19.25
CA HIS D 83 7.83 -19.46 20.36
C HIS D 83 6.81 -18.67 21.12
N HIS D 84 5.92 -18.01 20.36
CA HIS D 84 4.95 -17.12 20.99
C HIS D 84 3.99 -17.90 21.87
N ALA D 85 3.57 -19.06 21.33
CA ALA D 85 2.64 -19.92 22.03
C ALA D 85 3.24 -20.41 23.35
N LEU D 86 4.51 -20.82 23.29
CA LEU D 86 5.17 -21.30 24.51
C LEU D 86 5.48 -20.16 25.44
N LEU D 87 5.65 -18.93 24.95
CA LEU D 87 5.86 -17.80 25.85
C LEU D 87 4.64 -17.41 26.66
N THR D 88 3.46 -17.92 26.30
CA THR D 88 2.25 -17.66 27.06
C THR D 88 1.79 -18.89 27.86
N SER D 89 2.67 -19.85 28.06
CA SER D 89 2.36 -21.10 28.74
C SER D 89 2.23 -20.97 30.26
N GLY D 90 3.01 -20.05 30.83
CA GLY D 90 3.20 -20.03 32.28
C GLY D 90 4.26 -21.04 32.68
N LEU D 91 5.25 -21.18 31.81
CA LEU D 91 6.38 -22.06 32.09
C LEU D 91 7.63 -21.25 32.50
N PRO D 92 8.50 -21.88 33.30
CA PRO D 92 9.79 -21.24 33.56
C PRO D 92 10.66 -21.19 32.30
N VAL D 93 10.94 -19.98 31.80
CA VAL D 93 11.75 -19.84 30.61
C VAL D 93 13.04 -20.64 30.77
N SER D 94 13.44 -21.35 29.72
CA SER D 94 14.62 -22.25 29.79
C SER D 94 14.96 -22.87 28.45
N GLU D 95 15.98 -23.72 28.49
CA GLU D 95 16.18 -24.72 27.45
C GLU D 95 15.15 -25.82 27.69
N VAL D 96 14.65 -26.41 26.62
CA VAL D 96 13.71 -27.52 26.72
C VAL D 96 13.78 -28.33 25.42
N ASP D 97 13.06 -29.43 25.36
CA ASP D 97 13.10 -30.30 24.17
C ASP D 97 11.67 -30.50 23.75
N ILE D 98 11.45 -30.73 22.46
CA ILE D 98 10.09 -30.80 21.99
C ILE D 98 9.86 -31.87 20.97
N VAL D 99 8.61 -32.28 20.86
CA VAL D 99 8.16 -33.06 19.73
C VAL D 99 7.12 -32.19 19.04
N CYS D 100 7.11 -32.33 17.72
CA CYS D 100 6.21 -31.58 16.87
C CYS D 100 5.59 -32.49 15.82
N THR D 101 4.80 -31.92 14.92
CA THR D 101 4.07 -32.65 13.90
C THR D 101 4.79 -32.59 12.49
N LEU D 102 4.38 -33.49 11.62
CA LEU D 102 4.32 -33.23 10.19
C LEU D 102 2.99 -33.78 9.68
N PRO D 103 2.44 -33.16 8.62
CA PRO D 103 1.30 -33.69 7.89
C PRO D 103 1.60 -35.08 7.36
N LEU D 104 0.55 -35.87 7.16
CA LEU D 104 0.69 -37.25 6.67
C LEU D 104 1.53 -37.37 5.40
N THR D 105 1.33 -36.46 4.43
CA THR D 105 1.98 -36.54 3.14
C THR D 105 3.46 -36.19 3.17
N GLU D 106 3.91 -35.56 4.27
CA GLU D 106 5.25 -35.02 4.38
C GLU D 106 6.29 -36.04 4.80
N TYR D 107 5.87 -36.95 5.67
CA TYR D 107 6.70 -38.06 6.17
C TYR D 107 7.01 -39.12 5.12
N TYR D 108 6.12 -39.27 4.14
CA TYR D 108 6.06 -40.47 3.34
C TYR D 108 6.12 -40.13 1.87
N ASP D 109 6.05 -41.15 1.02
CA ASP D 109 6.51 -41.03 -0.37
C ASP D 109 5.89 -42.16 -1.20
N ARG D 110 6.56 -42.66 -2.25
CA ARG D 110 6.00 -43.71 -3.10
C ARG D 110 6.12 -45.12 -2.49
N ASN D 111 7.29 -45.38 -1.90
CA ASN D 111 7.48 -46.54 -1.07
C ASN D 111 7.46 -46.17 0.39
N ASN D 112 6.30 -45.66 0.82
CA ASN D 112 5.81 -45.58 2.21
C ASN D 112 6.82 -45.75 3.33
N GLN D 113 7.91 -45.01 3.22
CA GLN D 113 8.94 -44.94 4.23
C GLN D 113 9.10 -43.48 4.67
N PRO D 114 9.60 -43.27 5.88
CA PRO D 114 9.98 -41.94 6.35
C PRO D 114 10.75 -41.08 5.32
N ASN D 115 10.37 -39.83 5.16
CA ASN D 115 11.02 -38.94 4.22
C ASN D 115 12.04 -38.10 4.99
N THR D 116 13.11 -38.78 5.39
CA THR D 116 14.17 -38.20 6.21
C THR D 116 14.56 -36.78 5.82
N GLU D 117 14.57 -36.53 4.51
CA GLU D 117 14.87 -35.19 4.04
C GLU D 117 13.88 -34.18 4.61
N ASN D 118 12.59 -34.40 4.39
CA ASN D 118 11.58 -33.49 4.89
C ASN D 118 11.50 -33.48 6.42
N ILE D 119 11.73 -34.63 7.05
CA ILE D 119 11.77 -34.70 8.51
C ILE D 119 12.90 -33.79 9.08
N GLU D 120 14.02 -33.75 8.37
CA GLU D 120 15.18 -33.03 8.89
C GLU D 120 15.11 -31.55 8.56
N ARG D 121 14.56 -31.21 7.40
CA ARG D 121 14.28 -29.80 7.11
C ARG D 121 13.44 -29.20 8.24
N LYS D 122 12.50 -30.00 8.74
CA LYS D 122 11.59 -29.59 9.82
C LYS D 122 12.38 -29.27 11.10
N LYS D 123 13.23 -30.22 11.52
CA LYS D 123 14.08 -30.07 12.70
C LYS D 123 14.96 -28.86 12.64
N ALA D 124 15.47 -28.58 11.45
CA ALA D 124 16.41 -27.49 11.24
C ALA D 124 15.73 -26.12 11.38
N ASN D 125 14.46 -26.05 10.99
CA ASN D 125 13.71 -24.81 11.10
C ASN D 125 13.71 -24.27 12.52
N PHE D 126 13.56 -25.15 13.51
CA PHE D 126 13.54 -24.69 14.92
C PHE D 126 14.94 -24.40 15.49
N ARG D 127 15.96 -24.33 14.63
CA ARG D 127 17.27 -23.85 15.06
C ARG D 127 17.38 -22.34 14.84
N LYS D 128 16.53 -21.82 13.95
CA LYS D 128 16.56 -20.41 13.59
C LYS D 128 16.62 -19.57 14.86
N LYS D 129 17.42 -18.51 14.82
CA LYS D 129 17.58 -17.62 15.96
C LYS D 129 16.55 -16.50 15.92
N ILE D 130 16.00 -16.19 17.09
CA ILE D 130 14.90 -15.25 17.22
C ILE D 130 15.07 -14.41 18.47
N THR D 131 14.75 -13.12 18.39
CA THR D 131 14.79 -12.26 19.58
C THR D 131 13.43 -11.65 19.89
N LEU D 132 12.99 -11.81 21.14
CA LEU D 132 11.99 -10.90 21.73
C LEU D 132 12.76 -9.86 22.54
N ASN D 133 12.38 -8.58 22.33
CA ASN D 133 12.97 -7.36 22.96
C ASN D 133 13.27 -7.40 24.47
N GLY D 134 12.39 -6.83 25.29
CA GLY D 134 12.60 -6.76 26.72
C GLY D 134 12.17 -8.09 27.29
N GLY D 135 13.06 -9.08 27.23
CA GLY D 135 12.77 -10.41 27.76
C GLY D 135 13.55 -11.52 27.06
N ASP D 136 13.74 -12.62 27.77
CA ASP D 136 14.39 -13.79 27.18
C ASP D 136 13.36 -14.80 26.70
N THR D 137 13.68 -15.41 25.55
CA THR D 137 12.88 -16.49 24.96
C THR D 137 13.34 -17.83 25.50
N PHE D 138 12.44 -18.80 25.56
CA PHE D 138 12.85 -20.19 25.86
C PHE D 138 13.81 -20.59 24.76
N THR D 139 14.72 -21.51 25.06
CA THR D 139 15.63 -22.05 24.05
C THR D 139 15.13 -23.44 23.70
N ILE D 140 14.99 -23.73 22.41
CA ILE D 140 14.53 -25.05 22.00
C ILE D 140 15.73 -25.90 21.61
N LYS D 141 16.01 -26.91 22.45
CA LYS D 141 17.18 -27.77 22.26
C LYS D 141 16.86 -28.93 21.28
N ASP D 142 16.41 -30.08 21.79
CA ASP D 142 16.27 -31.28 21.00
C ASP D 142 14.89 -31.33 20.36
N VAL D 143 14.86 -31.68 19.07
CA VAL D 143 13.61 -31.75 18.30
C VAL D 143 13.37 -33.13 17.69
N LYS D 144 12.16 -33.68 17.87
CA LYS D 144 11.71 -34.82 17.05
C LYS D 144 10.31 -34.63 16.50
N VAL D 145 10.01 -35.44 15.49
CA VAL D 145 8.76 -35.32 14.74
C VAL D 145 7.89 -36.57 14.89
N MET D 146 6.58 -36.37 14.82
CA MET D 146 5.61 -37.46 14.70
C MET D 146 4.65 -37.15 13.55
N PRO D 147 4.01 -38.15 12.96
CA PRO D 147 3.03 -37.82 11.90
C PRO D 147 1.70 -37.36 12.48
N GLU D 148 0.93 -36.66 11.65
CA GLU D 148 -0.43 -36.17 12.04
C GLU D 148 -1.62 -37.09 11.63
N SER D 149 -1.69 -38.25 12.27
CA SER D 149 -2.82 -39.19 12.06
C SER D 149 -2.94 -40.14 13.25
N ILE D 150 -1.91 -40.96 13.45
CA ILE D 150 -1.95 -42.11 14.36
C ILE D 150 -2.44 -41.78 15.79
N PRO D 151 -1.69 -40.91 16.47
CA PRO D 151 -1.75 -40.93 17.92
C PRO D 151 -3.11 -40.58 18.50
N ALA D 152 -3.95 -39.90 17.74
CA ALA D 152 -5.29 -39.53 18.23
C ALA D 152 -6.19 -40.76 18.43
N GLY D 153 -5.92 -41.85 17.73
CA GLY D 153 -6.66 -43.08 17.97
C GLY D 153 -6.16 -43.88 19.16
N TYR D 154 -5.15 -43.37 19.88
CA TYR D 154 -4.33 -44.24 20.74
C TYR D 154 -5.13 -45.05 21.75
N GLU D 155 -5.81 -44.36 22.67
CA GLU D 155 -6.56 -45.08 23.69
C GLU D 155 -7.56 -46.05 23.06
N VAL D 156 -8.37 -45.56 22.13
CA VAL D 156 -9.41 -46.39 21.52
C VAL D 156 -8.80 -47.62 20.84
N LEU D 157 -7.68 -47.45 20.15
CA LEU D 157 -7.03 -48.55 19.44
C LEU D 157 -6.60 -49.65 20.40
N GLN D 158 -6.30 -49.26 21.65
CA GLN D 158 -5.81 -50.21 22.65
C GLN D 158 -6.84 -51.32 22.94
N GLU D 159 -8.09 -50.93 23.15
CA GLU D 159 -9.14 -51.83 23.55
C GLU D 159 -9.96 -52.03 22.28
N LEU D 160 -9.30 -52.50 21.22
CA LEU D 160 -10.01 -52.81 19.96
C LEU D 160 -10.04 -54.30 19.63
N ASP D 161 -8.84 -54.87 19.45
CA ASP D 161 -8.55 -56.31 19.25
C ASP D 161 -7.34 -56.42 18.30
N GLU D 162 -7.28 -57.46 17.45
CA GLU D 162 -6.20 -57.60 16.48
C GLU D 162 -6.63 -57.87 15.04
N LEU D 163 -7.93 -58.00 14.76
CA LEU D 163 -8.39 -58.37 13.43
C LEU D 163 -9.31 -57.31 12.83
N ASP D 164 -9.39 -56.13 13.45
CA ASP D 164 -10.33 -55.09 13.03
C ASP D 164 -9.63 -53.73 12.88
N SER D 165 -10.27 -52.76 12.22
CA SER D 165 -9.58 -51.55 11.83
C SER D 165 -10.32 -50.24 12.09
N LEU D 166 -9.56 -49.27 12.59
CA LEU D 166 -10.10 -47.99 12.99
C LEU D 166 -9.72 -46.91 11.99
N LEU D 167 -10.72 -46.26 11.40
CA LEU D 167 -10.48 -45.17 10.49
C LEU D 167 -10.42 -43.85 11.26
N ILE D 168 -9.24 -43.24 11.26
CA ILE D 168 -9.07 -41.94 11.91
C ILE D 168 -9.12 -40.86 10.84
N ILE D 169 -10.18 -40.04 10.89
CA ILE D 169 -10.33 -38.87 10.01
C ILE D 169 -9.87 -37.59 10.71
N ASP D 170 -8.70 -37.07 10.31
CA ASP D 170 -8.18 -35.79 10.80
C ASP D 170 -8.47 -34.66 9.83
N LEU D 171 -9.45 -33.80 10.13
CA LEU D 171 -9.63 -32.62 9.26
C LEU D 171 -9.13 -31.37 9.95
N GLY D 172 -8.07 -30.81 9.39
CA GLY D 172 -7.49 -29.55 9.87
C GLY D 172 -7.82 -28.36 8.96
N GLY D 173 -7.16 -27.24 9.23
CA GLY D 173 -7.35 -26.03 8.42
C GLY D 173 -6.86 -26.16 7.00
N THR D 174 -5.72 -26.82 6.84
CA THR D 174 -5.12 -27.02 5.53
C THR D 174 -5.35 -28.44 4.98
N THR D 175 -5.26 -29.46 5.84
CA THR D 175 -5.07 -30.84 5.37
C THR D 175 -6.15 -31.81 5.86
N LEU D 176 -6.64 -32.65 4.96
CA LEU D 176 -7.46 -33.82 5.34
C LEU D 176 -6.55 -35.04 5.41
N ASP D 177 -6.32 -35.54 6.61
CA ASP D 177 -5.45 -36.71 6.81
C ASP D 177 -6.31 -37.89 7.25
N ILE D 178 -6.29 -38.96 6.46
CA ILE D 178 -7.03 -40.18 6.81
C ILE D 178 -6.09 -41.36 6.97
N SER D 179 -6.32 -42.14 8.01
CA SER D 179 -5.56 -43.36 8.22
C SER D 179 -6.49 -44.46 8.69
N GLN D 180 -6.17 -45.68 8.30
CA GLN D 180 -6.87 -46.87 8.75
C GLN D 180 -5.81 -47.71 9.44
N VAL D 181 -6.08 -48.04 10.70
CA VAL D 181 -5.14 -48.75 11.56
C VAL D 181 -5.81 -50.04 12.04
N MET D 182 -5.24 -51.21 11.75
CA MET D 182 -5.87 -52.46 12.15
C MET D 182 -5.59 -52.79 13.62
N GLY D 183 -6.64 -52.80 14.44
CA GLY D 183 -6.62 -53.46 15.76
C GLY D 183 -5.45 -53.19 16.67
N LYS D 184 -5.51 -52.12 17.43
CA LYS D 184 -4.33 -51.51 18.06
C LYS D 184 -3.36 -51.04 16.99
N LEU D 185 -2.26 -50.41 17.42
CA LEU D 185 -1.20 -50.00 16.51
C LEU D 185 -0.32 -51.23 16.21
N SER D 186 -0.96 -52.39 16.11
CA SER D 186 -0.38 -53.61 15.65
C SER D 186 -0.09 -53.58 14.15
N GLY D 187 -0.86 -52.77 13.44
CA GLY D 187 -0.69 -52.60 11.99
C GLY D 187 -1.40 -51.36 11.46
N ILE D 188 -0.89 -50.79 10.38
CA ILE D 188 -1.51 -49.60 9.77
C ILE D 188 -1.70 -49.89 8.28
N SER D 189 -2.96 -50.10 7.87
CA SER D 189 -3.23 -50.61 6.56
C SER D 189 -2.90 -49.57 5.52
N LYS D 190 -3.52 -48.40 5.68
CA LYS D 190 -3.49 -47.41 4.61
C LYS D 190 -3.60 -45.98 5.14
N ILE D 191 -2.83 -45.09 4.54
CA ILE D 191 -2.84 -43.67 4.91
C ILE D 191 -3.28 -42.88 3.68
N TYR D 192 -3.66 -41.63 3.89
CA TYR D 192 -3.89 -40.72 2.78
C TYR D 192 -3.93 -39.28 3.26
N GLY D 193 -3.24 -38.42 2.52
CA GLY D 193 -3.16 -37.00 2.88
C GLY D 193 -3.49 -36.09 1.71
N ASP D 194 -4.44 -35.19 1.92
CA ASP D 194 -4.90 -34.29 0.87
C ASP D 194 -4.73 -32.85 1.40
N SER D 195 -3.63 -32.21 1.00
CA SER D 195 -3.23 -30.93 1.57
C SER D 195 -3.98 -29.73 0.94
N SER D 196 -4.86 -30.02 -0.02
CA SER D 196 -5.67 -29.02 -0.68
C SER D 196 -7.09 -29.04 -0.11
N LEU D 197 -7.40 -30.04 0.72
CA LEU D 197 -8.71 -30.14 1.33
C LEU D 197 -8.66 -29.90 2.84
N GLY D 198 -8.91 -28.66 3.20
CA GLY D 198 -8.96 -28.26 4.60
C GLY D 198 -10.21 -27.43 4.83
N VAL D 199 -10.39 -27.05 6.09
CA VAL D 199 -11.45 -26.12 6.50
C VAL D 199 -11.32 -24.78 5.79
N SER D 200 -10.08 -24.49 5.32
CA SER D 200 -9.79 -23.27 4.55
C SER D 200 -10.81 -22.97 3.46
N LEU D 201 -11.34 -24.05 2.88
CA LEU D 201 -12.27 -23.91 1.79
C LEU D 201 -13.39 -22.93 2.08
N VAL D 202 -13.99 -23.04 3.26
CA VAL D 202 -15.10 -22.17 3.61
C VAL D 202 -14.57 -20.85 4.15
N THR D 203 -13.61 -20.91 5.08
CA THR D 203 -12.96 -19.70 5.58
C THR D 203 -12.59 -18.73 4.45
N SER D 204 -11.87 -19.24 3.45
CA SER D 204 -11.46 -18.41 2.31
C SER D 204 -12.57 -17.99 1.33
N ALA D 205 -13.78 -18.50 1.45
CA ALA D 205 -14.94 -17.83 0.85
C ALA D 205 -15.50 -16.77 1.80
N VAL D 206 -15.67 -17.13 3.07
CA VAL D 206 -16.34 -16.26 4.02
C VAL D 206 -15.55 -14.98 4.32
N LYS D 207 -14.23 -15.03 4.19
CA LYS D 207 -13.38 -13.83 4.21
C LYS D 207 -13.83 -12.82 3.16
N ASP D 208 -14.01 -13.32 1.94
CA ASP D 208 -14.42 -12.45 0.86
C ASP D 208 -15.86 -11.95 1.08
N ALA D 209 -16.72 -12.74 1.74
CA ALA D 209 -18.10 -12.33 2.00
C ALA D 209 -18.12 -11.22 3.03
N LEU D 210 -17.28 -11.37 4.05
CA LEU D 210 -17.17 -10.35 5.06
C LEU D 210 -16.66 -9.04 4.44
N SER D 211 -15.76 -9.10 3.48
CA SER D 211 -15.32 -7.87 2.80
C SER D 211 -16.48 -7.22 2.04
N LEU D 212 -17.32 -8.03 1.40
CA LEU D 212 -18.55 -7.53 0.76
C LEU D 212 -19.43 -6.85 1.80
N ALA D 213 -19.48 -7.44 2.99
CA ALA D 213 -20.23 -6.87 4.11
C ALA D 213 -19.44 -5.80 4.87
N ARG D 214 -18.46 -5.21 4.20
CA ARG D 214 -17.70 -4.10 4.74
C ARG D 214 -17.07 -4.45 6.09
N THR D 215 -16.61 -5.68 6.22
CA THR D 215 -16.00 -6.14 7.45
C THR D 215 -14.72 -6.82 7.02
N LYS D 216 -13.82 -6.07 6.39
CA LYS D 216 -12.54 -6.67 5.94
C LYS D 216 -11.68 -6.93 7.18
N GLY D 217 -11.38 -8.21 7.42
CA GLY D 217 -10.87 -8.62 8.72
C GLY D 217 -9.85 -9.74 8.70
N SER D 218 -9.45 -10.15 9.90
CA SER D 218 -8.48 -11.25 10.05
C SER D 218 -9.13 -12.59 9.79
N SER D 219 -8.29 -13.57 9.48
CA SER D 219 -8.73 -14.94 9.33
C SER D 219 -9.39 -15.39 10.62
N TYR D 220 -8.80 -14.98 11.73
CA TYR D 220 -9.30 -15.34 13.05
C TYR D 220 -10.76 -14.90 13.27
N LEU D 221 -11.07 -13.66 12.92
CA LEU D 221 -12.45 -13.15 13.03
C LEU D 221 -13.41 -13.97 12.18
N ALA D 222 -12.93 -14.36 11.00
CA ALA D 222 -13.73 -15.14 10.10
C ALA D 222 -14.02 -16.52 10.69
N ASP D 223 -13.03 -17.10 11.36
CA ASP D 223 -13.21 -18.39 11.99
C ASP D 223 -14.15 -18.21 13.14
N ASP D 224 -14.12 -17.04 13.76
CA ASP D 224 -15.00 -16.78 14.89
C ASP D 224 -16.45 -16.74 14.46
N ILE D 225 -16.67 -16.31 13.23
CA ILE D 225 -17.99 -16.34 12.58
C ILE D 225 -18.44 -17.78 12.31
N ILE D 226 -17.49 -18.57 11.82
CA ILE D 226 -17.78 -19.95 11.52
C ILE D 226 -18.11 -20.72 12.81
N ILE D 227 -17.37 -20.43 13.87
CA ILE D 227 -17.61 -21.12 15.14
C ILE D 227 -18.98 -20.79 15.67
N HIS D 228 -19.39 -19.54 15.53
CA HIS D 228 -20.71 -19.13 16.06
C HIS D 228 -21.76 -19.01 14.97
N ARG D 229 -21.66 -19.87 13.96
CA ARG D 229 -22.59 -19.90 12.85
C ARG D 229 -24.07 -19.98 13.30
N LYS D 230 -24.33 -20.60 14.44
CA LYS D 230 -25.70 -20.85 14.87
C LYS D 230 -26.44 -19.68 15.52
N ASP D 231 -25.75 -18.70 16.08
CA ASP D 231 -26.44 -17.57 16.71
C ASP D 231 -26.37 -16.28 15.88
N ASN D 232 -27.46 -15.99 15.20
CA ASN D 232 -27.64 -14.71 14.49
C ASN D 232 -27.41 -13.46 15.33
N ASN D 233 -27.72 -13.54 16.62
CA ASN D 233 -27.46 -12.42 17.53
C ASN D 233 -25.97 -12.22 17.78
N TYR D 234 -25.25 -13.32 17.93
CA TYR D 234 -23.80 -13.24 18.08
C TYR D 234 -23.21 -12.60 16.85
N LEU D 235 -23.60 -13.11 15.69
CA LEU D 235 -23.14 -12.57 14.41
C LEU D 235 -23.55 -11.13 14.17
N LYS D 236 -24.60 -10.63 14.82
CA LYS D 236 -24.88 -9.19 14.81
C LYS D 236 -23.76 -8.36 15.51
N GLN D 237 -23.19 -8.94 16.55
CA GLN D 237 -22.13 -8.28 17.31
C GLN D 237 -20.76 -8.34 16.63
N ARG D 238 -20.66 -8.94 15.44
CA ARG D 238 -19.41 -9.06 14.74
C ARG D 238 -19.46 -8.55 13.32
N ILE D 239 -20.61 -8.72 12.62
CA ILE D 239 -20.78 -8.22 11.25
C ILE D 239 -21.09 -6.72 11.24
N ASN D 240 -20.19 -5.92 10.66
CA ASN D 240 -20.21 -4.50 10.91
C ASN D 240 -21.32 -3.87 10.08
N ASP D 241 -22.42 -3.65 10.80
CA ASP D 241 -23.48 -2.70 10.44
C ASP D 241 -24.22 -3.13 9.20
N GLU D 242 -25.23 -3.98 9.34
CA GLU D 242 -25.98 -4.45 8.19
C GLU D 242 -27.21 -5.32 8.48
N ASN D 243 -28.24 -5.12 7.66
CA ASN D 243 -29.22 -6.18 7.37
C ASN D 243 -28.62 -7.33 6.52
N LYS D 244 -27.55 -7.02 5.81
CA LYS D 244 -26.78 -8.02 5.08
C LYS D 244 -25.94 -8.99 5.93
N ILE D 245 -26.36 -9.33 7.14
CA ILE D 245 -26.07 -10.69 7.62
C ILE D 245 -26.48 -11.70 6.52
N SER D 246 -27.61 -11.43 5.88
CA SER D 246 -28.15 -12.26 4.83
C SER D 246 -27.20 -12.60 3.68
N ILE D 247 -26.36 -11.66 3.26
CA ILE D 247 -25.44 -11.98 2.17
C ILE D 247 -24.37 -13.00 2.64
N VAL D 248 -23.96 -12.83 3.89
CA VAL D 248 -22.84 -13.56 4.42
C VAL D 248 -23.25 -14.98 4.78
N THR D 249 -24.38 -15.12 5.48
CA THR D 249 -24.83 -16.44 5.95
C THR D 249 -25.06 -17.41 4.83
N GLU D 250 -25.74 -16.97 3.77
CA GLU D 250 -25.98 -17.85 2.61
C GLU D 250 -24.71 -18.23 1.87
N ALA D 251 -23.83 -17.25 1.65
CA ALA D 251 -22.55 -17.57 1.00
C ALA D 251 -21.79 -18.57 1.86
N MET D 252 -21.84 -18.37 3.17
CA MET D 252 -21.19 -19.29 4.08
C MET D 252 -21.85 -20.67 4.00
N ASN D 253 -23.18 -20.69 4.00
CA ASN D 253 -23.90 -21.98 3.99
C ASN D 253 -23.68 -22.79 2.73
N GLU D 254 -23.66 -22.11 1.59
CA GLU D 254 -23.41 -22.74 0.31
C GLU D 254 -22.03 -23.40 0.28
N ALA D 255 -21.04 -22.63 0.68
CA ALA D 255 -19.67 -23.14 0.65
C ALA D 255 -19.45 -24.28 1.67
N LEU D 256 -20.13 -24.19 2.81
CA LEU D 256 -20.19 -25.29 3.77
C LEU D 256 -20.72 -26.58 3.18
N ARG D 257 -21.83 -26.50 2.43
CA ARG D 257 -22.42 -27.71 1.84
C ARG D 257 -21.46 -28.28 0.83
N LYS D 258 -20.76 -27.40 0.11
CA LYS D 258 -19.84 -27.86 -0.90
C LYS D 258 -18.54 -28.37 -0.34
N LEU D 259 -18.24 -28.15 0.94
CA LEU D 259 -17.11 -28.90 1.52
C LEU D 259 -17.44 -30.38 1.59
N GLU D 260 -18.60 -30.70 2.16
CA GLU D 260 -18.94 -32.08 2.50
C GLU D 260 -18.72 -33.06 1.37
N GLN D 261 -19.32 -32.76 0.22
CA GLN D 261 -19.20 -33.55 -1.00
C GLN D 261 -17.77 -34.00 -1.28
N ARG D 262 -16.86 -33.03 -1.30
CA ARG D 262 -15.49 -33.39 -1.71
C ARG D 262 -14.82 -34.19 -0.62
N VAL D 263 -15.11 -33.93 0.66
CA VAL D 263 -14.53 -34.73 1.73
C VAL D 263 -15.06 -36.18 1.69
N LEU D 264 -16.36 -36.33 1.47
CA LEU D 264 -16.92 -37.70 1.45
C LEU D 264 -16.41 -38.51 0.27
N ASN D 265 -16.29 -37.88 -0.89
CA ASN D 265 -15.72 -38.52 -2.07
C ASN D 265 -14.33 -39.08 -1.77
N THR D 266 -13.57 -38.33 -0.98
CA THR D 266 -12.21 -38.73 -0.60
C THR D 266 -12.22 -39.98 0.26
N LEU D 267 -13.25 -40.13 1.09
CA LEU D 267 -13.34 -41.26 2.01
C LEU D 267 -13.56 -42.57 1.23
N ASN D 268 -14.33 -42.48 0.15
CA ASN D 268 -14.59 -43.68 -0.64
C ASN D 268 -13.33 -44.23 -1.33
N GLU D 269 -12.16 -43.69 -0.99
CA GLU D 269 -10.89 -44.33 -1.35
C GLU D 269 -10.51 -45.49 -0.40
N PHE D 270 -11.10 -45.50 0.79
CA PHE D 270 -10.84 -46.53 1.78
C PHE D 270 -12.00 -47.48 1.92
N SER D 271 -11.72 -48.67 2.42
CA SER D 271 -12.79 -49.60 2.79
C SER D 271 -12.36 -50.62 3.81
N GLY D 272 -13.35 -51.25 4.43
CA GLY D 272 -13.12 -52.33 5.39
C GLY D 272 -12.84 -51.86 6.80
N TYR D 273 -13.20 -50.61 7.06
CA TYR D 273 -13.01 -49.99 8.38
C TYR D 273 -14.12 -50.52 9.29
N THR D 274 -13.76 -50.97 10.49
CA THR D 274 -14.76 -51.48 11.43
C THR D 274 -15.21 -50.37 12.39
N HIS D 275 -14.27 -49.49 12.68
CA HIS D 275 -14.49 -48.38 13.59
C HIS D 275 -14.06 -47.06 12.97
N VAL D 276 -14.79 -45.99 13.24
CA VAL D 276 -14.52 -44.71 12.60
C VAL D 276 -14.44 -43.60 13.66
N MET D 277 -13.33 -42.86 13.63
CA MET D 277 -13.19 -41.69 14.48
C MET D 277 -12.85 -40.44 13.67
N VAL D 278 -13.34 -39.32 14.18
CA VAL D 278 -13.17 -38.00 13.56
C VAL D 278 -12.54 -37.04 14.57
N ILE D 279 -11.31 -36.57 14.29
CA ILE D 279 -10.57 -35.67 15.18
C ILE D 279 -10.17 -34.37 14.49
N GLY D 280 -9.74 -33.38 15.29
CA GLY D 280 -9.53 -32.01 14.79
C GLY D 280 -10.73 -31.12 15.07
N GLY D 281 -10.50 -29.81 15.06
CA GLY D 281 -11.57 -28.84 15.31
C GLY D 281 -12.64 -28.95 14.24
N GLY D 282 -12.20 -29.23 13.01
CA GLY D 282 -13.13 -29.47 11.90
C GLY D 282 -14.03 -30.68 12.03
N ALA D 283 -13.70 -31.64 12.90
CA ALA D 283 -14.58 -32.79 13.15
C ALA D 283 -16.01 -32.33 13.46
N GLU D 284 -16.13 -31.28 14.26
CA GLU D 284 -17.41 -30.76 14.68
C GLU D 284 -18.29 -30.48 13.47
N LEU D 285 -17.67 -29.97 12.41
CA LEU D 285 -18.34 -29.45 11.23
C LEU D 285 -18.86 -30.54 10.30
N ILE D 286 -18.18 -31.69 10.25
CA ILE D 286 -18.57 -32.73 9.28
C ILE D 286 -19.07 -34.04 9.87
N CYS D 287 -19.05 -34.14 11.20
CA CYS D 287 -19.29 -35.38 11.94
C CYS D 287 -20.55 -36.15 11.51
N ASP D 288 -21.68 -35.45 11.51
CA ASP D 288 -22.95 -36.12 11.19
C ASP D 288 -22.96 -36.68 9.79
N ALA D 289 -22.47 -35.94 8.78
CA ALA D 289 -22.49 -36.43 7.41
C ALA D 289 -21.65 -37.71 7.24
N VAL D 290 -20.52 -37.75 7.94
CA VAL D 290 -19.66 -38.92 7.90
C VAL D 290 -20.35 -40.11 8.56
N LYS D 291 -20.76 -39.94 9.80
CA LYS D 291 -21.44 -40.99 10.57
C LYS D 291 -22.55 -41.62 9.73
N LYS D 292 -23.39 -40.76 9.17
CA LYS D 292 -24.50 -41.23 8.36
C LYS D 292 -24.03 -41.90 7.07
N HIS D 293 -23.06 -41.31 6.37
CA HIS D 293 -22.59 -41.91 5.12
C HIS D 293 -21.96 -43.30 5.31
N THR D 294 -21.35 -43.56 6.45
CA THR D 294 -20.63 -44.83 6.64
C THR D 294 -21.43 -45.92 7.37
N GLN D 295 -22.67 -45.63 7.71
CA GLN D 295 -23.58 -46.65 8.22
C GLN D 295 -22.96 -47.43 9.38
N ILE D 296 -22.08 -46.80 10.16
CA ILE D 296 -21.52 -47.46 11.33
C ILE D 296 -22.57 -47.43 12.46
N ARG D 297 -22.72 -48.52 13.21
CA ARG D 297 -23.59 -48.49 14.38
C ARG D 297 -22.93 -47.77 15.56
N ASP D 298 -23.79 -47.15 16.34
CA ASP D 298 -23.39 -46.17 17.36
C ASP D 298 -22.13 -46.57 18.12
N GLU D 299 -22.06 -47.82 18.56
CA GLU D 299 -20.98 -48.30 19.43
C GLU D 299 -19.61 -48.30 18.74
N ARG D 300 -19.61 -48.19 17.41
CA ARG D 300 -18.35 -48.24 16.67
C ARG D 300 -17.89 -46.83 16.25
N PHE D 301 -18.61 -45.80 16.66
CA PHE D 301 -18.27 -44.42 16.28
C PHE D 301 -17.83 -43.60 17.47
N PHE D 302 -16.61 -43.07 17.46
CA PHE D 302 -16.11 -42.30 18.62
C PHE D 302 -15.68 -40.89 18.21
N LYS D 303 -16.41 -39.89 18.74
CA LYS D 303 -16.15 -38.50 18.47
C LYS D 303 -16.17 -37.75 19.81
N THR D 304 -15.05 -37.12 20.13
CA THR D 304 -14.74 -36.73 21.48
C THR D 304 -15.21 -35.30 21.73
N ASN D 305 -15.11 -34.91 23.00
CA ASN D 305 -15.60 -33.62 23.48
C ASN D 305 -14.56 -32.51 23.32
N ASN D 306 -13.31 -32.87 23.08
CA ASN D 306 -12.24 -31.89 22.80
C ASN D 306 -11.45 -32.30 21.57
N SER D 307 -12.19 -32.46 20.47
CA SER D 307 -11.65 -32.98 19.19
C SER D 307 -10.37 -32.27 18.71
N GLN D 308 -10.34 -30.97 18.98
CA GLN D 308 -9.23 -30.09 18.66
C GLN D 308 -7.91 -30.56 19.27
N TYR D 309 -7.99 -31.25 20.40
CA TYR D 309 -6.80 -31.62 21.17
C TYR D 309 -6.42 -33.12 21.07
N ASP D 310 -7.22 -33.89 20.35
CA ASP D 310 -7.01 -35.33 20.37
C ASP D 310 -5.57 -35.68 20.00
N LEU D 311 -5.03 -35.00 18.98
CA LEU D 311 -3.73 -35.36 18.44
C LEU D 311 -2.59 -35.10 19.42
N VAL D 312 -2.53 -33.90 20.00
CA VAL D 312 -1.42 -33.57 20.90
C VAL D 312 -1.47 -34.43 22.16
N ASN D 313 -2.68 -34.75 22.61
CA ASN D 313 -2.84 -35.68 23.73
C ASN D 313 -2.25 -37.06 23.40
N GLY D 314 -2.57 -37.56 22.21
CA GLY D 314 -2.02 -38.80 21.71
C GLY D 314 -0.50 -38.81 21.60
N MET D 315 0.03 -37.71 21.09
CA MET D 315 1.48 -37.54 21.03
C MET D 315 2.07 -37.65 22.43
N TYR D 316 1.39 -37.03 23.40
CA TYR D 316 1.87 -37.10 24.77
C TYR D 316 1.77 -38.51 25.36
N LEU D 317 0.60 -39.13 25.26
CA LEU D 317 0.42 -40.45 25.87
C LEU D 317 0.93 -41.60 24.97
N ILE D 318 1.79 -41.27 24.01
CA ILE D 318 2.92 -42.14 23.64
C ILE D 318 4.12 -41.60 24.44
N MET E 1 -30.60 -37.95 -32.96
CA MET E 1 -29.56 -38.99 -33.23
C MET E 1 -29.34 -39.91 -32.04
N LEU E 2 -29.05 -41.16 -32.35
CA LEU E 2 -28.35 -42.05 -31.40
C LEU E 2 -26.84 -41.86 -31.63
N VAL E 3 -26.12 -41.40 -30.62
CA VAL E 3 -24.70 -41.14 -30.75
C VAL E 3 -23.92 -41.95 -29.74
N PHE E 4 -22.75 -42.41 -30.18
CA PHE E 4 -22.01 -43.34 -29.38
C PHE E 4 -20.91 -42.66 -28.62
N ILE E 5 -21.01 -42.79 -27.29
CA ILE E 5 -19.95 -42.35 -26.40
C ILE E 5 -19.39 -43.51 -25.59
N ASP E 6 -18.20 -43.93 -25.99
CA ASP E 6 -17.33 -44.72 -25.14
C ASP E 6 -16.74 -43.76 -24.13
N ASP E 7 -17.33 -43.72 -22.95
CA ASP E 7 -16.80 -42.88 -21.87
C ASP E 7 -15.73 -43.62 -21.05
N GLY E 8 -14.48 -43.52 -21.51
CA GLY E 8 -13.35 -44.05 -20.75
C GLY E 8 -12.93 -43.07 -19.67
N SER E 9 -12.28 -43.57 -18.63
CA SER E 9 -11.75 -42.75 -17.54
C SER E 9 -10.94 -41.52 -17.97
N THR E 10 -10.15 -41.71 -19.02
CA THR E 10 -9.19 -40.68 -19.40
C THR E 10 -9.60 -39.94 -20.65
N ASN E 11 -10.22 -40.65 -21.60
CA ASN E 11 -10.60 -40.09 -22.89
C ASN E 11 -12.03 -40.46 -23.27
N ILE E 12 -12.83 -39.45 -23.59
CA ILE E 12 -14.16 -39.71 -24.14
C ILE E 12 -13.98 -39.95 -25.63
N LYS E 13 -14.52 -41.08 -26.11
CA LYS E 13 -14.50 -41.37 -27.53
C LYS E 13 -15.93 -41.35 -28.06
N LEU E 14 -16.09 -40.67 -29.20
CA LEU E 14 -17.39 -40.44 -29.81
C LEU E 14 -17.41 -41.08 -31.17
N GLN E 15 -18.51 -41.77 -31.49
CA GLN E 15 -18.83 -42.12 -32.86
C GLN E 15 -20.27 -41.66 -33.15
N TRP E 16 -20.44 -41.10 -34.34
CA TRP E 16 -21.69 -40.44 -34.70
C TRP E 16 -21.82 -40.12 -36.20
N GLN E 17 -22.95 -40.57 -36.77
CA GLN E 17 -23.18 -40.52 -38.21
C GLN E 17 -24.16 -39.41 -38.58
N GLU E 18 -23.60 -38.31 -39.07
CA GLU E 18 -24.39 -37.24 -39.66
C GLU E 18 -25.17 -37.91 -40.78
N SER E 19 -26.47 -37.70 -40.82
CA SER E 19 -27.36 -38.43 -41.74
C SER E 19 -26.89 -38.58 -43.18
N ASP E 20 -25.81 -37.88 -43.56
CA ASP E 20 -25.24 -37.95 -44.90
C ASP E 20 -24.34 -39.19 -45.05
N GLY E 21 -24.63 -40.25 -44.31
CA GLY E 21 -23.71 -41.38 -44.13
C GLY E 21 -22.34 -41.04 -43.51
N THR E 22 -22.27 -39.93 -42.77
CA THR E 22 -21.00 -39.36 -42.40
C THR E 22 -20.77 -39.90 -41.03
N ILE E 23 -19.95 -40.93 -40.86
CA ILE E 23 -19.66 -41.41 -39.49
C ILE E 23 -18.35 -40.76 -39.04
N LYS E 24 -18.39 -40.11 -37.87
CA LYS E 24 -17.26 -39.33 -37.37
C LYS E 24 -16.73 -39.93 -36.08
N GLN E 25 -15.41 -39.90 -35.91
CA GLN E 25 -14.74 -40.36 -34.68
C GLN E 25 -14.10 -39.13 -34.04
N HIS E 26 -14.45 -38.86 -32.78
CA HIS E 26 -13.93 -37.67 -32.11
C HIS E 26 -13.53 -38.05 -30.68
N ILE E 27 -12.32 -37.66 -30.27
CA ILE E 27 -11.82 -38.03 -28.95
C ILE E 27 -11.59 -36.78 -28.12
N SER E 28 -11.79 -36.89 -26.81
CA SER E 28 -11.60 -35.75 -25.93
C SER E 28 -10.98 -36.18 -24.59
N PRO E 29 -9.73 -35.70 -24.32
CA PRO E 29 -9.09 -35.97 -23.03
C PRO E 29 -9.83 -35.28 -21.89
N ASN E 30 -9.96 -35.97 -20.76
CA ASN E 30 -10.62 -35.43 -19.58
C ASN E 30 -9.58 -34.84 -18.65
N SER E 31 -9.70 -33.55 -18.35
CA SER E 31 -8.80 -32.91 -17.38
C SER E 31 -9.50 -31.62 -16.90
N PHE E 32 -10.03 -31.69 -15.68
CA PHE E 32 -10.98 -30.69 -15.17
C PHE E 32 -10.56 -30.15 -13.81
N LYS E 33 -10.62 -28.82 -13.65
CA LYS E 33 -10.28 -28.18 -12.40
C LYS E 33 -11.55 -27.63 -11.76
N ARG E 34 -11.64 -27.72 -10.44
CA ARG E 34 -12.90 -27.46 -9.72
C ARG E 34 -13.07 -25.95 -9.49
N GLU E 35 -12.97 -25.18 -10.57
CA GLU E 35 -13.17 -23.75 -10.54
C GLU E 35 -13.27 -23.22 -11.97
N TRP E 36 -13.71 -22.00 -12.07
CA TRP E 36 -13.94 -21.45 -13.37
C TRP E 36 -12.67 -20.90 -13.96
N ALA E 37 -12.72 -20.76 -15.29
CA ALA E 37 -11.63 -20.25 -16.11
C ALA E 37 -11.71 -18.75 -16.19
N VAL E 38 -10.57 -18.12 -16.43
CA VAL E 38 -10.46 -16.66 -16.43
C VAL E 38 -10.30 -16.16 -17.86
N SER E 39 -11.13 -15.20 -18.22
CA SER E 39 -11.33 -14.83 -19.62
C SER E 39 -10.40 -13.72 -20.16
N PHE E 40 -9.97 -13.88 -21.39
CA PHE E 40 -9.68 -12.73 -22.24
C PHE E 40 -10.33 -13.03 -23.60
N GLY E 41 -11.21 -12.14 -24.06
CA GLY E 41 -12.29 -12.52 -24.96
C GLY E 41 -11.89 -12.85 -26.37
N ASP E 42 -12.09 -14.12 -26.73
CA ASP E 42 -11.68 -14.73 -28.02
C ASP E 42 -12.02 -16.24 -27.94
N LYS E 43 -13.29 -16.49 -27.62
CA LYS E 43 -13.82 -17.81 -27.25
C LYS E 43 -13.08 -18.57 -26.13
N LYS E 44 -12.57 -17.80 -25.17
CA LYS E 44 -12.02 -18.38 -23.95
C LYS E 44 -13.20 -18.59 -22.99
N VAL E 45 -13.46 -19.84 -22.62
CA VAL E 45 -14.81 -20.23 -22.28
C VAL E 45 -14.85 -21.72 -21.96
N PHE E 46 -15.94 -22.13 -21.32
CA PHE E 46 -16.32 -23.52 -21.01
C PHE E 46 -16.24 -23.79 -19.53
N ASN E 47 -17.07 -23.03 -18.81
CA ASN E 47 -17.19 -23.11 -17.35
C ASN E 47 -18.53 -23.76 -17.01
N TYR E 48 -18.52 -24.90 -16.32
CA TYR E 48 -19.77 -25.65 -16.09
C TYR E 48 -20.13 -25.75 -14.62
N THR E 49 -21.45 -25.74 -14.38
CA THR E 49 -22.00 -25.65 -13.03
C THR E 49 -22.97 -26.81 -12.82
N LEU E 50 -22.74 -27.60 -11.78
CA LEU E 50 -23.59 -28.74 -11.52
C LEU E 50 -23.55 -29.04 -10.04
N ASN E 51 -24.72 -28.99 -9.41
CA ASN E 51 -24.90 -29.46 -8.05
C ASN E 51 -23.86 -28.90 -7.07
N GLY E 52 -23.83 -27.56 -7.05
CA GLY E 52 -23.02 -26.81 -6.09
C GLY E 52 -21.72 -26.38 -6.74
N GLU E 53 -20.72 -27.26 -6.70
CA GLU E 53 -19.39 -27.01 -7.27
C GLU E 53 -19.45 -26.63 -8.73
N GLN E 54 -18.41 -25.95 -9.19
CA GLN E 54 -18.25 -25.75 -10.64
C GLN E 54 -16.92 -26.25 -11.21
N TYR E 55 -16.84 -26.30 -12.54
CA TYR E 55 -15.69 -26.91 -13.19
C TYR E 55 -15.34 -26.16 -14.44
N SER E 56 -14.08 -26.28 -14.82
CA SER E 56 -13.66 -25.88 -16.15
C SER E 56 -12.46 -26.72 -16.55
N PHE E 57 -12.20 -26.68 -17.84
CA PHE E 57 -11.16 -27.48 -18.43
C PHE E 57 -9.79 -26.95 -18.02
N ASP E 58 -8.87 -27.83 -17.63
CA ASP E 58 -7.43 -27.47 -17.67
C ASP E 58 -6.56 -28.66 -18.05
N PRO E 59 -5.87 -28.58 -19.21
CA PRO E 59 -5.01 -29.67 -19.62
C PRO E 59 -3.69 -29.80 -18.84
N ILE E 60 -3.21 -28.72 -18.22
CA ILE E 60 -1.76 -28.61 -17.97
C ILE E 60 -1.35 -28.72 -16.50
N SER E 61 -2.22 -28.35 -15.57
CA SER E 61 -1.78 -28.11 -14.20
C SER E 61 -2.35 -29.10 -13.19
N PRO E 62 -1.63 -29.30 -12.06
CA PRO E 62 -2.22 -30.09 -10.97
C PRO E 62 -3.54 -29.52 -10.41
N ASP E 63 -4.15 -30.29 -9.52
CA ASP E 63 -5.52 -30.01 -9.08
C ASP E 63 -6.54 -29.97 -10.25
N ALA E 64 -6.18 -30.57 -11.39
CA ALA E 64 -7.19 -31.18 -12.25
C ALA E 64 -7.45 -32.56 -11.62
N VAL E 65 -8.72 -32.90 -11.39
CA VAL E 65 -9.01 -34.04 -10.54
C VAL E 65 -8.59 -35.34 -11.26
N VAL E 66 -7.93 -36.20 -10.49
CA VAL E 66 -7.48 -37.50 -11.00
C VAL E 66 -8.64 -38.50 -11.00
N THR E 67 -8.83 -39.09 -12.17
CA THR E 67 -10.00 -39.90 -12.50
C THR E 67 -9.69 -41.39 -12.64
N THR E 68 -8.53 -41.82 -12.15
CA THR E 68 -8.15 -43.24 -12.19
C THR E 68 -8.89 -44.13 -11.17
N ASN E 69 -9.59 -43.53 -10.22
CA ASN E 69 -10.40 -44.29 -9.25
C ASN E 69 -11.71 -44.89 -9.79
N ILE E 70 -11.69 -46.18 -10.09
CA ILE E 70 -12.91 -47.05 -10.07
C ILE E 70 -14.32 -46.43 -10.24
N ALA E 71 -14.72 -45.59 -9.29
CA ALA E 71 -16.05 -45.00 -9.26
C ALA E 71 -16.25 -43.85 -10.27
N TRP E 72 -15.31 -43.65 -11.18
CA TRP E 72 -15.49 -42.71 -12.25
C TRP E 72 -16.81 -42.89 -13.05
N GLN E 73 -17.27 -44.13 -13.16
CA GLN E 73 -18.49 -44.40 -13.88
C GLN E 73 -19.74 -44.15 -13.05
N TYR E 74 -19.63 -43.43 -11.93
CA TYR E 74 -20.80 -42.77 -11.34
C TYR E 74 -20.47 -41.37 -10.85
N SER E 75 -19.34 -40.82 -11.31
CA SER E 75 -18.91 -39.49 -10.87
C SER E 75 -19.77 -38.39 -11.49
N ASP E 76 -19.91 -37.26 -10.78
CA ASP E 76 -20.51 -36.07 -11.39
C ASP E 76 -19.59 -35.48 -12.46
N VAL E 77 -18.29 -35.50 -12.19
CA VAL E 77 -17.26 -35.19 -13.15
C VAL E 77 -17.51 -35.87 -14.51
N ASN E 78 -17.87 -37.15 -14.47
CA ASN E 78 -18.16 -37.89 -15.70
C ASN E 78 -19.16 -37.15 -16.56
N VAL E 79 -20.26 -36.71 -15.94
CA VAL E 79 -21.31 -35.97 -16.68
C VAL E 79 -20.73 -34.71 -17.33
N VAL E 80 -19.92 -34.00 -16.55
CA VAL E 80 -19.26 -32.81 -17.04
C VAL E 80 -18.42 -33.15 -18.29
N ALA E 81 -17.62 -34.20 -18.12
CA ALA E 81 -16.66 -34.62 -19.12
C ALA E 81 -17.35 -34.95 -20.44
N VAL E 82 -18.42 -35.72 -20.32
CA VAL E 82 -19.16 -36.16 -21.52
C VAL E 82 -19.84 -34.97 -22.20
N HIS E 83 -20.47 -34.09 -21.43
CA HIS E 83 -21.05 -32.88 -22.02
C HIS E 83 -20.02 -32.06 -22.73
N HIS E 84 -18.85 -31.95 -22.10
CA HIS E 84 -17.81 -31.08 -22.66
C HIS E 84 -17.31 -31.64 -23.99
N ALA E 85 -17.14 -32.96 -24.01
CA ALA E 85 -16.66 -33.64 -25.20
C ALA E 85 -17.64 -33.45 -26.36
N LEU E 86 -18.94 -33.59 -26.07
CA LEU E 86 -19.94 -33.41 -27.12
C LEU E 86 -20.09 -31.96 -27.50
N LEU E 87 -19.79 -31.02 -26.60
CA LEU E 87 -19.84 -29.60 -26.97
C LEU E 87 -18.75 -29.18 -27.94
N THR E 88 -17.73 -29.99 -28.13
CA THR E 88 -16.67 -29.71 -29.10
C THR E 88 -16.74 -30.58 -30.34
N SER E 89 -17.90 -31.20 -30.57
CA SER E 89 -18.11 -32.12 -31.69
C SER E 89 -18.26 -31.43 -33.05
N GLY E 90 -18.83 -30.24 -33.03
CA GLY E 90 -19.29 -29.60 -34.26
C GLY E 90 -20.67 -30.14 -34.65
N LEU E 91 -21.47 -30.42 -33.61
CA LEU E 91 -22.83 -30.88 -33.82
C LEU E 91 -23.85 -29.75 -33.55
N PRO E 92 -25.01 -29.84 -34.20
CA PRO E 92 -26.09 -28.91 -33.85
C PRO E 92 -26.62 -29.20 -32.45
N VAL E 93 -26.44 -28.26 -31.53
CA VAL E 93 -26.90 -28.43 -30.16
C VAL E 93 -28.38 -28.84 -30.19
N SER E 94 -28.75 -29.82 -29.36
CA SER E 94 -30.12 -30.37 -29.37
C SER E 94 -30.34 -31.39 -28.27
N GLU E 95 -31.56 -31.95 -28.28
CA GLU E 95 -31.82 -33.21 -27.61
C GLU E 95 -31.23 -34.30 -28.50
N VAL E 96 -30.71 -35.35 -27.88
CA VAL E 96 -30.17 -36.50 -28.62
C VAL E 96 -30.21 -37.71 -27.70
N ASP E 97 -29.85 -38.88 -28.21
CA ASP E 97 -29.89 -40.11 -27.44
C ASP E 97 -28.52 -40.73 -27.54
N ILE E 98 -28.13 -41.48 -26.53
CA ILE E 98 -26.76 -42.00 -26.53
C ILE E 98 -26.67 -43.42 -26.04
N VAL E 99 -25.60 -44.06 -26.45
CA VAL E 99 -25.17 -45.30 -25.82
C VAL E 99 -23.80 -44.98 -25.23
N CYS E 100 -23.56 -45.63 -24.09
CA CYS E 100 -22.32 -45.46 -23.35
C CYS E 100 -21.80 -46.82 -22.90
N THR E 101 -20.71 -46.81 -22.13
CA THR E 101 -20.03 -48.03 -21.68
C THR E 101 -20.40 -48.38 -20.18
N LEU E 102 -20.10 -49.61 -19.82
CA LEU E 102 -19.68 -49.96 -18.46
C LEU E 102 -18.50 -50.91 -18.57
N PRO E 103 -17.59 -50.87 -17.57
CA PRO E 103 -16.53 -51.86 -17.43
C PRO E 103 -17.10 -53.26 -17.32
N LEU E 104 -16.31 -54.25 -17.72
CA LEU E 104 -16.74 -55.65 -17.70
C LEU E 104 -17.29 -56.10 -16.35
N THR E 105 -16.65 -55.71 -15.26
CA THR E 105 -17.02 -56.16 -13.93
C THR E 105 -18.31 -55.55 -13.40
N GLU E 106 -18.76 -54.47 -14.03
CA GLU E 106 -19.88 -53.68 -13.57
C GLU E 106 -21.24 -54.23 -13.96
N TYR E 107 -21.30 -54.78 -15.17
CA TYR E 107 -22.49 -55.42 -15.73
C TYR E 107 -22.87 -56.72 -15.05
N TYR E 108 -21.89 -57.42 -14.49
CA TYR E 108 -22.01 -58.83 -14.20
C TYR E 108 -21.69 -59.09 -12.75
N ASP E 109 -21.74 -60.35 -12.35
CA ASP E 109 -21.84 -60.71 -10.91
C ASP E 109 -21.45 -62.16 -10.73
N ARG E 110 -22.01 -62.88 -9.75
CA ARG E 110 -21.60 -64.27 -9.48
C ARG E 110 -22.25 -65.27 -10.46
N ASN E 111 -23.54 -65.04 -10.72
CA ASN E 111 -24.20 -65.73 -11.80
C ASN E 111 -24.38 -64.82 -13.00
N ASN E 112 -23.22 -64.42 -13.55
CA ASN E 112 -23.03 -63.91 -14.92
C ASN E 112 -24.25 -63.45 -15.69
N GLN E 113 -25.04 -62.62 -15.03
CA GLN E 113 -26.17 -61.96 -15.62
C GLN E 113 -26.00 -60.45 -15.47
N PRO E 114 -26.65 -59.68 -16.33
CA PRO E 114 -26.72 -58.22 -16.18
C PRO E 114 -26.99 -57.72 -14.75
N ASN E 115 -26.22 -56.72 -14.31
CA ASN E 115 -26.40 -56.15 -13.00
C ASN E 115 -27.25 -54.89 -13.12
N THR E 116 -28.53 -55.13 -13.39
CA THR E 116 -29.52 -54.09 -13.62
C THR E 116 -29.40 -52.89 -12.69
N GLU E 117 -29.07 -53.17 -11.42
CA GLU E 117 -28.87 -52.10 -10.47
C GLU E 117 -27.78 -51.16 -10.93
N ASN E 118 -26.58 -51.69 -11.19
CA ASN E 118 -25.47 -50.86 -11.65
C ASN E 118 -25.70 -50.27 -13.03
N ILE E 119 -26.37 -51.01 -13.91
CA ILE E 119 -26.73 -50.49 -15.23
C ILE E 119 -27.63 -49.23 -15.11
N GLU E 120 -28.53 -49.25 -14.12
CA GLU E 120 -29.50 -48.18 -14.02
C GLU E 120 -28.95 -47.00 -13.25
N ARG E 121 -28.11 -47.25 -12.26
CA ARG E 121 -27.38 -46.15 -11.62
C ARG E 121 -26.65 -45.33 -12.68
N LYS E 122 -26.11 -46.03 -13.67
CA LYS E 122 -25.35 -45.41 -14.77
C LYS E 122 -26.26 -44.48 -15.59
N LYS E 123 -27.40 -45.00 -16.01
CA LYS E 123 -28.40 -44.24 -16.78
C LYS E 123 -28.86 -43.00 -16.07
N ALA E 124 -29.02 -43.12 -14.76
CA ALA E 124 -29.54 -42.03 -13.93
C ALA E 124 -28.54 -40.87 -13.81
N ASN E 125 -27.25 -41.22 -13.82
CA ASN E 125 -26.21 -40.19 -13.72
C ASN E 125 -26.34 -39.16 -14.83
N PHE E 126 -26.67 -39.59 -16.05
CA PHE E 126 -26.80 -38.64 -17.16
C PHE E 126 -28.13 -37.88 -17.17
N ARG E 127 -28.90 -37.95 -16.08
CA ARG E 127 -30.06 -37.09 -15.91
C ARG E 127 -29.68 -35.81 -15.18
N LYS E 128 -28.56 -35.85 -14.47
CA LYS E 128 -28.10 -34.72 -13.66
C LYS E 128 -28.17 -33.45 -14.50
N LYS E 129 -28.61 -32.37 -13.89
CA LYS E 129 -28.74 -31.09 -14.57
C LYS E 129 -27.44 -30.29 -14.48
N ILE E 130 -27.09 -29.66 -15.58
CA ILE E 130 -25.80 -28.97 -15.72
C ILE E 130 -25.98 -27.68 -16.52
N THR E 131 -25.28 -26.62 -16.12
CA THR E 131 -25.32 -25.37 -16.89
C THR E 131 -23.94 -24.97 -17.37
N LEU E 132 -23.82 -24.70 -18.67
CA LEU E 132 -22.75 -23.85 -19.19
C LEU E 132 -23.31 -22.45 -19.35
N ASN E 133 -22.55 -21.46 -18.86
CA ASN E 133 -22.88 -20.00 -18.84
C ASN E 133 -23.48 -19.37 -20.12
N GLY E 134 -22.66 -18.70 -20.93
CA GLY E 134 -23.13 -18.05 -22.12
C GLY E 134 -23.22 -19.11 -23.20
N GLY E 135 -24.33 -19.86 -23.20
CA GLY E 135 -24.55 -20.90 -24.20
C GLY E 135 -25.45 -22.00 -23.71
N ASP E 136 -26.11 -22.69 -24.65
CA ASP E 136 -26.92 -23.85 -24.32
C ASP E 136 -26.15 -25.14 -24.52
N THR E 137 -26.38 -26.07 -23.60
CA THR E 137 -25.84 -27.42 -23.66
C THR E 137 -26.77 -28.33 -24.46
N PHE E 138 -26.22 -29.37 -25.09
CA PHE E 138 -27.06 -30.40 -25.70
C PHE E 138 -27.86 -31.03 -24.56
N THR E 139 -29.04 -31.54 -24.85
CA THR E 139 -29.83 -32.25 -23.85
C THR E 139 -29.69 -33.74 -24.15
N ILE E 140 -29.40 -34.54 -23.13
CA ILE E 140 -29.26 -35.97 -23.33
C ILE E 140 -30.56 -36.66 -22.90
N LYS E 141 -31.28 -37.18 -23.90
CA LYS E 141 -32.58 -37.81 -23.68
C LYS E 141 -32.41 -39.30 -23.28
N ASP E 142 -32.43 -40.21 -24.24
CA ASP E 142 -32.49 -41.63 -23.97
C ASP E 142 -31.08 -42.20 -23.82
N VAL E 143 -30.89 -43.03 -22.79
CA VAL E 143 -29.59 -43.63 -22.51
C VAL E 143 -29.63 -45.16 -22.47
N LYS E 144 -28.70 -45.80 -23.18
CA LYS E 144 -28.44 -47.24 -22.94
C LYS E 144 -26.97 -47.57 -22.81
N VAL E 145 -26.72 -48.75 -22.25
CA VAL E 145 -25.36 -49.18 -21.91
C VAL E 145 -24.93 -50.41 -22.71
N MET E 146 -23.64 -50.50 -22.98
CA MET E 146 -23.03 -51.73 -23.53
C MET E 146 -21.81 -52.08 -22.68
N PRO E 147 -21.38 -53.36 -22.67
CA PRO E 147 -20.16 -53.67 -21.89
C PRO E 147 -18.90 -53.29 -22.64
N GLU E 148 -17.80 -53.14 -21.90
CA GLU E 148 -16.47 -52.81 -22.48
C GLU E 148 -15.56 -54.03 -22.76
N SER E 149 -15.94 -54.83 -23.75
CA SER E 149 -15.13 -55.97 -24.22
C SER E 149 -15.52 -56.40 -25.64
N ILE E 150 -16.76 -56.83 -25.79
CA ILE E 150 -17.24 -57.52 -26.99
C ILE E 150 -16.98 -56.75 -28.31
N PRO E 151 -17.59 -55.56 -28.42
CA PRO E 151 -17.82 -55.03 -29.75
C PRO E 151 -16.56 -54.74 -30.54
N ALA E 152 -15.43 -54.57 -29.89
CA ALA E 152 -14.16 -54.30 -30.60
C ALA E 152 -13.70 -55.50 -31.44
N GLY E 153 -14.14 -56.70 -31.09
CA GLY E 153 -13.86 -57.86 -31.93
C GLY E 153 -14.80 -58.01 -33.12
N TYR E 154 -15.74 -57.08 -33.29
CA TYR E 154 -16.93 -57.36 -34.11
C TYR E 154 -16.62 -57.83 -35.52
N GLU E 155 -15.97 -57.01 -36.31
CA GLU E 155 -15.69 -57.38 -37.70
C GLU E 155 -14.91 -58.69 -37.75
N VAL E 156 -13.83 -58.78 -36.98
CA VAL E 156 -12.96 -59.97 -37.01
C VAL E 156 -13.75 -61.23 -36.63
N LEU E 157 -14.61 -61.11 -35.62
CA LEU E 157 -15.40 -62.26 -35.17
C LEU E 157 -16.32 -62.77 -36.26
N GLN E 158 -16.73 -61.89 -37.15
CA GLN E 158 -17.67 -62.26 -38.23
C GLN E 158 -17.08 -63.32 -39.15
N GLU E 159 -15.84 -63.13 -39.57
CA GLU E 159 -15.20 -63.98 -40.54
C GLU E 159 -14.23 -64.82 -39.71
N LEU E 160 -14.77 -65.53 -38.73
CA LEU E 160 -13.94 -66.44 -37.91
C LEU E 160 -14.28 -67.92 -38.12
N ASP E 161 -15.52 -68.29 -37.78
CA ASP E 161 -16.17 -69.60 -37.99
C ASP E 161 -17.15 -69.85 -36.81
N GLU E 162 -17.33 -71.10 -36.37
CA GLU E 162 -18.18 -71.40 -35.24
C GLU E 162 -17.56 -72.30 -34.15
N LEU E 163 -16.33 -72.78 -34.35
CA LEU E 163 -15.74 -73.71 -33.40
C LEU E 163 -14.45 -73.17 -32.78
N ASP E 164 -14.15 -71.90 -33.00
CA ASP E 164 -12.89 -71.31 -32.54
C ASP E 164 -13.13 -70.01 -31.76
N SER E 165 -12.12 -69.52 -31.04
CA SER E 165 -12.33 -68.45 -30.07
C SER E 165 -11.32 -67.32 -30.11
N LEU E 166 -11.84 -66.10 -30.01
CA LEU E 166 -11.05 -64.90 -30.12
C LEU E 166 -10.89 -64.24 -28.74
N LEU E 167 -9.65 -64.08 -28.31
CA LEU E 167 -9.36 -63.43 -27.05
C LEU E 167 -9.19 -61.92 -27.29
N ILE E 168 -10.11 -61.15 -26.73
CA ILE E 168 -10.01 -59.70 -26.83
C ILE E 168 -9.43 -59.16 -25.52
N ILE E 169 -8.22 -58.61 -25.62
CA ILE E 169 -7.58 -57.92 -24.49
C ILE E 169 -7.78 -56.40 -24.57
N ASP E 170 -8.64 -55.88 -23.69
CA ASP E 170 -8.85 -54.43 -23.57
C ASP E 170 -8.05 -53.85 -22.40
N LEU E 171 -6.96 -53.14 -22.67
CA LEU E 171 -6.28 -52.46 -21.56
C LEU E 171 -6.53 -50.96 -21.63
N GLY E 172 -7.23 -50.47 -20.62
CA GLY E 172 -7.51 -49.05 -20.47
C GLY E 172 -6.67 -48.40 -19.36
N GLY E 173 -7.01 -47.15 -19.04
CA GLY E 173 -6.33 -46.42 -17.97
C GLY E 173 -6.54 -47.01 -16.60
N THR E 174 -7.76 -47.43 -16.33
CA THR E 174 -8.11 -48.02 -15.04
C THR E 174 -8.19 -49.55 -15.09
N THR E 175 -8.74 -50.11 -16.16
CA THR E 175 -9.22 -51.50 -16.13
C THR E 175 -8.60 -52.39 -17.21
N LEU E 176 -8.21 -53.60 -16.84
CA LEU E 176 -7.86 -54.65 -17.80
C LEU E 176 -9.08 -55.55 -17.99
N ASP E 177 -9.67 -55.48 -19.15
CA ASP E 177 -10.86 -56.29 -19.47
C ASP E 177 -10.50 -57.35 -20.50
N ILE E 178 -10.67 -58.62 -20.13
CA ILE E 178 -10.39 -59.71 -21.07
C ILE E 178 -11.64 -60.55 -21.32
N SER E 179 -11.87 -60.88 -22.58
CA SER E 179 -12.97 -61.73 -22.95
C SER E 179 -12.51 -62.72 -24.01
N GLN E 180 -13.10 -63.90 -23.97
CA GLN E 180 -12.89 -64.91 -24.97
C GLN E 180 -14.26 -65.18 -25.56
N VAL E 181 -14.35 -65.05 -26.87
CA VAL E 181 -15.62 -65.17 -27.60
C VAL E 181 -15.46 -66.27 -28.65
N MET E 182 -16.27 -67.33 -28.61
CA MET E 182 -16.12 -68.42 -29.57
C MET E 182 -16.78 -68.09 -30.91
N GLY E 183 -15.97 -67.98 -31.96
CA GLY E 183 -16.43 -68.05 -33.35
C GLY E 183 -17.66 -67.22 -33.74
N LYS E 184 -17.43 -65.96 -34.08
CA LYS E 184 -18.49 -64.95 -34.09
C LYS E 184 -19.04 -64.75 -32.68
N LEU E 185 -19.97 -63.80 -32.54
CA LEU E 185 -20.66 -63.59 -31.28
C LEU E 185 -21.78 -64.65 -31.16
N SER E 186 -21.49 -65.85 -31.64
CA SER E 186 -22.29 -67.02 -31.46
C SER E 186 -22.26 -67.53 -30.02
N GLY E 187 -21.16 -67.23 -29.33
CA GLY E 187 -20.97 -67.61 -27.93
C GLY E 187 -19.85 -66.83 -27.27
N ILE E 188 -19.94 -66.64 -25.96
CA ILE E 188 -18.90 -65.93 -25.21
C ILE E 188 -18.49 -66.80 -24.01
N SER E 189 -17.30 -67.40 -24.10
CA SER E 189 -16.93 -68.43 -23.16
C SER E 189 -16.71 -67.85 -21.79
N LYS E 190 -15.83 -66.87 -21.73
CA LYS E 190 -15.34 -66.38 -20.43
C LYS E 190 -14.92 -64.93 -20.46
N ILE E 191 -15.27 -64.20 -19.41
CA ILE E 191 -14.93 -62.80 -19.28
C ILE E 191 -14.04 -62.66 -18.05
N TYR E 192 -13.36 -61.53 -17.92
CA TYR E 192 -12.66 -61.20 -16.70
C TYR E 192 -12.30 -59.72 -16.67
N GLY E 193 -12.56 -59.10 -15.52
CA GLY E 193 -12.31 -57.67 -15.35
C GLY E 193 -11.50 -57.37 -14.11
N ASP E 194 -10.39 -56.65 -14.29
CA ASP E 194 -9.49 -56.34 -13.20
C ASP E 194 -9.32 -54.81 -13.14
N SER E 195 -10.08 -54.18 -12.24
CA SER E 195 -10.19 -52.72 -12.21
C SER E 195 -9.01 -52.05 -11.48
N SER E 196 -8.09 -52.85 -10.97
CA SER E 196 -6.91 -52.36 -10.30
C SER E 196 -5.69 -52.44 -11.24
N LEU E 197 -5.88 -53.06 -12.39
CA LEU E 197 -4.79 -53.17 -13.36
C LEU E 197 -5.09 -52.35 -14.62
N GLY E 198 -4.56 -51.14 -14.62
CA GLY E 198 -4.67 -50.24 -15.74
C GLY E 198 -3.33 -49.64 -16.07
N VAL E 199 -3.30 -48.83 -17.13
CA VAL E 199 -2.13 -48.04 -17.50
C VAL E 199 -1.73 -47.10 -16.38
N SER E 200 -2.69 -46.78 -15.49
CA SER E 200 -2.45 -45.93 -14.32
C SER E 200 -1.20 -46.29 -13.55
N LEU E 201 -0.88 -47.59 -13.54
CA LEU E 201 0.25 -48.07 -12.79
C LEU E 201 1.51 -47.27 -13.07
N VAL E 202 1.80 -47.03 -14.34
CA VAL E 202 3.02 -46.33 -14.69
C VAL E 202 2.78 -44.83 -14.58
N THR E 203 1.69 -44.34 -15.14
CA THR E 203 1.32 -42.91 -15.01
C THR E 203 1.49 -42.43 -13.57
N SER E 204 0.88 -43.13 -12.63
CA SER E 204 0.96 -42.76 -11.20
C SER E 204 2.33 -42.98 -10.53
N ALA E 205 3.29 -43.63 -11.16
CA ALA E 205 4.69 -43.48 -10.74
C ALA E 205 5.33 -42.26 -11.42
N VAL E 206 5.12 -42.13 -12.72
CA VAL E 206 5.81 -41.09 -13.48
C VAL E 206 5.39 -39.68 -13.09
N LYS E 207 4.15 -39.52 -12.61
CA LYS E 207 3.71 -38.27 -11.97
C LYS E 207 4.63 -37.86 -10.83
N ASP E 208 4.90 -38.83 -9.96
CA ASP E 208 5.77 -38.55 -8.83
C ASP E 208 7.20 -38.28 -9.29
N ALA E 209 7.64 -38.89 -10.38
CA ALA E 209 9.00 -38.70 -10.90
C ALA E 209 9.14 -37.31 -11.46
N LEU E 210 8.11 -36.88 -12.17
CA LEU E 210 8.09 -35.54 -12.71
C LEU E 210 8.13 -34.50 -11.58
N SER E 211 7.45 -34.75 -10.47
CA SER E 211 7.53 -33.85 -9.33
C SER E 211 8.96 -33.78 -8.78
N LEU E 212 9.65 -34.93 -8.71
CA LEU E 212 11.06 -34.96 -8.34
C LEU E 212 11.88 -34.10 -9.31
N ALA E 213 11.51 -34.18 -10.58
CA ALA E 213 12.15 -33.37 -11.62
C ALA E 213 11.58 -31.97 -11.72
N ARG E 214 10.95 -31.51 -10.63
CA ARG E 214 10.46 -30.14 -10.54
C ARG E 214 9.50 -29.81 -11.67
N THR E 215 8.67 -30.78 -12.06
CA THR E 215 7.72 -30.58 -13.12
C THR E 215 6.43 -31.12 -12.58
N LYS E 216 5.92 -30.53 -11.51
CA LYS E 216 4.64 -30.98 -10.92
C LYS E 216 3.51 -30.57 -11.87
N GLY E 217 2.80 -31.56 -12.42
CA GLY E 217 1.94 -31.32 -13.57
C GLY E 217 0.66 -32.14 -13.61
N SER E 218 -0.07 -31.97 -14.70
CA SER E 218 -1.31 -32.71 -14.91
C SER E 218 -1.05 -34.15 -15.30
N SER E 219 -2.04 -34.98 -15.10
CA SER E 219 -2.00 -36.36 -15.54
C SER E 219 -1.78 -36.38 -17.05
N TYR E 220 -2.44 -35.46 -17.73
CA TYR E 220 -2.34 -35.37 -19.19
C TYR E 220 -0.89 -35.16 -19.67
N LEU E 221 -0.17 -34.24 -19.04
CA LEU E 221 1.24 -34.00 -19.38
C LEU E 221 2.07 -35.26 -19.17
N ALA E 222 1.75 -35.98 -18.11
CA ALA E 222 2.47 -37.19 -17.78
C ALA E 222 2.23 -38.26 -18.86
N ASP E 223 0.99 -38.32 -19.35
CA ASP E 223 0.66 -39.27 -20.39
C ASP E 223 1.35 -38.84 -21.65
N ASP E 224 1.53 -37.54 -21.80
CA ASP E 224 2.20 -37.02 -23.00
C ASP E 224 3.65 -37.44 -23.02
N ILE E 225 4.24 -37.58 -21.85
CA ILE E 225 5.59 -38.12 -21.68
C ILE E 225 5.66 -39.61 -22.04
N ILE E 226 4.64 -40.32 -21.57
CA ILE E 226 4.56 -41.75 -21.84
C ILE E 226 4.39 -41.99 -23.34
N ILE E 227 3.57 -41.17 -23.99
CA ILE E 227 3.32 -41.34 -25.42
C ILE E 227 4.60 -41.10 -26.20
N HIS E 228 5.38 -40.11 -25.79
CA HIS E 228 6.61 -39.79 -26.52
C HIS E 228 7.86 -40.31 -25.81
N ARG E 229 7.72 -41.47 -25.16
CA ARG E 229 8.80 -42.09 -24.45
C ARG E 229 10.07 -42.29 -25.31
N LYS E 230 9.91 -42.44 -26.62
CA LYS E 230 11.03 -42.77 -27.50
C LYS E 230 11.93 -41.59 -27.91
N ASP E 231 11.44 -40.34 -27.88
CA ASP E 231 12.29 -39.23 -28.28
C ASP E 231 12.77 -38.39 -27.10
N ASN E 232 14.01 -38.60 -26.71
CA ASN E 232 14.70 -37.77 -25.71
C ASN E 232 14.68 -36.26 -25.99
N ASN E 233 14.68 -35.88 -27.25
CA ASN E 233 14.58 -34.47 -27.63
C ASN E 233 13.20 -33.91 -27.34
N TYR E 234 12.16 -34.69 -27.63
CA TYR E 234 10.80 -34.28 -27.31
C TYR E 234 10.68 -34.08 -25.81
N LEU E 235 11.14 -35.07 -25.06
CA LEU E 235 11.13 -35.00 -23.61
C LEU E 235 11.98 -33.88 -23.03
N LYS E 236 12.97 -33.38 -23.76
CA LYS E 236 13.65 -32.14 -23.37
C LYS E 236 12.71 -30.91 -23.38
N GLN E 237 11.79 -30.90 -24.34
CA GLN E 237 10.83 -29.81 -24.49
C GLN E 237 9.68 -29.87 -23.49
N ARG E 238 9.65 -30.85 -22.60
CA ARG E 238 8.58 -31.00 -21.63
C ARG E 238 9.07 -31.10 -20.20
N ILE E 239 10.23 -31.75 -19.99
CA ILE E 239 10.83 -31.88 -18.63
C ILE E 239 11.55 -30.59 -18.23
N ASN E 240 11.05 -29.94 -17.18
CA ASN E 240 11.43 -28.56 -16.93
C ASN E 240 12.82 -28.54 -16.32
N ASP E 241 13.78 -28.26 -17.21
CA ASP E 241 15.11 -27.77 -16.90
C ASP E 241 15.94 -28.77 -16.14
N GLU E 242 16.61 -29.67 -16.86
CA GLU E 242 17.40 -30.70 -16.19
C GLU E 242 18.24 -31.61 -17.10
N ASN E 243 19.43 -31.95 -16.61
CA ASN E 243 20.10 -33.21 -16.99
C ASN E 243 19.39 -34.45 -16.42
N LYS E 244 18.61 -34.26 -15.36
CA LYS E 244 17.75 -35.29 -14.81
C LYS E 244 16.50 -35.66 -15.64
N ILE E 245 16.56 -35.57 -16.97
CA ILE E 245 15.79 -36.55 -17.76
C ILE E 245 16.11 -37.96 -17.23
N SER E 246 17.37 -38.19 -16.90
CA SER E 246 17.85 -39.46 -16.39
C SER E 246 17.09 -40.04 -15.19
N ILE E 247 16.67 -39.20 -14.26
CA ILE E 247 15.93 -39.73 -13.12
C ILE E 247 14.55 -40.25 -13.56
N VAL E 248 13.95 -39.53 -14.49
CA VAL E 248 12.57 -39.77 -14.89
C VAL E 248 12.50 -40.99 -15.79
N THR E 249 13.36 -41.05 -16.80
CA THR E 249 13.30 -42.13 -17.79
C THR E 249 13.47 -43.49 -17.17
N GLU E 250 14.45 -43.64 -16.28
CA GLU E 250 14.66 -44.93 -15.59
C GLU E 250 13.50 -45.32 -14.68
N ALA E 251 13.01 -44.37 -13.90
CA ALA E 251 11.86 -44.66 -13.04
C ALA E 251 10.68 -45.08 -13.91
N MET E 252 10.52 -44.39 -15.05
CA MET E 252 9.45 -44.74 -15.98
C MET E 252 9.69 -46.14 -16.55
N ASN E 253 10.93 -46.42 -16.94
CA ASN E 253 11.24 -47.71 -17.58
C ASN E 253 11.05 -48.88 -16.64
N GLU E 254 11.45 -48.72 -15.39
CA GLU E 254 11.30 -49.75 -14.38
C GLU E 254 9.83 -50.09 -14.16
N ALA E 255 9.03 -49.05 -13.97
CA ALA E 255 7.62 -49.25 -13.71
C ALA E 255 6.88 -49.84 -14.93
N LEU E 256 7.31 -49.44 -16.13
CA LEU E 256 6.85 -50.06 -17.37
C LEU E 256 7.10 -51.56 -17.42
N ARG E 257 8.31 -51.99 -17.06
CA ARG E 257 8.64 -53.42 -17.09
C ARG E 257 7.78 -54.15 -16.09
N LYS E 258 7.52 -53.51 -14.95
CA LYS E 258 6.74 -54.14 -13.93
C LYS E 258 5.28 -54.15 -14.24
N LEU E 259 4.77 -53.37 -15.20
CA LEU E 259 3.39 -53.60 -15.63
C LEU E 259 3.26 -54.98 -16.27
N GLU E 260 4.12 -55.27 -17.23
CA GLU E 260 3.97 -56.43 -18.10
C GLU E 260 3.71 -57.73 -17.34
N GLN E 261 4.59 -58.03 -16.39
CA GLN E 261 4.50 -59.19 -15.52
C GLN E 261 3.09 -59.43 -14.98
N ARG E 262 2.52 -58.39 -14.38
CA ARG E 262 1.23 -58.61 -13.72
C ARG E 262 0.15 -58.77 -14.77
N VAL E 263 0.23 -58.08 -15.90
CA VAL E 263 -0.78 -58.28 -16.96
C VAL E 263 -0.68 -59.69 -17.55
N LEU E 264 0.54 -60.17 -17.80
CA LEU E 264 0.66 -61.51 -18.40
C LEU E 264 0.19 -62.60 -17.46
N ASN E 265 0.51 -62.48 -16.18
CA ASN E 265 0.03 -63.39 -15.17
C ASN E 265 -1.49 -63.51 -15.20
N THR E 266 -2.15 -62.39 -15.44
CA THR E 266 -3.61 -62.34 -15.50
C THR E 266 -4.14 -63.11 -16.70
N LEU E 267 -3.39 -63.12 -17.79
CA LEU E 267 -3.82 -63.78 -19.00
C LEU E 267 -3.84 -65.31 -18.80
N ASN E 268 -2.88 -65.82 -18.04
CA ASN E 268 -2.83 -67.24 -17.80
C ASN E 268 -4.02 -67.77 -16.99
N GLU E 269 -5.03 -66.92 -16.78
CA GLU E 269 -6.34 -67.38 -16.29
C GLU E 269 -7.23 -67.95 -17.40
N PHE E 270 -6.91 -67.62 -18.65
CA PHE E 270 -7.65 -68.12 -19.80
C PHE E 270 -6.87 -69.14 -20.57
N SER E 271 -7.58 -69.97 -21.33
CA SER E 271 -6.92 -70.87 -22.27
C SER E 271 -7.82 -71.30 -23.41
N GLY E 272 -7.20 -71.81 -24.46
CA GLY E 272 -7.93 -72.36 -25.62
C GLY E 272 -8.34 -71.31 -26.64
N TYR E 273 -7.70 -70.17 -26.55
CA TYR E 273 -7.96 -69.07 -27.49
C TYR E 273 -7.27 -69.41 -28.81
N THR E 274 -7.97 -69.27 -29.92
CA THR E 274 -7.38 -69.54 -31.23
C THR E 274 -6.82 -68.26 -31.86
N HIS E 275 -7.51 -67.17 -31.56
CA HIS E 275 -7.18 -65.85 -32.08
C HIS E 275 -7.08 -64.82 -30.97
N VAL E 276 -6.14 -63.90 -31.08
CA VAL E 276 -5.88 -62.96 -30.01
C VAL E 276 -5.85 -61.53 -30.56
N MET E 277 -6.66 -60.66 -29.96
CA MET E 277 -6.63 -59.26 -30.29
C MET E 277 -6.42 -58.37 -29.05
N VAL E 278 -5.74 -57.25 -29.28
CA VAL E 278 -5.39 -56.29 -28.24
C VAL E 278 -5.92 -54.91 -28.65
N ILE E 279 -6.87 -54.35 -27.87
CA ILE E 279 -7.48 -53.05 -28.17
C ILE E 279 -7.34 -52.07 -26.99
N GLY E 280 -7.60 -50.79 -27.26
CA GLY E 280 -7.30 -49.71 -26.30
C GLY E 280 -5.98 -49.03 -26.61
N GLY E 281 -5.83 -47.81 -26.10
CA GLY E 281 -4.59 -47.05 -26.33
C GLY E 281 -3.39 -47.77 -25.73
N GLY E 282 -3.63 -48.42 -24.58
CA GLY E 282 -2.62 -49.24 -23.94
C GLY E 282 -2.16 -50.47 -24.73
N ALA E 283 -2.92 -50.92 -25.72
CA ALA E 283 -2.48 -52.02 -26.58
C ALA E 283 -1.07 -51.78 -27.13
N GLU E 284 -0.83 -50.54 -27.54
CA GLU E 284 0.44 -50.15 -28.13
C GLU E 284 1.60 -50.54 -27.21
N LEU E 285 1.37 -50.39 -25.91
CA LEU E 285 2.39 -50.51 -24.87
C LEU E 285 2.75 -51.97 -24.55
N ILE E 286 1.79 -52.89 -24.68
CA ILE E 286 2.04 -54.28 -24.29
C ILE E 286 2.01 -55.31 -25.39
N CYS E 287 1.70 -54.88 -26.60
CA CYS E 287 1.42 -55.76 -27.75
C CYS E 287 2.47 -56.86 -27.98
N ASP E 288 3.72 -56.45 -28.09
CA ASP E 288 4.79 -57.41 -28.40
C ASP E 288 4.92 -58.47 -27.32
N ALA E 289 4.86 -58.11 -26.04
CA ALA E 289 5.03 -59.10 -24.97
C ALA E 289 3.90 -60.14 -24.99
N VAL E 290 2.71 -59.68 -25.29
CA VAL E 290 1.57 -60.59 -25.39
C VAL E 290 1.73 -61.54 -26.57
N LYS E 291 1.91 -60.97 -27.75
CA LYS E 291 2.07 -61.73 -28.99
C LYS E 291 3.10 -62.84 -28.77
N LYS E 292 4.26 -62.46 -28.24
CA LYS E 292 5.33 -63.41 -27.99
C LYS E 292 4.97 -64.42 -26.91
N HIS E 293 4.37 -63.99 -25.81
CA HIS E 293 4.01 -64.93 -24.75
C HIS E 293 2.98 -65.98 -25.18
N THR E 294 2.10 -65.65 -26.11
CA THR E 294 1.04 -66.59 -26.48
C THR E 294 1.31 -67.40 -27.74
N GLN E 295 2.49 -67.25 -28.31
CA GLN E 295 2.92 -68.14 -29.39
C GLN E 295 1.90 -68.25 -30.50
N ILE E 296 1.10 -67.21 -30.72
CA ILE E 296 0.14 -67.23 -31.82
C ILE E 296 0.90 -66.97 -33.15
N ARG E 297 0.55 -67.69 -34.21
CA ARG E 297 1.15 -67.37 -35.52
C ARG E 297 0.49 -66.13 -36.14
N ASP E 298 1.32 -65.44 -36.90
CA ASP E 298 1.02 -64.08 -37.37
C ASP E 298 -0.43 -63.89 -37.80
N GLU E 299 -0.94 -64.82 -38.58
CA GLU E 299 -2.26 -64.70 -39.21
C GLU E 299 -3.40 -64.71 -38.19
N ARG E 300 -3.12 -65.13 -36.96
CA ARG E 300 -4.15 -65.23 -35.94
C ARG E 300 -4.09 -64.05 -34.95
N PHE E 301 -3.19 -63.09 -35.20
CA PHE E 301 -3.03 -61.95 -34.29
C PHE E 301 -3.44 -60.66 -34.97
N PHE E 302 -4.44 -59.95 -34.43
CA PHE E 302 -4.92 -58.71 -35.07
C PHE E 302 -4.84 -57.52 -34.12
N LYS E 303 -3.98 -56.57 -34.47
CA LYS E 303 -3.75 -55.37 -33.68
C LYS E 303 -3.79 -54.18 -34.65
N THR E 304 -4.73 -53.27 -34.40
CA THR E 304 -5.16 -52.32 -35.40
C THR E 304 -4.38 -51.02 -35.30
N ASN E 305 -4.60 -50.16 -36.26
CA ASN E 305 -3.87 -48.91 -36.42
C ASN E 305 -4.49 -47.77 -35.60
N ASN E 306 -5.72 -47.95 -35.13
CA ASN E 306 -6.38 -46.96 -34.24
C ASN E 306 -6.99 -47.68 -33.04
N SER E 307 -6.12 -48.39 -32.32
CA SER E 307 -6.50 -49.25 -31.18
C SER E 307 -7.40 -48.57 -30.15
N GLN E 308 -7.10 -47.29 -29.94
CA GLN E 308 -7.83 -46.40 -29.05
C GLN E 308 -9.32 -46.33 -29.36
N TYR E 309 -9.67 -46.52 -30.62
CA TYR E 309 -11.05 -46.32 -31.07
C TYR E 309 -11.82 -47.63 -31.36
N ASP E 310 -11.14 -48.76 -31.21
CA ASP E 310 -11.77 -50.00 -31.64
C ASP E 310 -13.13 -50.19 -30.99
N LEU E 311 -13.24 -49.88 -29.69
CA LEU E 311 -14.46 -50.17 -28.94
C LEU E 311 -15.65 -49.33 -29.39
N VAL E 312 -15.47 -48.01 -29.50
CA VAL E 312 -16.59 -47.14 -29.88
C VAL E 312 -17.05 -47.43 -31.31
N ASN E 313 -16.11 -47.78 -32.18
CA ASN E 313 -16.46 -48.20 -33.53
C ASN E 313 -17.34 -49.46 -33.51
N GLY E 314 -16.94 -50.44 -32.71
CA GLY E 314 -17.71 -51.64 -32.50
C GLY E 314 -19.11 -51.41 -31.96
N MET E 315 -19.19 -50.51 -30.99
CA MET E 315 -20.48 -50.10 -30.45
C MET E 315 -21.35 -49.54 -31.56
N TYR E 316 -20.74 -48.73 -32.42
CA TYR E 316 -21.47 -48.16 -33.54
C TYR E 316 -21.92 -49.23 -34.55
N LEU E 317 -20.98 -50.05 -35.02
CA LEU E 317 -21.32 -51.03 -36.05
C LEU E 317 -21.94 -52.32 -35.48
N ILE E 318 -22.46 -52.23 -34.25
CA ILE E 318 -23.68 -52.97 -33.89
C ILE E 318 -24.81 -51.94 -34.06
#